data_1S3V
# 
_entry.id   1S3V 
# 
_audit_conform.dict_name       mmcif_pdbx.dic 
_audit_conform.dict_version    5.399 
_audit_conform.dict_location   http://mmcif.pdb.org/dictionaries/ascii/mmcif_pdbx.dic 
# 
loop_
_database_2.database_id 
_database_2.database_code 
_database_2.pdbx_database_accession 
_database_2.pdbx_DOI 
PDB   1S3V         pdb_00001s3v 10.2210/pdb1s3v/pdb 
RCSB  RCSB021333   ?            ?                   
WWPDB D_1000021333 ?            ?                   
# 
loop_
_pdbx_audit_revision_history.ordinal 
_pdbx_audit_revision_history.data_content_type 
_pdbx_audit_revision_history.major_revision 
_pdbx_audit_revision_history.minor_revision 
_pdbx_audit_revision_history.revision_date 
1 'Structure model' 1 0 2004-03-30 
2 'Structure model' 1 1 2008-04-29 
3 'Structure model' 1 2 2011-07-13 
4 'Structure model' 1 3 2024-12-25 
# 
_pdbx_audit_revision_details.ordinal             1 
_pdbx_audit_revision_details.revision_ordinal    1 
_pdbx_audit_revision_details.data_content_type   'Structure model' 
_pdbx_audit_revision_details.provider            repository 
_pdbx_audit_revision_details.type                'Initial release' 
_pdbx_audit_revision_details.description         ? 
_pdbx_audit_revision_details.details             ? 
# 
loop_
_pdbx_audit_revision_group.ordinal 
_pdbx_audit_revision_group.revision_ordinal 
_pdbx_audit_revision_group.data_content_type 
_pdbx_audit_revision_group.group 
1 2 'Structure model' 'Version format compliance' 
2 3 'Structure model' 'Version format compliance' 
3 4 'Structure model' Advisory                    
4 4 'Structure model' 'Data collection'           
5 4 'Structure model' 'Database references'       
6 4 'Structure model' 'Derived calculations'      
7 4 'Structure model' 'Structure summary'         
# 
loop_
_pdbx_audit_revision_category.ordinal 
_pdbx_audit_revision_category.revision_ordinal 
_pdbx_audit_revision_category.data_content_type 
_pdbx_audit_revision_category.category 
1 4 'Structure model' chem_comp_atom              
2 4 'Structure model' chem_comp_bond              
3 4 'Structure model' database_2                  
4 4 'Structure model' database_PDB_caveat         
5 4 'Structure model' pdbx_entry_details          
6 4 'Structure model' pdbx_validate_close_contact 
7 4 'Structure model' struct_conn                 
8 4 'Structure model' struct_site                 
# 
loop_
_pdbx_audit_revision_item.ordinal 
_pdbx_audit_revision_item.revision_ordinal 
_pdbx_audit_revision_item.data_content_type 
_pdbx_audit_revision_item.item 
1 4 'Structure model' '_database_2.pdbx_DOI'                
2 4 'Structure model' '_database_2.pdbx_database_accession' 
3 4 'Structure model' '_struct_site.pdbx_auth_asym_id'      
4 4 'Structure model' '_struct_site.pdbx_auth_comp_id'      
5 4 'Structure model' '_struct_site.pdbx_auth_seq_id'       
# 
loop_
_database_PDB_caveat.id 
_database_PDB_caveat.text 
1 'TQD A 187 HAS WRONG CHIRALITY AT ATOM C2D' 
2 'TQD A 187 HAS WRONG CHIRALITY AT ATOM C6D' 
# 
_pdbx_database_status.status_code                     REL 
_pdbx_database_status.entry_id                        1S3V 
_pdbx_database_status.recvd_initial_deposition_date   2004-01-14 
_pdbx_database_status.deposit_site                    RCSB 
_pdbx_database_status.process_site                    RCSB 
_pdbx_database_status.status_code_sf                  REL 
_pdbx_database_status.SG_entry                        . 
_pdbx_database_status.pdb_format_compatible           Y 
_pdbx_database_status.status_code_mr                  ? 
_pdbx_database_status.status_code_cs                  ? 
_pdbx_database_status.status_code_nmr_data            ? 
_pdbx_database_status.methods_development_category    ? 
# 
loop_
_audit_author.name 
_audit_author.pdbx_ordinal 
'Cody, V.'      1 
'Luft, J.R.'    2 
'Pangborn, W.'  3 
'Gangjee, A.'   4 
'Queener, S.F.' 5 
# 
_citation.id                        primary 
_citation.title                     
;Structure determination of tetrahydroquinazoline antifolates in complex with human and Pneumocystis carinii dihydrofolate reductase: correlations between enzyme selectivity and stereochemistry.
;
_citation.journal_abbrev            'Acta Crystallogr.,Sect.D' 
_citation.journal_volume            60 
_citation.page_first                646 
_citation.page_last                 655 
_citation.year                      2004 
_citation.journal_id_ASTM           ABCRE6 
_citation.country                   DK 
_citation.journal_id_ISSN           0907-4449 
_citation.journal_id_CSD            0766 
_citation.book_publisher            ? 
_citation.pdbx_database_id_PubMed   15039552 
_citation.pdbx_database_id_DOI      10.1107/S0907444904002094 
# 
loop_
_citation_author.citation_id 
_citation_author.name 
_citation_author.ordinal 
_citation_author.identifier_ORCID 
primary 'Cody, V.'      1 ? 
primary 'Luft, J.R.'    2 ? 
primary 'Pangborn, W.'  3 ? 
primary 'Gangjee, A.'   4 ? 
primary 'Queener, S.F.' 5 ? 
# 
loop_
_entity.id 
_entity.type 
_entity.src_method 
_entity.pdbx_description 
_entity.formula_weight 
_entity.pdbx_number_of_molecules 
_entity.pdbx_ec 
_entity.pdbx_mutation 
_entity.pdbx_fragment 
_entity.details 
1 polymer     man 'Dihydrofolate reductase'                                                                              21349.525 
1   1.5.1.3 ? ? ? 
2 non-polymer syn 'SULFATE ION'                                                                                          96.063    
2   ?       ? ? ? 
3 non-polymer syn '(2R,6S)-6-{[methyl(3,4,5-trimethoxyphenyl)amino]methyl}-1,2,5,6,7,8-hexahydroquinazoline-2,4-diamine' 375.465   
1   ?       ? ? ? 
4 water       nat water                                                                                                  18.015    
112 ?       ? ? ? 
# 
_entity_poly.entity_id                      1 
_entity_poly.type                           'polypeptide(L)' 
_entity_poly.nstd_linkage                   no 
_entity_poly.nstd_monomer                   no 
_entity_poly.pdbx_seq_one_letter_code       
;VGSLNCIVAVSQNMGIGKNGDLPWPPLRNEFRYFQRMTTTSSVEGKQNLVIMGKKTWFSIPEKNRPLKGRINLVLSRELK
EPPQGAHFLSRSLDDALKLTEQPELANKVDMVWIVGGSSVYKEAMNHPGHLKLFVTRIMQDFESDTFFPEIDLEKYKLLP
EYPGVLSDVQEEKGIKYKFEVYEKND
;
_entity_poly.pdbx_seq_one_letter_code_can   
;VGSLNCIVAVSQNMGIGKNGDLPWPPLRNEFRYFQRMTTTSSVEGKQNLVIMGKKTWFSIPEKNRPLKGRINLVLSRELK
EPPQGAHFLSRSLDDALKLTEQPELANKVDMVWIVGGSSVYKEAMNHPGHLKLFVTRIMQDFESDTFFPEIDLEKYKLLP
EYPGVLSDVQEEKGIKYKFEVYEKND
;
_entity_poly.pdbx_strand_id                 A 
_entity_poly.pdbx_target_identifier         ? 
# 
loop_
_pdbx_entity_nonpoly.entity_id 
_pdbx_entity_nonpoly.name 
_pdbx_entity_nonpoly.comp_id 
2 'SULFATE ION'                                                                                          SO4 
3 '(2R,6S)-6-{[methyl(3,4,5-trimethoxyphenyl)amino]methyl}-1,2,5,6,7,8-hexahydroquinazoline-2,4-diamine' TQD 
4 water                                                                                                  HOH 
# 
loop_
_entity_poly_seq.entity_id 
_entity_poly_seq.num 
_entity_poly_seq.mon_id 
_entity_poly_seq.hetero 
1 1   VAL n 
1 2   GLY n 
1 3   SER n 
1 4   LEU n 
1 5   ASN n 
1 6   CYS n 
1 7   ILE n 
1 8   VAL n 
1 9   ALA n 
1 10  VAL n 
1 11  SER n 
1 12  GLN n 
1 13  ASN n 
1 14  MET n 
1 15  GLY n 
1 16  ILE n 
1 17  GLY n 
1 18  LYS n 
1 19  ASN n 
1 20  GLY n 
1 21  ASP n 
1 22  LEU n 
1 23  PRO n 
1 24  TRP n 
1 25  PRO n 
1 26  PRO n 
1 27  LEU n 
1 28  ARG n 
1 29  ASN n 
1 30  GLU n 
1 31  PHE n 
1 32  ARG n 
1 33  TYR n 
1 34  PHE n 
1 35  GLN n 
1 36  ARG n 
1 37  MET n 
1 38  THR n 
1 39  THR n 
1 40  THR n 
1 41  SER n 
1 42  SER n 
1 43  VAL n 
1 44  GLU n 
1 45  GLY n 
1 46  LYS n 
1 47  GLN n 
1 48  ASN n 
1 49  LEU n 
1 50  VAL n 
1 51  ILE n 
1 52  MET n 
1 53  GLY n 
1 54  LYS n 
1 55  LYS n 
1 56  THR n 
1 57  TRP n 
1 58  PHE n 
1 59  SER n 
1 60  ILE n 
1 61  PRO n 
1 62  GLU n 
1 63  LYS n 
1 64  ASN n 
1 65  ARG n 
1 66  PRO n 
1 67  LEU n 
1 68  LYS n 
1 69  GLY n 
1 70  ARG n 
1 71  ILE n 
1 72  ASN n 
1 73  LEU n 
1 74  VAL n 
1 75  LEU n 
1 76  SER n 
1 77  ARG n 
1 78  GLU n 
1 79  LEU n 
1 80  LYS n 
1 81  GLU n 
1 82  PRO n 
1 83  PRO n 
1 84  GLN n 
1 85  GLY n 
1 86  ALA n 
1 87  HIS n 
1 88  PHE n 
1 89  LEU n 
1 90  SER n 
1 91  ARG n 
1 92  SER n 
1 93  LEU n 
1 94  ASP n 
1 95  ASP n 
1 96  ALA n 
1 97  LEU n 
1 98  LYS n 
1 99  LEU n 
1 100 THR n 
1 101 GLU n 
1 102 GLN n 
1 103 PRO n 
1 104 GLU n 
1 105 LEU n 
1 106 ALA n 
1 107 ASN n 
1 108 LYS n 
1 109 VAL n 
1 110 ASP n 
1 111 MET n 
1 112 VAL n 
1 113 TRP n 
1 114 ILE n 
1 115 VAL n 
1 116 GLY n 
1 117 GLY n 
1 118 SER n 
1 119 SER n 
1 120 VAL n 
1 121 TYR n 
1 122 LYS n 
1 123 GLU n 
1 124 ALA n 
1 125 MET n 
1 126 ASN n 
1 127 HIS n 
1 128 PRO n 
1 129 GLY n 
1 130 HIS n 
1 131 LEU n 
1 132 LYS n 
1 133 LEU n 
1 134 PHE n 
1 135 VAL n 
1 136 THR n 
1 137 ARG n 
1 138 ILE n 
1 139 MET n 
1 140 GLN n 
1 141 ASP n 
1 142 PHE n 
1 143 GLU n 
1 144 SER n 
1 145 ASP n 
1 146 THR n 
1 147 PHE n 
1 148 PHE n 
1 149 PRO n 
1 150 GLU n 
1 151 ILE n 
1 152 ASP n 
1 153 LEU n 
1 154 GLU n 
1 155 LYS n 
1 156 TYR n 
1 157 LYS n 
1 158 LEU n 
1 159 LEU n 
1 160 PRO n 
1 161 GLU n 
1 162 TYR n 
1 163 PRO n 
1 164 GLY n 
1 165 VAL n 
1 166 LEU n 
1 167 SER n 
1 168 ASP n 
1 169 VAL n 
1 170 GLN n 
1 171 GLU n 
1 172 GLU n 
1 173 LYS n 
1 174 GLY n 
1 175 ILE n 
1 176 LYS n 
1 177 TYR n 
1 178 LYS n 
1 179 PHE n 
1 180 GLU n 
1 181 VAL n 
1 182 TYR n 
1 183 GLU n 
1 184 LYS n 
1 185 ASN n 
1 186 ASP n 
# 
_entity_src_gen.entity_id                          1 
_entity_src_gen.pdbx_src_id                        1 
_entity_src_gen.pdbx_alt_source_flag               sample 
_entity_src_gen.pdbx_seq_type                      ? 
_entity_src_gen.pdbx_beg_seq_num                   ? 
_entity_src_gen.pdbx_end_seq_num                   ? 
_entity_src_gen.gene_src_common_name               human 
_entity_src_gen.gene_src_genus                     Homo 
_entity_src_gen.pdbx_gene_src_gene                 DHFR 
_entity_src_gen.gene_src_species                   ? 
_entity_src_gen.gene_src_strain                    ? 
_entity_src_gen.gene_src_tissue                    ? 
_entity_src_gen.gene_src_tissue_fraction           ? 
_entity_src_gen.gene_src_details                   ? 
_entity_src_gen.pdbx_gene_src_fragment             ? 
_entity_src_gen.pdbx_gene_src_scientific_name      'Homo sapiens' 
_entity_src_gen.pdbx_gene_src_ncbi_taxonomy_id     9606 
_entity_src_gen.pdbx_gene_src_variant              ? 
_entity_src_gen.pdbx_gene_src_cell_line            ? 
_entity_src_gen.pdbx_gene_src_atcc                 ? 
_entity_src_gen.pdbx_gene_src_organ                ? 
_entity_src_gen.pdbx_gene_src_organelle            ? 
_entity_src_gen.pdbx_gene_src_cell                 ? 
_entity_src_gen.pdbx_gene_src_cellular_location    ? 
_entity_src_gen.host_org_common_name               ? 
_entity_src_gen.pdbx_host_org_scientific_name      'Escherichia coli' 
_entity_src_gen.pdbx_host_org_ncbi_taxonomy_id     562 
_entity_src_gen.host_org_genus                     Escherichia 
_entity_src_gen.pdbx_host_org_gene                 ? 
_entity_src_gen.pdbx_host_org_organ                ? 
_entity_src_gen.host_org_species                   ? 
_entity_src_gen.pdbx_host_org_tissue               ? 
_entity_src_gen.pdbx_host_org_tissue_fraction      ? 
_entity_src_gen.pdbx_host_org_strain               ? 
_entity_src_gen.pdbx_host_org_variant              ? 
_entity_src_gen.pdbx_host_org_cell_line            ? 
_entity_src_gen.pdbx_host_org_atcc                 ? 
_entity_src_gen.pdbx_host_org_culture_collection   ? 
_entity_src_gen.pdbx_host_org_cell                 ? 
_entity_src_gen.pdbx_host_org_organelle            ? 
_entity_src_gen.pdbx_host_org_cellular_location    ? 
_entity_src_gen.pdbx_host_org_vector_type          ? 
_entity_src_gen.pdbx_host_org_vector               ? 
_entity_src_gen.host_org_details                   ? 
_entity_src_gen.expression_system_id               ? 
_entity_src_gen.plasmid_name                       ? 
_entity_src_gen.plasmid_details                    ? 
_entity_src_gen.pdbx_description                   ? 
# 
loop_
_chem_comp.id 
_chem_comp.type 
_chem_comp.mon_nstd_flag 
_chem_comp.name 
_chem_comp.pdbx_synonyms 
_chem_comp.formula 
_chem_comp.formula_weight 
ALA 'L-peptide linking' y ALANINE                                                                                                ? 
'C3 H7 N O2'     89.093  
ARG 'L-peptide linking' y ARGININE                                                                                               ? 
'C6 H15 N4 O2 1' 175.209 
ASN 'L-peptide linking' y ASPARAGINE                                                                                             ? 
'C4 H8 N2 O3'    132.118 
ASP 'L-peptide linking' y 'ASPARTIC ACID'                                                                                        ? 
'C4 H7 N O4'     133.103 
CYS 'L-peptide linking' y CYSTEINE                                                                                               ? 
'C3 H7 N O2 S'   121.158 
GLN 'L-peptide linking' y GLUTAMINE                                                                                              ? 
'C5 H10 N2 O3'   146.144 
GLU 'L-peptide linking' y 'GLUTAMIC ACID'                                                                                        ? 
'C5 H9 N O4'     147.129 
GLY 'peptide linking'   y GLYCINE                                                                                                ? 
'C2 H5 N O2'     75.067  
HIS 'L-peptide linking' y HISTIDINE                                                                                              ? 
'C6 H10 N3 O2 1' 156.162 
HOH non-polymer         . WATER                                                                                                  ? 
'H2 O'           18.015  
ILE 'L-peptide linking' y ISOLEUCINE                                                                                             ? 
'C6 H13 N O2'    131.173 
LEU 'L-peptide linking' y LEUCINE                                                                                                ? 
'C6 H13 N O2'    131.173 
LYS 'L-peptide linking' y LYSINE                                                                                                 ? 
'C6 H15 N2 O2 1' 147.195 
MET 'L-peptide linking' y METHIONINE                                                                                             ? 
'C5 H11 N O2 S'  149.211 
PHE 'L-peptide linking' y PHENYLALANINE                                                                                          ? 
'C9 H11 N O2'    165.189 
PRO 'L-peptide linking' y PROLINE                                                                                                ? 
'C5 H9 N O2'     115.130 
SER 'L-peptide linking' y SERINE                                                                                                 ? 
'C3 H7 N O3'     105.093 
SO4 non-polymer         . 'SULFATE ION'                                                                                          ? 
'O4 S -2'        96.063  
THR 'L-peptide linking' y THREONINE                                                                                              ? 
'C4 H9 N O3'     119.119 
TQD non-polymer         . '(2R,6S)-6-{[methyl(3,4,5-trimethoxyphenyl)amino]methyl}-1,2,5,6,7,8-hexahydroquinazoline-2,4-diamine' ? 
'C19 H29 N5 O3'  375.465 
TRP 'L-peptide linking' y TRYPTOPHAN                                                                                             ? 
'C11 H12 N2 O2'  204.225 
TYR 'L-peptide linking' y TYROSINE                                                                                               ? 
'C9 H11 N O3'    181.189 
VAL 'L-peptide linking' y VALINE                                                                                                 ? 
'C5 H11 N O2'    117.146 
# 
loop_
_pdbx_poly_seq_scheme.asym_id 
_pdbx_poly_seq_scheme.entity_id 
_pdbx_poly_seq_scheme.seq_id 
_pdbx_poly_seq_scheme.mon_id 
_pdbx_poly_seq_scheme.ndb_seq_num 
_pdbx_poly_seq_scheme.pdb_seq_num 
_pdbx_poly_seq_scheme.auth_seq_num 
_pdbx_poly_seq_scheme.pdb_mon_id 
_pdbx_poly_seq_scheme.auth_mon_id 
_pdbx_poly_seq_scheme.pdb_strand_id 
_pdbx_poly_seq_scheme.pdb_ins_code 
_pdbx_poly_seq_scheme.hetero 
A 1 1   VAL 1   1   1   VAL VAL A . n 
A 1 2   GLY 2   2   2   GLY GLY A . n 
A 1 3   SER 3   3   3   SER SER A . n 
A 1 4   LEU 4   4   4   LEU LEU A . n 
A 1 5   ASN 5   5   5   ASN ASN A . n 
A 1 6   CYS 6   6   6   CYS CYS A . n 
A 1 7   ILE 7   7   7   ILE ILE A . n 
A 1 8   VAL 8   8   8   VAL VAL A . n 
A 1 9   ALA 9   9   9   ALA ALA A . n 
A 1 10  VAL 10  10  10  VAL VAL A . n 
A 1 11  SER 11  11  11  SER SER A . n 
A 1 12  GLN 12  12  12  GLN GLN A . n 
A 1 13  ASN 13  13  13  ASN ASN A . n 
A 1 14  MET 14  14  14  MET MET A . n 
A 1 15  GLY 15  15  15  GLY GLY A . n 
A 1 16  ILE 16  16  16  ILE ILE A . n 
A 1 17  GLY 17  17  17  GLY GLY A . n 
A 1 18  LYS 18  18  18  LYS LYS A . n 
A 1 19  ASN 19  19  19  ASN ASN A . n 
A 1 20  GLY 20  20  20  GLY GLY A . n 
A 1 21  ASP 21  21  21  ASP ASP A . n 
A 1 22  LEU 22  22  22  LEU LEU A . n 
A 1 23  PRO 23  23  23  PRO PRO A . n 
A 1 24  TRP 24  24  24  TRP TRP A . n 
A 1 25  PRO 25  25  25  PRO PRO A . n 
A 1 26  PRO 26  26  26  PRO PRO A . n 
A 1 27  LEU 27  27  27  LEU LEU A . n 
A 1 28  ARG 28  28  28  ARG ARG A . n 
A 1 29  ASN 29  29  29  ASN ASN A . n 
A 1 30  GLU 30  30  30  GLU GLU A . n 
A 1 31  PHE 31  31  31  PHE PHE A . n 
A 1 32  ARG 32  32  32  ARG ARG A . n 
A 1 33  TYR 33  33  33  TYR TYR A . n 
A 1 34  PHE 34  34  34  PHE PHE A . n 
A 1 35  GLN 35  35  35  GLN GLN A . n 
A 1 36  ARG 36  36  36  ARG ARG A . n 
A 1 37  MET 37  37  37  MET MET A . n 
A 1 38  THR 38  38  38  THR THR A . n 
A 1 39  THR 39  39  39  THR THR A . n 
A 1 40  THR 40  40  40  THR THR A . n 
A 1 41  SER 41  41  41  SER SER A . n 
A 1 42  SER 42  42  42  SER SER A . n 
A 1 43  VAL 43  43  43  VAL VAL A . n 
A 1 44  GLU 44  44  44  GLU GLU A . n 
A 1 45  GLY 45  45  45  GLY GLY A . n 
A 1 46  LYS 46  46  46  LYS LYS A . n 
A 1 47  GLN 47  47  47  GLN GLN A . n 
A 1 48  ASN 48  48  48  ASN ASN A . n 
A 1 49  LEU 49  49  49  LEU LEU A . n 
A 1 50  VAL 50  50  50  VAL VAL A . n 
A 1 51  ILE 51  51  51  ILE ILE A . n 
A 1 52  MET 52  52  52  MET MET A . n 
A 1 53  GLY 53  53  53  GLY GLY A . n 
A 1 54  LYS 54  54  54  LYS LYS A . n 
A 1 55  LYS 55  55  55  LYS LYS A . n 
A 1 56  THR 56  56  56  THR THR A . n 
A 1 57  TRP 57  57  57  TRP TRP A . n 
A 1 58  PHE 58  58  58  PHE PHE A . n 
A 1 59  SER 59  59  59  SER SER A . n 
A 1 60  ILE 60  60  60  ILE ILE A . n 
A 1 61  PRO 61  61  61  PRO PRO A . n 
A 1 62  GLU 62  62  62  GLU GLU A . n 
A 1 63  LYS 63  63  63  LYS LYS A . n 
A 1 64  ASN 64  64  64  ASN ASN A . n 
A 1 65  ARG 65  65  65  ARG ARG A . n 
A 1 66  PRO 66  66  66  PRO PRO A . n 
A 1 67  LEU 67  67  67  LEU LEU A . n 
A 1 68  LYS 68  68  68  LYS LYS A . n 
A 1 69  GLY 69  69  69  GLY GLY A . n 
A 1 70  ARG 70  70  70  ARG ARG A . n 
A 1 71  ILE 71  71  71  ILE ILE A . n 
A 1 72  ASN 72  72  72  ASN ASN A . n 
A 1 73  LEU 73  73  73  LEU LEU A . n 
A 1 74  VAL 74  74  74  VAL VAL A . n 
A 1 75  LEU 75  75  75  LEU LEU A . n 
A 1 76  SER 76  76  76  SER SER A . n 
A 1 77  ARG 77  77  77  ARG ARG A . n 
A 1 78  GLU 78  78  78  GLU GLU A . n 
A 1 79  LEU 79  79  79  LEU LEU A . n 
A 1 80  LYS 80  80  80  LYS LYS A . n 
A 1 81  GLU 81  81  81  GLU GLU A . n 
A 1 82  PRO 82  82  82  PRO PRO A . n 
A 1 83  PRO 83  83  83  PRO PRO A . n 
A 1 84  GLN 84  84  84  GLN GLN A . n 
A 1 85  GLY 85  85  85  GLY GLY A . n 
A 1 86  ALA 86  86  86  ALA ALA A . n 
A 1 87  HIS 87  87  87  HIS HIS A . n 
A 1 88  PHE 88  88  88  PHE PHE A . n 
A 1 89  LEU 89  89  89  LEU LEU A . n 
A 1 90  SER 90  90  90  SER SER A . n 
A 1 91  ARG 91  91  91  ARG ARG A . n 
A 1 92  SER 92  92  92  SER SER A . n 
A 1 93  LEU 93  93  93  LEU LEU A . n 
A 1 94  ASP 94  94  94  ASP ASP A . n 
A 1 95  ASP 95  95  95  ASP ASP A . n 
A 1 96  ALA 96  96  96  ALA ALA A . n 
A 1 97  LEU 97  97  97  LEU LEU A . n 
A 1 98  LYS 98  98  98  LYS LYS A . n 
A 1 99  LEU 99  99  99  LEU LEU A . n 
A 1 100 THR 100 100 100 THR THR A . n 
A 1 101 GLU 101 101 101 GLU GLU A . n 
A 1 102 GLN 102 102 102 GLN GLN A . n 
A 1 103 PRO 103 103 103 PRO PRO A . n 
A 1 104 GLU 104 104 104 GLU GLU A . n 
A 1 105 LEU 105 105 105 LEU LEU A . n 
A 1 106 ALA 106 106 106 ALA ALA A . n 
A 1 107 ASN 107 107 107 ASN ASN A . n 
A 1 108 LYS 108 108 108 LYS LYS A . n 
A 1 109 VAL 109 109 109 VAL VAL A . n 
A 1 110 ASP 110 110 110 ASP ASP A . n 
A 1 111 MET 111 111 111 MET MET A . n 
A 1 112 VAL 112 112 112 VAL VAL A . n 
A 1 113 TRP 113 113 113 TRP TRP A . n 
A 1 114 ILE 114 114 114 ILE ILE A . n 
A 1 115 VAL 115 115 115 VAL VAL A . n 
A 1 116 GLY 116 116 116 GLY GLY A . n 
A 1 117 GLY 117 117 117 GLY GLY A . n 
A 1 118 SER 118 118 118 SER SER A . n 
A 1 119 SER 119 119 119 SER SER A . n 
A 1 120 VAL 120 120 120 VAL VAL A . n 
A 1 121 TYR 121 121 121 TYR TYR A . n 
A 1 122 LYS 122 122 122 LYS LYS A . n 
A 1 123 GLU 123 123 123 GLU GLU A . n 
A 1 124 ALA 124 124 124 ALA ALA A . n 
A 1 125 MET 125 125 125 MET MET A . n 
A 1 126 ASN 126 126 126 ASN ASN A . n 
A 1 127 HIS 127 127 127 HIS HIS A . n 
A 1 128 PRO 128 128 128 PRO PRO A . n 
A 1 129 GLY 129 129 129 GLY GLY A . n 
A 1 130 HIS 130 130 130 HIS HIS A . n 
A 1 131 LEU 131 131 131 LEU LEU A . n 
A 1 132 LYS 132 132 132 LYS LYS A . n 
A 1 133 LEU 133 133 133 LEU LEU A . n 
A 1 134 PHE 134 134 134 PHE PHE A . n 
A 1 135 VAL 135 135 135 VAL VAL A . n 
A 1 136 THR 136 136 136 THR THR A . n 
A 1 137 ARG 137 137 137 ARG ARG A . n 
A 1 138 ILE 138 138 138 ILE ILE A . n 
A 1 139 MET 139 139 139 MET MET A . n 
A 1 140 GLN 140 140 140 GLN GLN A . n 
A 1 141 ASP 141 141 141 ASP ASP A . n 
A 1 142 PHE 142 142 142 PHE PHE A . n 
A 1 143 GLU 143 143 143 GLU GLU A . n 
A 1 144 SER 144 144 144 SER SER A . n 
A 1 145 ASP 145 145 145 ASP ASP A . n 
A 1 146 THR 146 146 146 THR THR A . n 
A 1 147 PHE 147 147 147 PHE PHE A . n 
A 1 148 PHE 148 148 148 PHE PHE A . n 
A 1 149 PRO 149 149 149 PRO PRO A . n 
A 1 150 GLU 150 150 150 GLU GLU A . n 
A 1 151 ILE 151 151 151 ILE ILE A . n 
A 1 152 ASP 152 152 152 ASP ASP A . n 
A 1 153 LEU 153 153 153 LEU LEU A . n 
A 1 154 GLU 154 154 154 GLU GLU A . n 
A 1 155 LYS 155 155 155 LYS LYS A . n 
A 1 156 TYR 156 156 156 TYR TYR A . n 
A 1 157 LYS 157 157 157 LYS LYS A . n 
A 1 158 LEU 158 158 158 LEU LEU A . n 
A 1 159 LEU 159 159 159 LEU LEU A . n 
A 1 160 PRO 160 160 160 PRO PRO A . n 
A 1 161 GLU 161 161 161 GLU GLU A . n 
A 1 162 TYR 162 162 162 TYR TYR A . n 
A 1 163 PRO 163 163 163 PRO PRO A . n 
A 1 164 GLY 164 164 164 GLY GLY A . n 
A 1 165 VAL 165 165 165 VAL VAL A . n 
A 1 166 LEU 166 166 166 LEU LEU A . n 
A 1 167 SER 167 167 167 SER SER A . n 
A 1 168 ASP 168 168 168 ASP ASP A . n 
A 1 169 VAL 169 169 169 VAL VAL A . n 
A 1 170 GLN 170 170 170 GLN GLN A . n 
A 1 171 GLU 171 171 171 GLU GLU A . n 
A 1 172 GLU 172 172 172 GLU GLU A . n 
A 1 173 LYS 173 173 173 LYS LYS A . n 
A 1 174 GLY 174 174 174 GLY GLY A . n 
A 1 175 ILE 175 175 175 ILE ILE A . n 
A 1 176 LYS 176 176 176 LYS LYS A . n 
A 1 177 TYR 177 177 177 TYR TYR A . n 
A 1 178 LYS 178 178 178 LYS LYS A . n 
A 1 179 PHE 179 179 179 PHE PHE A . n 
A 1 180 GLU 180 180 180 GLU GLU A . n 
A 1 181 VAL 181 181 181 VAL VAL A . n 
A 1 182 TYR 182 182 182 TYR TYR A . n 
A 1 183 GLU 183 183 183 GLU GLU A . n 
A 1 184 LYS 184 184 184 LYS LYS A . n 
A 1 185 ASN 185 185 185 ASN ASN A . n 
A 1 186 ASP 186 186 186 ASP ASP A . n 
# 
loop_
_pdbx_nonpoly_scheme.asym_id 
_pdbx_nonpoly_scheme.entity_id 
_pdbx_nonpoly_scheme.mon_id 
_pdbx_nonpoly_scheme.ndb_seq_num 
_pdbx_nonpoly_scheme.pdb_seq_num 
_pdbx_nonpoly_scheme.auth_seq_num 
_pdbx_nonpoly_scheme.pdb_mon_id 
_pdbx_nonpoly_scheme.auth_mon_id 
_pdbx_nonpoly_scheme.pdb_strand_id 
_pdbx_nonpoly_scheme.pdb_ins_code 
B 2 SO4 1   188 188 SO4 SUL A . 
C 2 SO4 1   189 189 SO4 SUL A . 
D 3 TQD 1   187 187 TQD COE A . 
E 4 HOH 1   190 190 HOH WAT A . 
E 4 HOH 2   191 191 HOH WAT A . 
E 4 HOH 3   192 192 HOH WAT A . 
E 4 HOH 4   193 193 HOH WAT A . 
E 4 HOH 5   194 194 HOH WAT A . 
E 4 HOH 6   195 195 HOH WAT A . 
E 4 HOH 7   196 196 HOH WAT A . 
E 4 HOH 8   197 197 HOH WAT A . 
E 4 HOH 9   198 198 HOH WAT A . 
E 4 HOH 10  199 199 HOH WAT A . 
E 4 HOH 11  200 200 HOH WAT A . 
E 4 HOH 12  201 201 HOH WAT A . 
E 4 HOH 13  202 202 HOH WAT A . 
E 4 HOH 14  203 203 HOH WAT A . 
E 4 HOH 15  204 204 HOH WAT A . 
E 4 HOH 16  205 205 HOH WAT A . 
E 4 HOH 17  206 206 HOH WAT A . 
E 4 HOH 18  207 207 HOH WAT A . 
E 4 HOH 19  208 208 HOH WAT A . 
E 4 HOH 20  209 209 HOH WAT A . 
E 4 HOH 21  210 210 HOH WAT A . 
E 4 HOH 22  211 211 HOH WAT A . 
E 4 HOH 23  212 212 HOH WAT A . 
E 4 HOH 24  213 213 HOH WAT A . 
E 4 HOH 25  214 214 HOH WAT A . 
E 4 HOH 26  215 215 HOH WAT A . 
E 4 HOH 27  216 216 HOH WAT A . 
E 4 HOH 28  217 217 HOH WAT A . 
E 4 HOH 29  218 218 HOH WAT A . 
E 4 HOH 30  219 219 HOH WAT A . 
E 4 HOH 31  220 220 HOH WAT A . 
E 4 HOH 32  221 221 HOH WAT A . 
E 4 HOH 33  222 222 HOH WAT A . 
E 4 HOH 34  223 223 HOH WAT A . 
E 4 HOH 35  224 224 HOH WAT A . 
E 4 HOH 36  225 225 HOH WAT A . 
E 4 HOH 37  226 226 HOH WAT A . 
E 4 HOH 38  227 227 HOH WAT A . 
E 4 HOH 39  228 228 HOH WAT A . 
E 4 HOH 40  229 229 HOH WAT A . 
E 4 HOH 41  230 230 HOH WAT A . 
E 4 HOH 42  231 231 HOH WAT A . 
E 4 HOH 43  232 232 HOH WAT A . 
E 4 HOH 44  233 233 HOH WAT A . 
E 4 HOH 45  234 234 HOH WAT A . 
E 4 HOH 46  235 235 HOH WAT A . 
E 4 HOH 47  236 236 HOH WAT A . 
E 4 HOH 48  237 237 HOH WAT A . 
E 4 HOH 49  238 238 HOH WAT A . 
E 4 HOH 50  239 239 HOH WAT A . 
E 4 HOH 51  240 240 HOH WAT A . 
E 4 HOH 52  241 241 HOH WAT A . 
E 4 HOH 53  242 242 HOH WAT A . 
E 4 HOH 54  243 243 HOH WAT A . 
E 4 HOH 55  244 244 HOH WAT A . 
E 4 HOH 56  245 245 HOH WAT A . 
E 4 HOH 57  246 246 HOH WAT A . 
E 4 HOH 58  247 247 HOH WAT A . 
E 4 HOH 59  248 248 HOH WAT A . 
E 4 HOH 60  249 249 HOH WAT A . 
E 4 HOH 61  250 250 HOH WAT A . 
E 4 HOH 62  251 251 HOH WAT A . 
E 4 HOH 63  252 252 HOH WAT A . 
E 4 HOH 64  253 253 HOH WAT A . 
E 4 HOH 65  254 254 HOH WAT A . 
E 4 HOH 66  255 255 HOH WAT A . 
E 4 HOH 67  256 256 HOH WAT A . 
E 4 HOH 68  257 257 HOH WAT A . 
E 4 HOH 69  258 258 HOH WAT A . 
E 4 HOH 70  259 259 HOH WAT A . 
E 4 HOH 71  260 260 HOH WAT A . 
E 4 HOH 72  261 261 HOH WAT A . 
E 4 HOH 73  262 262 HOH WAT A . 
E 4 HOH 74  263 263 HOH WAT A . 
E 4 HOH 75  264 264 HOH WAT A . 
E 4 HOH 76  265 265 HOH WAT A . 
E 4 HOH 77  266 266 HOH WAT A . 
E 4 HOH 78  267 267 HOH WAT A . 
E 4 HOH 79  268 268 HOH WAT A . 
E 4 HOH 80  269 269 HOH WAT A . 
E 4 HOH 81  270 270 HOH WAT A . 
E 4 HOH 82  271 271 HOH WAT A . 
E 4 HOH 83  272 272 HOH WAT A . 
E 4 HOH 84  273 273 HOH WAT A . 
E 4 HOH 85  274 274 HOH WAT A . 
E 4 HOH 86  275 275 HOH WAT A . 
E 4 HOH 87  276 276 HOH WAT A . 
E 4 HOH 88  277 277 HOH WAT A . 
E 4 HOH 89  278 278 HOH WAT A . 
E 4 HOH 90  279 279 HOH WAT A . 
E 4 HOH 91  280 280 HOH WAT A . 
E 4 HOH 92  281 281 HOH WAT A . 
E 4 HOH 93  282 282 HOH WAT A . 
E 4 HOH 94  283 283 HOH WAT A . 
E 4 HOH 95  284 284 HOH WAT A . 
E 4 HOH 96  285 285 HOH WAT A . 
E 4 HOH 97  286 286 HOH WAT A . 
E 4 HOH 98  287 287 HOH WAT A . 
E 4 HOH 99  288 288 HOH WAT A . 
E 4 HOH 100 289 289 HOH WAT A . 
E 4 HOH 101 290 290 HOH WAT A . 
E 4 HOH 102 291 291 HOH WAT A . 
E 4 HOH 103 292 292 HOH WAT A . 
E 4 HOH 104 293 293 HOH WAT A . 
E 4 HOH 105 294 294 HOH WAT A . 
E 4 HOH 106 295 295 HOH WAT A . 
E 4 HOH 107 296 296 HOH WAT A . 
E 4 HOH 108 297 297 HOH WAT A . 
E 4 HOH 109 298 298 HOH WAT A . 
E 4 HOH 110 299 299 HOH WAT A . 
E 4 HOH 111 300 300 HOH WAT A . 
E 4 HOH 112 301 301 HOH WAT A . 
# 
loop_
_software.name 
_software.classification 
_software.version 
_software.citation_id 
_software.pdbx_ordinal 
DENZO     'data reduction' . ? 1 
SCALEPACK 'data scaling'   . ? 2 
PROTEIN   'model building' . ? 3 
PROFFT    refinement       . ? 4 
PROTEIN   phasing          . ? 5 
# 
_cell.entry_id           1S3V 
_cell.length_a           106.970 
_cell.length_b           106.970 
_cell.length_c           43.856 
_cell.angle_alpha        90.00 
_cell.angle_beta         90.00 
_cell.angle_gamma        120.00 
_cell.Z_PDB              9 
_cell.pdbx_unique_axis   ? 
# 
_symmetry.entry_id                         1S3V 
_symmetry.space_group_name_H-M             'H 3' 
_symmetry.pdbx_full_space_group_name_H-M   ? 
_symmetry.Int_Tables_number                146 
_symmetry.cell_setting                     ? 
# 
_exptl.entry_id          1S3V 
_exptl.method            'X-RAY DIFFRACTION' 
_exptl.crystals_number   1 
# 
_exptl_crystal.id                    1 
_exptl_crystal.density_meas          ? 
_exptl_crystal.density_percent_sol   45.59 
_exptl_crystal.description           ? 
_exptl_crystal.density_Matthews      2.26 
# 
_exptl_crystal_grow.crystal_id      1 
_exptl_crystal_grow.method          'VAPOR DIFFUSION, HANGING DROP' 
_exptl_crystal_grow.temp            298 
_exptl_crystal_grow.temp_details    ? 
_exptl_crystal_grow.pH              6.8 
_exptl_crystal_grow.pdbx_details    
'60-65% ammonium sulfate, 0.1 M phosphate  buffer, pH 6.8, VAPOR DIFFUSION, HANGING DROP, temperature 298K' 
_exptl_crystal_grow.pdbx_pH_range   . 
# 
_diffrn.id                     1 
_diffrn.ambient_temp           298 
_diffrn.ambient_temp_details   ? 
_diffrn.crystal_id             1 
# 
_diffrn_detector.diffrn_id              1 
_diffrn_detector.detector               'IMAGE PLATE' 
_diffrn_detector.type                   'RIGAKU RAXIS IIC' 
_diffrn_detector.pdbx_collection_date   1998-02-20 
_diffrn_detector.details                mirrors 
# 
_diffrn_radiation.diffrn_id                        1 
_diffrn_radiation.wavelength_id                    1 
_diffrn_radiation.pdbx_monochromatic_or_laue_m_l   M 
_diffrn_radiation.monochromator                    graphite 
_diffrn_radiation.pdbx_diffrn_protocol             'SINGLE WAVELENGTH' 
_diffrn_radiation.pdbx_scattering_type             x-ray 
# 
loop_
_diffrn_radiation_wavelength.id 
_diffrn_radiation_wavelength.wavelength 
_diffrn_radiation_wavelength.wt 
1 1.5418 1.0 
2 1.5621 1.0 
3 1.7321 1.0 
# 
_diffrn_source.diffrn_id                   1 
_diffrn_source.source                      'ROTATING ANODE' 
_diffrn_source.type                        'RIGAKU RU200' 
_diffrn_source.pdbx_synchrotron_site       ? 
_diffrn_source.pdbx_synchrotron_beamline   ? 
_diffrn_source.pdbx_wavelength             ? 
_diffrn_source.pdbx_wavelength_list        1.5418,1.5621,1.7321 
# 
_reflns.entry_id                     1S3V 
_reflns.observed_criterion_sigma_F   0.016 
_reflns.observed_criterion_sigma_I   2.0 
_reflns.d_resolution_high            1.80 
_reflns.d_resolution_low             50.0 
_reflns.number_all                   15660 
_reflns.number_obs                   13649 
_reflns.percent_possible_obs         90.3 
_reflns.pdbx_Rmerge_I_obs            0.042 
_reflns.pdbx_Rsym_value              ? 
_reflns.pdbx_netI_over_sigmaI        ? 
_reflns.B_iso_Wilson_estimate        ? 
_reflns.pdbx_redundancy              ? 
_reflns.R_free_details               ? 
_reflns.limit_h_max                  ? 
_reflns.limit_h_min                  ? 
_reflns.limit_k_max                  ? 
_reflns.limit_k_min                  ? 
_reflns.limit_l_max                  ? 
_reflns.limit_l_min                  ? 
_reflns.observed_criterion_F_max     ? 
_reflns.observed_criterion_F_min     ? 
_reflns.pdbx_diffrn_id               1 
_reflns.pdbx_ordinal                 1 
# 
_reflns_shell.d_res_high             1.80 
_reflns_shell.d_res_low              1.81 
_reflns_shell.percent_possible_all   55.9 
_reflns_shell.Rmerge_I_obs           ? 
_reflns_shell.pdbx_Rsym_value        ? 
_reflns_shell.meanI_over_sigI_obs    ? 
_reflns_shell.pdbx_redundancy        ? 
_reflns_shell.percent_possible_obs   ? 
_reflns_shell.number_unique_all      ? 
_reflns_shell.pdbx_diffrn_id         ? 
_reflns_shell.pdbx_ordinal           1 
# 
_refine.entry_id                                 1S3V 
_refine.ls_d_res_high                            1.80 
_refine.ls_d_res_low                             50.0 
_refine.pdbx_ls_sigma_F                          2.0 
_refine.pdbx_ls_sigma_I                          ? 
_refine.ls_number_reflns_all                     15660 
_refine.ls_number_reflns_obs                     13649 
_refine.ls_number_reflns_R_free                  ? 
_refine.ls_percent_reflns_obs                    ? 
_refine.ls_R_factor_all                          0.192 
_refine.ls_R_factor_obs                          0.173 
_refine.ls_R_factor_R_work                       0.173 
_refine.ls_R_factor_R_free                       0.192 
_refine.ls_redundancy_reflns_obs                 ? 
_refine.pdbx_data_cutoff_high_absF               ? 
_refine.pdbx_data_cutoff_low_absF                ? 
_refine.ls_number_parameters                     ? 
_refine.ls_number_restraints                     ? 
_refine.ls_percent_reflns_R_free                 ? 
_refine.ls_R_factor_R_free_error                 ? 
_refine.ls_R_factor_R_free_error_details         ? 
_refine.pdbx_method_to_determine_struct          'FOURIER SYNTHESIS' 
_refine.pdbx_starting_model                      ? 
_refine.pdbx_ls_cross_valid_method               ? 
_refine.pdbx_R_Free_selection_details            ? 
_refine.pdbx_stereochem_target_val_spec_case     ? 
_refine.pdbx_stereochemistry_target_values       'Engh & Huber' 
_refine.solvent_model_details                    ? 
_refine.solvent_model_param_bsol                 ? 
_refine.solvent_model_param_ksol                 ? 
_refine.occupancy_max                            ? 
_refine.occupancy_min                            ? 
_refine.pdbx_isotropic_thermal_model             ? 
_refine.B_iso_mean                               26.5 
_refine.aniso_B[1][1]                            ? 
_refine.aniso_B[1][2]                            ? 
_refine.aniso_B[1][3]                            ? 
_refine.aniso_B[2][2]                            ? 
_refine.aniso_B[2][3]                            ? 
_refine.aniso_B[3][3]                            ? 
_refine.details                                  ? 
_refine.B_iso_min                                ? 
_refine.B_iso_max                                ? 
_refine.correlation_coeff_Fo_to_Fc               ? 
_refine.correlation_coeff_Fo_to_Fc_free          ? 
_refine.pdbx_solvent_vdw_probe_radii             ? 
_refine.pdbx_solvent_ion_probe_radii             ? 
_refine.pdbx_solvent_shrinkage_radii             ? 
_refine.overall_SU_R_Cruickshank_DPI             ? 
_refine.overall_SU_R_free                        ? 
_refine.overall_SU_B                             ? 
_refine.overall_SU_ML                            ? 
_refine.pdbx_overall_ESU_R                       ? 
_refine.pdbx_overall_ESU_R_Free                  ? 
_refine.pdbx_data_cutoff_high_rms_absF           ? 
_refine.pdbx_refine_id                           'X-RAY DIFFRACTION' 
_refine.pdbx_diffrn_id                           1 
_refine.pdbx_TLS_residual_ADP_flag               ? 
_refine.pdbx_overall_phase_error                 ? 
_refine.pdbx_overall_SU_R_free_Cruickshank_DPI   ? 
_refine.pdbx_overall_SU_R_Blow_DPI               ? 
_refine.pdbx_overall_SU_R_free_Blow_DPI          ? 
# 
_refine_hist.pdbx_refine_id                   'X-RAY DIFFRACTION' 
_refine_hist.cycle_id                         LAST 
_refine_hist.pdbx_number_atoms_protein        1502 
_refine_hist.pdbx_number_atoms_nucleic_acid   0 
_refine_hist.pdbx_number_atoms_ligand         37 
_refine_hist.number_atoms_solvent             112 
_refine_hist.number_atoms_total               1651 
_refine_hist.d_res_high                       1.80 
_refine_hist.d_res_low                        50.0 
# 
loop_
_refine_ls_restr.type 
_refine_ls_restr.dev_ideal 
_refine_ls_restr.dev_ideal_target 
_refine_ls_restr.weight 
_refine_ls_restr.number 
_refine_ls_restr.pdbx_refine_id 
_refine_ls_restr.pdbx_restraint_function 
p_bond_d  0.016 ? ? ? 'X-RAY DIFFRACTION' ? 
p_angle_d 0.046 ? ? ? 'X-RAY DIFFRACTION' ? 
# 
_struct.entry_id                  1S3V 
_struct.title                     
;Structure Determination of Tetrahydroquinazoline Antifolates in Complex with Human and Pneumocystis carinii Dihydrofolate Reductase: Correlations of Enzyme Selectivity and Stereochemistry
;
_struct.pdbx_model_details        ? 
_struct.pdbx_CASP_flag            ? 
_struct.pdbx_model_type_details   ? 
# 
_struct_keywords.entry_id        1S3V 
_struct_keywords.pdbx_keywords   OXIDOREDUCTASE 
_struct_keywords.text            'dihydrofolate reductase, inhibitor, stereochemistry, OXIDOREDUCTASE' 
# 
loop_
_struct_asym.id 
_struct_asym.pdbx_blank_PDB_chainid_flag 
_struct_asym.pdbx_modified 
_struct_asym.entity_id 
_struct_asym.details 
A N N 1 ? 
B N N 2 ? 
C N N 2 ? 
D N N 3 ? 
E N N 4 ? 
# 
_struct_ref.id                         1 
_struct_ref.db_name                    UNP 
_struct_ref.db_code                    DYR_HUMAN 
_struct_ref.pdbx_db_accession          P00374 
_struct_ref.entity_id                  1 
_struct_ref.pdbx_seq_one_letter_code   
;VGSLNCIVAVSQNMGIGKNGDLPWPPLRNEFRYFQRMTTTSSVEGKQNLVIMGKKTWFSIPEKNRPLKGRINLVLSRELK
EPPQGAHFLSRSLDDALKLTEQPELANKVDMVWIVGGSSVYKEAMNHPGHLKLFVTRIMQDFESDTFFPEIDLEKYKLLP
EYPGVLSDVQEEKGIKYKFEVYEKND
;
_struct_ref.pdbx_align_begin           1 
_struct_ref.pdbx_db_isoform            ? 
# 
_struct_ref_seq.align_id                      1 
_struct_ref_seq.ref_id                        1 
_struct_ref_seq.pdbx_PDB_id_code              1S3V 
_struct_ref_seq.pdbx_strand_id                A 
_struct_ref_seq.seq_align_beg                 1 
_struct_ref_seq.pdbx_seq_align_beg_ins_code   ? 
_struct_ref_seq.seq_align_end                 186 
_struct_ref_seq.pdbx_seq_align_end_ins_code   ? 
_struct_ref_seq.pdbx_db_accession             P00374 
_struct_ref_seq.db_align_beg                  1 
_struct_ref_seq.pdbx_db_align_beg_ins_code    ? 
_struct_ref_seq.db_align_end                  186 
_struct_ref_seq.pdbx_db_align_end_ins_code    ? 
_struct_ref_seq.pdbx_auth_seq_align_beg       1 
_struct_ref_seq.pdbx_auth_seq_align_end       186 
# 
_pdbx_struct_assembly.id                   1 
_pdbx_struct_assembly.details              author_defined_assembly 
_pdbx_struct_assembly.method_details       ? 
_pdbx_struct_assembly.oligomeric_details   monomeric 
_pdbx_struct_assembly.oligomeric_count     1 
# 
_pdbx_struct_assembly_gen.assembly_id       1 
_pdbx_struct_assembly_gen.oper_expression   1 
_pdbx_struct_assembly_gen.asym_id_list      A,B,C,D,E 
# 
_pdbx_struct_oper_list.id                   1 
_pdbx_struct_oper_list.type                 'identity operation' 
_pdbx_struct_oper_list.name                 1_555 
_pdbx_struct_oper_list.symmetry_operation   x,y,z 
_pdbx_struct_oper_list.matrix[1][1]         1.0000000000 
_pdbx_struct_oper_list.matrix[1][2]         0.0000000000 
_pdbx_struct_oper_list.matrix[1][3]         0.0000000000 
_pdbx_struct_oper_list.vector[1]            0.0000000000 
_pdbx_struct_oper_list.matrix[2][1]         0.0000000000 
_pdbx_struct_oper_list.matrix[2][2]         1.0000000000 
_pdbx_struct_oper_list.matrix[2][3]         0.0000000000 
_pdbx_struct_oper_list.vector[2]            0.0000000000 
_pdbx_struct_oper_list.matrix[3][1]         0.0000000000 
_pdbx_struct_oper_list.matrix[3][2]         0.0000000000 
_pdbx_struct_oper_list.matrix[3][3]         1.0000000000 
_pdbx_struct_oper_list.vector[3]            0.0000000000 
# 
_struct_biol.id                    1 
_struct_biol.pdbx_parent_biol_id   ? 
_struct_biol.details               ? 
# 
loop_
_struct_conf.conf_type_id 
_struct_conf.id 
_struct_conf.pdbx_PDB_helix_id 
_struct_conf.beg_label_comp_id 
_struct_conf.beg_label_asym_id 
_struct_conf.beg_label_seq_id 
_struct_conf.pdbx_beg_PDB_ins_code 
_struct_conf.end_label_comp_id 
_struct_conf.end_label_asym_id 
_struct_conf.end_label_seq_id 
_struct_conf.pdbx_end_PDB_ins_code 
_struct_conf.beg_auth_comp_id 
_struct_conf.beg_auth_asym_id 
_struct_conf.beg_auth_seq_id 
_struct_conf.end_auth_comp_id 
_struct_conf.end_auth_asym_id 
_struct_conf.end_auth_seq_id 
_struct_conf.pdbx_PDB_helix_class 
_struct_conf.details 
_struct_conf.pdbx_PDB_helix_length 
HELX_P HELX_P1 1 LEU A 27  ? THR A 40  ? LEU A 27  THR A 40  1 ? 14 
HELX_P HELX_P2 2 LYS A 54  ? ILE A 60  ? LYS A 54  ILE A 60  1 ? 7  
HELX_P HELX_P3 3 PRO A 61  ? ARG A 65  ? PRO A 61  ARG A 65  5 ? 5  
HELX_P HELX_P4 4 SER A 92  ? THR A 100 ? SER A 92  THR A 100 1 ? 9  
HELX_P HELX_P5 5 GLN A 102 ? ALA A 106 ? GLN A 102 ALA A 106 5 ? 5  
HELX_P HELX_P6 6 GLY A 117 ? ASN A 126 ? GLY A 117 ASN A 126 1 ? 10 
# 
_struct_conf_type.id          HELX_P 
_struct_conf_type.criteria    ? 
_struct_conf_type.reference   ? 
# 
loop_
_struct_mon_prot_cis.pdbx_id 
_struct_mon_prot_cis.label_comp_id 
_struct_mon_prot_cis.label_seq_id 
_struct_mon_prot_cis.label_asym_id 
_struct_mon_prot_cis.label_alt_id 
_struct_mon_prot_cis.pdbx_PDB_ins_code 
_struct_mon_prot_cis.auth_comp_id 
_struct_mon_prot_cis.auth_seq_id 
_struct_mon_prot_cis.auth_asym_id 
_struct_mon_prot_cis.pdbx_label_comp_id_2 
_struct_mon_prot_cis.pdbx_label_seq_id_2 
_struct_mon_prot_cis.pdbx_label_asym_id_2 
_struct_mon_prot_cis.pdbx_PDB_ins_code_2 
_struct_mon_prot_cis.pdbx_auth_comp_id_2 
_struct_mon_prot_cis.pdbx_auth_seq_id_2 
_struct_mon_prot_cis.pdbx_auth_asym_id_2 
_struct_mon_prot_cis.pdbx_PDB_model_num 
_struct_mon_prot_cis.pdbx_omega_angle 
1 ARG 65  A . ? ARG 65  A PRO 66  A ? PRO 66  A 1 -2.46 
2 GLY 116 A . ? GLY 116 A GLY 117 A ? GLY 117 A 1 -1.39 
# 
loop_
_struct_sheet.id 
_struct_sheet.type 
_struct_sheet.number_strands 
_struct_sheet.details 
A ? 8 ? 
B ? 8 ? 
C ? 2 ? 
# 
loop_
_struct_sheet_order.sheet_id 
_struct_sheet_order.range_id_1 
_struct_sheet_order.range_id_2 
_struct_sheet_order.offset 
_struct_sheet_order.sense 
A 1 2 ? parallel      
A 2 3 ? parallel      
A 3 4 ? parallel      
A 4 5 ? parallel      
A 5 6 ? parallel      
A 6 7 ? anti-parallel 
A 7 8 ? anti-parallel 
B 1 2 ? parallel      
B 2 3 ? parallel      
B 3 4 ? parallel      
B 4 5 ? parallel      
B 5 6 ? parallel      
B 6 7 ? anti-parallel 
B 7 8 ? anti-parallel 
C 1 2 ? anti-parallel 
# 
loop_
_struct_sheet_range.sheet_id 
_struct_sheet_range.id 
_struct_sheet_range.beg_label_comp_id 
_struct_sheet_range.beg_label_asym_id 
_struct_sheet_range.beg_label_seq_id 
_struct_sheet_range.pdbx_beg_PDB_ins_code 
_struct_sheet_range.end_label_comp_id 
_struct_sheet_range.end_label_asym_id 
_struct_sheet_range.end_label_seq_id 
_struct_sheet_range.pdbx_end_PDB_ins_code 
_struct_sheet_range.beg_auth_comp_id 
_struct_sheet_range.beg_auth_asym_id 
_struct_sheet_range.beg_auth_seq_id 
_struct_sheet_range.end_auth_comp_id 
_struct_sheet_range.end_auth_asym_id 
_struct_sheet_range.end_auth_seq_id 
A 1 PHE A 88  ? SER A 90  ? PHE A 88  SER A 90  
A 2 ARG A 70  ? LEU A 75  ? ARG A 70  LEU A 75  
A 3 GLN A 47  ? GLY A 53  ? GLN A 47  GLY A 53  
A 4 VAL A 109 ? ILE A 114 ? VAL A 109 ILE A 114 
A 5 LEU A 4   ? VAL A 10  ? LEU A 4   VAL A 10  
A 6 LEU A 131 ? ILE A 138 ? LEU A 131 ILE A 138 
A 7 ILE A 175 ? GLU A 183 ? ILE A 175 GLU A 183 
A 8 LYS A 157 ? LEU A 159 ? LYS A 157 LEU A 159 
B 1 PHE A 88  ? SER A 90  ? PHE A 88  SER A 90  
B 2 ARG A 70  ? LEU A 75  ? ARG A 70  LEU A 75  
B 3 GLN A 47  ? GLY A 53  ? GLN A 47  GLY A 53  
B 4 VAL A 109 ? ILE A 114 ? VAL A 109 ILE A 114 
B 5 LEU A 4   ? VAL A 10  ? LEU A 4   VAL A 10  
B 6 LEU A 131 ? ILE A 138 ? LEU A 131 ILE A 138 
B 7 ILE A 175 ? GLU A 183 ? ILE A 175 GLU A 183 
B 8 GLN A 170 ? GLU A 172 ? GLN A 170 GLU A 172 
C 1 GLY A 15  ? GLY A 17  ? GLY A 15  GLY A 17  
C 2 THR A 146 ? PHE A 147 ? THR A 146 PHE A 147 
# 
loop_
_pdbx_struct_sheet_hbond.sheet_id 
_pdbx_struct_sheet_hbond.range_id_1 
_pdbx_struct_sheet_hbond.range_id_2 
_pdbx_struct_sheet_hbond.range_1_label_atom_id 
_pdbx_struct_sheet_hbond.range_1_label_comp_id 
_pdbx_struct_sheet_hbond.range_1_label_asym_id 
_pdbx_struct_sheet_hbond.range_1_label_seq_id 
_pdbx_struct_sheet_hbond.range_1_PDB_ins_code 
_pdbx_struct_sheet_hbond.range_1_auth_atom_id 
_pdbx_struct_sheet_hbond.range_1_auth_comp_id 
_pdbx_struct_sheet_hbond.range_1_auth_asym_id 
_pdbx_struct_sheet_hbond.range_1_auth_seq_id 
_pdbx_struct_sheet_hbond.range_2_label_atom_id 
_pdbx_struct_sheet_hbond.range_2_label_comp_id 
_pdbx_struct_sheet_hbond.range_2_label_asym_id 
_pdbx_struct_sheet_hbond.range_2_label_seq_id 
_pdbx_struct_sheet_hbond.range_2_PDB_ins_code 
_pdbx_struct_sheet_hbond.range_2_auth_atom_id 
_pdbx_struct_sheet_hbond.range_2_auth_comp_id 
_pdbx_struct_sheet_hbond.range_2_auth_asym_id 
_pdbx_struct_sheet_hbond.range_2_auth_seq_id 
A 1 2 O PHE A 88  ? O PHE A 88  N VAL A 74  ? N VAL A 74  
A 2 3 O ILE A 71  ? O ILE A 71  N VAL A 50  ? N VAL A 50  
A 3 4 N LEU A 49  ? N LEU A 49  O TRP A 113 ? O TRP A 113 
A 4 5 O ILE A 114 ? O ILE A 114 N ASN A 5   ? N ASN A 5   
A 5 6 N CYS A 6   ? N CYS A 6   O PHE A 134 ? O PHE A 134 
A 6 7 N VAL A 135 ? N VAL A 135 O GLU A 180 ? O GLU A 180 
A 7 8 O VAL A 181 ? O VAL A 181 N LEU A 159 ? N LEU A 159 
B 1 2 O PHE A 88  ? O PHE A 88  N VAL A 74  ? N VAL A 74  
B 2 3 O ILE A 71  ? O ILE A 71  N VAL A 50  ? N VAL A 50  
B 3 4 N LEU A 49  ? N LEU A 49  O TRP A 113 ? O TRP A 113 
B 4 5 O ILE A 114 ? O ILE A 114 N ASN A 5   ? N ASN A 5   
B 5 6 N CYS A 6   ? N CYS A 6   O PHE A 134 ? O PHE A 134 
B 6 7 N VAL A 135 ? N VAL A 135 O GLU A 180 ? O GLU A 180 
B 7 8 O TYR A 177 ? O TYR A 177 N GLN A 170 ? N GLN A 170 
C 1 2 N GLY A 17  ? N GLY A 17  O THR A 146 ? O THR A 146 
# 
loop_
_struct_site.id 
_struct_site.pdbx_evidence_code 
_struct_site.pdbx_auth_asym_id 
_struct_site.pdbx_auth_comp_id 
_struct_site.pdbx_auth_seq_id 
_struct_site.pdbx_auth_ins_code 
_struct_site.pdbx_num_residues 
_struct_site.details 
AC1 Software A SO4 188 ? 10 'BINDING SITE FOR RESIDUE SO4 A 188' 
AC2 Software A SO4 189 ? 5  'BINDING SITE FOR RESIDUE SO4 A 189' 
AC3 Software A TQD 187 ? 14 'BINDING SITE FOR RESIDUE TQD A 187' 
# 
loop_
_struct_site_gen.id 
_struct_site_gen.site_id 
_struct_site_gen.pdbx_num_res 
_struct_site_gen.label_comp_id 
_struct_site_gen.label_asym_id 
_struct_site_gen.label_seq_id 
_struct_site_gen.pdbx_auth_ins_code 
_struct_site_gen.auth_comp_id 
_struct_site_gen.auth_asym_id 
_struct_site_gen.auth_seq_id 
_struct_site_gen.label_atom_id 
_struct_site_gen.label_alt_id 
_struct_site_gen.symmetry 
_struct_site_gen.details 
1  AC1 10 GLY A 53  ? GLY A 53  . ? 1_555 ? 
2  AC1 10 LYS A 54  ? LYS A 54  . ? 1_555 ? 
3  AC1 10 LYS A 55  ? LYS A 55  . ? 1_555 ? 
4  AC1 10 THR A 56  ? THR A 56  . ? 1_555 ? 
5  AC1 10 GLY A 117 ? GLY A 117 . ? 1_555 ? 
6  AC1 10 VAL A 120 ? VAL A 120 . ? 1_555 ? 
7  AC1 10 HOH E .   ? HOH A 219 . ? 1_555 ? 
8  AC1 10 HOH E .   ? HOH A 275 . ? 1_555 ? 
9  AC1 10 HOH E .   ? HOH A 276 . ? 1_555 ? 
10 AC1 10 HOH E .   ? HOH A 283 . ? 1_555 ? 
11 AC2 5  SER A 76  ? SER A 76  . ? 1_555 ? 
12 AC2 5  ARG A 77  ? ARG A 77  . ? 1_555 ? 
13 AC2 5  GLU A 78  ? GLU A 78  . ? 1_555 ? 
14 AC2 5  HOH E .   ? HOH A 274 . ? 1_555 ? 
15 AC2 5  HOH E .   ? HOH A 283 . ? 1_555 ? 
16 AC3 14 ILE A 7   ? ILE A 7   . ? 1_555 ? 
17 AC3 14 VAL A 8   ? VAL A 8   . ? 1_555 ? 
18 AC3 14 ALA A 9   ? ALA A 9   . ? 1_555 ? 
19 AC3 14 ASP A 21  ? ASP A 21  . ? 1_555 ? 
20 AC3 14 GLU A 30  ? GLU A 30  . ? 1_555 ? 
21 AC3 14 PHE A 31  ? PHE A 31  . ? 1_555 ? 
22 AC3 14 PHE A 34  ? PHE A 34  . ? 1_555 ? 
23 AC3 14 GLN A 35  ? GLN A 35  . ? 1_555 ? 
24 AC3 14 PRO A 61  ? PRO A 61  . ? 1_555 ? 
25 AC3 14 ASN A 64  ? ASN A 64  . ? 1_555 ? 
26 AC3 14 VAL A 115 ? VAL A 115 . ? 1_555 ? 
27 AC3 14 TYR A 121 ? TYR A 121 . ? 1_555 ? 
28 AC3 14 THR A 136 ? THR A 136 . ? 1_555 ? 
29 AC3 14 HOH E .   ? HOH A 271 . ? 1_555 ? 
# 
_pdbx_entry_details.entry_id                   1S3V 
_pdbx_entry_details.compound_details           ? 
_pdbx_entry_details.source_details             ? 
_pdbx_entry_details.nonpolymer_details         ? 
_pdbx_entry_details.sequence_details           ? 
_pdbx_entry_details.has_ligand_of_interest     ? 
_pdbx_entry_details.has_protein_modification   N 
# 
loop_
_pdbx_validate_close_contact.id 
_pdbx_validate_close_contact.PDB_model_num 
_pdbx_validate_close_contact.auth_atom_id_1 
_pdbx_validate_close_contact.auth_asym_id_1 
_pdbx_validate_close_contact.auth_comp_id_1 
_pdbx_validate_close_contact.auth_seq_id_1 
_pdbx_validate_close_contact.PDB_ins_code_1 
_pdbx_validate_close_contact.label_alt_id_1 
_pdbx_validate_close_contact.auth_atom_id_2 
_pdbx_validate_close_contact.auth_asym_id_2 
_pdbx_validate_close_contact.auth_comp_id_2 
_pdbx_validate_close_contact.auth_seq_id_2 
_pdbx_validate_close_contact.PDB_ins_code_2 
_pdbx_validate_close_contact.label_alt_id_2 
_pdbx_validate_close_contact.dist 
1 1 OG A SER 76  ? ? O1 A SO4 189 ? ? 2.04 
2 1 O  A HOH 194 ? ? O  A HOH 240 ? ? 2.12 
# 
_pdbx_validate_symm_contact.id                1 
_pdbx_validate_symm_contact.PDB_model_num     1 
_pdbx_validate_symm_contact.auth_atom_id_1    OD1 
_pdbx_validate_symm_contact.auth_asym_id_1    A 
_pdbx_validate_symm_contact.auth_comp_id_1    ASP 
_pdbx_validate_symm_contact.auth_seq_id_1     168 
_pdbx_validate_symm_contact.PDB_ins_code_1    ? 
_pdbx_validate_symm_contact.label_alt_id_1    ? 
_pdbx_validate_symm_contact.site_symmetry_1   1_555 
_pdbx_validate_symm_contact.auth_atom_id_2    O 
_pdbx_validate_symm_contact.auth_asym_id_2    A 
_pdbx_validate_symm_contact.auth_comp_id_2    HOH 
_pdbx_validate_symm_contact.auth_seq_id_2     238 
_pdbx_validate_symm_contact.PDB_ins_code_2    ? 
_pdbx_validate_symm_contact.label_alt_id_2    ? 
_pdbx_validate_symm_contact.site_symmetry_2   5_554 
_pdbx_validate_symm_contact.dist              1.96 
# 
loop_
_pdbx_validate_rmsd_angle.id 
_pdbx_validate_rmsd_angle.PDB_model_num 
_pdbx_validate_rmsd_angle.auth_atom_id_1 
_pdbx_validate_rmsd_angle.auth_asym_id_1 
_pdbx_validate_rmsd_angle.auth_comp_id_1 
_pdbx_validate_rmsd_angle.auth_seq_id_1 
_pdbx_validate_rmsd_angle.PDB_ins_code_1 
_pdbx_validate_rmsd_angle.label_alt_id_1 
_pdbx_validate_rmsd_angle.auth_atom_id_2 
_pdbx_validate_rmsd_angle.auth_asym_id_2 
_pdbx_validate_rmsd_angle.auth_comp_id_2 
_pdbx_validate_rmsd_angle.auth_seq_id_2 
_pdbx_validate_rmsd_angle.PDB_ins_code_2 
_pdbx_validate_rmsd_angle.label_alt_id_2 
_pdbx_validate_rmsd_angle.auth_atom_id_3 
_pdbx_validate_rmsd_angle.auth_asym_id_3 
_pdbx_validate_rmsd_angle.auth_comp_id_3 
_pdbx_validate_rmsd_angle.auth_seq_id_3 
_pdbx_validate_rmsd_angle.PDB_ins_code_3 
_pdbx_validate_rmsd_angle.label_alt_id_3 
_pdbx_validate_rmsd_angle.angle_value 
_pdbx_validate_rmsd_angle.angle_target_value 
_pdbx_validate_rmsd_angle.angle_deviation 
_pdbx_validate_rmsd_angle.angle_standard_deviation 
_pdbx_validate_rmsd_angle.linker_flag 
1  1 CB  A ASP 21  ? ? CG  A ASP 21  ? ? OD1 A ASP 21  ? ? 129.04 118.30 10.74  0.90 N 
2  1 CB  A TYR 33  ? ? CG  A TYR 33  ? ? CD2 A TYR 33  ? ? 114.91 121.00 -6.09  0.60 N 
3  1 CB  A TYR 33  ? ? CG  A TYR 33  ? ? CD1 A TYR 33  ? ? 125.00 121.00 4.00   0.60 N 
4  1 CG  A TYR 33  ? ? CD1 A TYR 33  ? ? CE1 A TYR 33  ? ? 116.11 121.30 -5.19  0.80 N 
5  1 CA  A ASN 64  ? ? CB  A ASN 64  ? ? CG  A ASN 64  ? ? 130.48 113.40 17.08  2.20 N 
6  1 NE  A ARG 65  ? ? CZ  A ARG 65  ? ? NH1 A ARG 65  ? ? 115.16 120.30 -5.14  0.50 N 
7  1 NE  A ARG 70  ? ? CZ  A ARG 70  ? ? NH1 A ARG 70  ? ? 125.35 120.30 5.05   0.50 N 
8  1 CG  A ARG 77  ? ? CD  A ARG 77  ? ? NE  A ARG 77  ? ? 130.22 111.80 18.42  2.10 N 
9  1 NE  A ARG 77  ? ? CZ  A ARG 77  ? ? NH1 A ARG 77  ? ? 123.92 120.30 3.62   0.50 N 
10 1 OE1 A GLU 81  ? ? CD  A GLU 81  ? ? OE2 A GLU 81  ? ? 130.96 123.30 7.66   1.20 N 
11 1 CD  A ARG 91  ? ? NE  A ARG 91  ? ? CZ  A ARG 91  ? ? 143.63 123.60 20.03  1.40 N 
12 1 NE  A ARG 91  ? ? CZ  A ARG 91  ? ? NH2 A ARG 91  ? ? 125.27 120.30 4.97   0.50 N 
13 1 C   A GLN 102 ? ? N   A PRO 103 ? ? CA  A PRO 103 ? ? 129.39 119.30 10.09  1.50 Y 
14 1 CA  A ASN 107 ? ? CB  A ASN 107 ? ? CG  A ASN 107 ? ? 148.36 113.40 34.96  2.20 N 
15 1 O   A TYR 121 ? ? C   A TYR 121 ? ? N   A LYS 122 ? ? 132.61 122.70 9.91   1.60 Y 
16 1 N   A ASN 126 ? ? CA  A ASN 126 ? ? CB  A ASN 126 ? ? 91.90  110.60 -18.70 1.80 N 
17 1 CA  A ASN 126 ? ? CB  A ASN 126 ? ? CG  A ASN 126 ? ? 132.54 113.40 19.14  2.20 N 
18 1 CA  A THR 146 ? ? CB  A THR 146 ? ? CG2 A THR 146 ? ? 99.95  112.40 -12.45 1.40 N 
19 1 O   A THR 146 ? ? C   A THR 146 ? ? N   A PHE 147 ? ? 134.92 122.70 12.22  1.60 Y 
20 1 OE1 A GLU 150 ? ? CD  A GLU 150 ? ? OE2 A GLU 150 ? ? 131.25 123.30 7.95   1.20 N 
21 1 CB  A TYR 162 ? ? CG  A TYR 162 ? ? CD2 A TYR 162 ? ? 125.55 121.00 4.55   0.60 N 
22 1 CB  A TYR 162 ? ? CG  A TYR 162 ? ? CD1 A TYR 162 ? ? 116.41 121.00 -4.59  0.60 N 
23 1 CB  A PHE 179 ? ? CG  A PHE 179 ? ? CD2 A PHE 179 ? ? 116.49 120.80 -4.31  0.70 N 
24 1 CG  A GLU 180 ? ? CD  A GLU 180 ? ? OE1 A GLU 180 ? ? 133.79 118.30 15.49  2.00 N 
# 
loop_
_pdbx_validate_torsion.id 
_pdbx_validate_torsion.PDB_model_num 
_pdbx_validate_torsion.auth_comp_id 
_pdbx_validate_torsion.auth_asym_id 
_pdbx_validate_torsion.auth_seq_id 
_pdbx_validate_torsion.PDB_ins_code 
_pdbx_validate_torsion.label_alt_id 
_pdbx_validate_torsion.phi 
_pdbx_validate_torsion.psi 
1 1 THR A 100 ? ? -85.45  48.70  
2 1 GLU A 101 ? ? -148.73 -52.25 
3 1 PRO A 103 ? ? -9.86   -50.27 
4 1 LEU A 105 ? ? -98.54  50.12  
5 1 ALA A 106 ? ? -127.21 -53.91 
6 1 ASP A 110 ? ? -96.23  -92.88 
7 1 ASN A 185 ? ? -173.70 104.52 
# 
loop_
_pdbx_validate_chiral.id 
_pdbx_validate_chiral.PDB_model_num 
_pdbx_validate_chiral.auth_atom_id 
_pdbx_validate_chiral.label_alt_id 
_pdbx_validate_chiral.auth_asym_id 
_pdbx_validate_chiral.auth_comp_id 
_pdbx_validate_chiral.auth_seq_id 
_pdbx_validate_chiral.PDB_ins_code 
_pdbx_validate_chiral.details 
_pdbx_validate_chiral.omega 
1 1 C2D ? A TQD 187 ? PLANAR       . 
2 1 C6D ? A TQD 187 ? 'WRONG HAND' . 
# 
_pdbx_validate_planes.id              1 
_pdbx_validate_planes.PDB_model_num   1 
_pdbx_validate_planes.auth_comp_id    ARG 
_pdbx_validate_planes.auth_asym_id    A 
_pdbx_validate_planes.auth_seq_id     77 
_pdbx_validate_planes.PDB_ins_code    ? 
_pdbx_validate_planes.label_alt_id    ? 
_pdbx_validate_planes.rmsd            0.086 
_pdbx_validate_planes.type            'SIDE CHAIN' 
# 
loop_
_chem_comp_atom.comp_id 
_chem_comp_atom.atom_id 
_chem_comp_atom.type_symbol 
_chem_comp_atom.pdbx_aromatic_flag 
_chem_comp_atom.pdbx_stereo_config 
_chem_comp_atom.pdbx_ordinal 
ALA N      N N N 1   
ALA CA     C N S 2   
ALA C      C N N 3   
ALA O      O N N 4   
ALA CB     C N N 5   
ALA OXT    O N N 6   
ALA H      H N N 7   
ALA H2     H N N 8   
ALA HA     H N N 9   
ALA HB1    H N N 10  
ALA HB2    H N N 11  
ALA HB3    H N N 12  
ALA HXT    H N N 13  
ARG N      N N N 14  
ARG CA     C N S 15  
ARG C      C N N 16  
ARG O      O N N 17  
ARG CB     C N N 18  
ARG CG     C N N 19  
ARG CD     C N N 20  
ARG NE     N N N 21  
ARG CZ     C N N 22  
ARG NH1    N N N 23  
ARG NH2    N N N 24  
ARG OXT    O N N 25  
ARG H      H N N 26  
ARG H2     H N N 27  
ARG HA     H N N 28  
ARG HB2    H N N 29  
ARG HB3    H N N 30  
ARG HG2    H N N 31  
ARG HG3    H N N 32  
ARG HD2    H N N 33  
ARG HD3    H N N 34  
ARG HE     H N N 35  
ARG HH11   H N N 36  
ARG HH12   H N N 37  
ARG HH21   H N N 38  
ARG HH22   H N N 39  
ARG HXT    H N N 40  
ASN N      N N N 41  
ASN CA     C N S 42  
ASN C      C N N 43  
ASN O      O N N 44  
ASN CB     C N N 45  
ASN CG     C N N 46  
ASN OD1    O N N 47  
ASN ND2    N N N 48  
ASN OXT    O N N 49  
ASN H      H N N 50  
ASN H2     H N N 51  
ASN HA     H N N 52  
ASN HB2    H N N 53  
ASN HB3    H N N 54  
ASN HD21   H N N 55  
ASN HD22   H N N 56  
ASN HXT    H N N 57  
ASP N      N N N 58  
ASP CA     C N S 59  
ASP C      C N N 60  
ASP O      O N N 61  
ASP CB     C N N 62  
ASP CG     C N N 63  
ASP OD1    O N N 64  
ASP OD2    O N N 65  
ASP OXT    O N N 66  
ASP H      H N N 67  
ASP H2     H N N 68  
ASP HA     H N N 69  
ASP HB2    H N N 70  
ASP HB3    H N N 71  
ASP HD2    H N N 72  
ASP HXT    H N N 73  
CYS N      N N N 74  
CYS CA     C N R 75  
CYS C      C N N 76  
CYS O      O N N 77  
CYS CB     C N N 78  
CYS SG     S N N 79  
CYS OXT    O N N 80  
CYS H      H N N 81  
CYS H2     H N N 82  
CYS HA     H N N 83  
CYS HB2    H N N 84  
CYS HB3    H N N 85  
CYS HG     H N N 86  
CYS HXT    H N N 87  
GLN N      N N N 88  
GLN CA     C N S 89  
GLN C      C N N 90  
GLN O      O N N 91  
GLN CB     C N N 92  
GLN CG     C N N 93  
GLN CD     C N N 94  
GLN OE1    O N N 95  
GLN NE2    N N N 96  
GLN OXT    O N N 97  
GLN H      H N N 98  
GLN H2     H N N 99  
GLN HA     H N N 100 
GLN HB2    H N N 101 
GLN HB3    H N N 102 
GLN HG2    H N N 103 
GLN HG3    H N N 104 
GLN HE21   H N N 105 
GLN HE22   H N N 106 
GLN HXT    H N N 107 
GLU N      N N N 108 
GLU CA     C N S 109 
GLU C      C N N 110 
GLU O      O N N 111 
GLU CB     C N N 112 
GLU CG     C N N 113 
GLU CD     C N N 114 
GLU OE1    O N N 115 
GLU OE2    O N N 116 
GLU OXT    O N N 117 
GLU H      H N N 118 
GLU H2     H N N 119 
GLU HA     H N N 120 
GLU HB2    H N N 121 
GLU HB3    H N N 122 
GLU HG2    H N N 123 
GLU HG3    H N N 124 
GLU HE2    H N N 125 
GLU HXT    H N N 126 
GLY N      N N N 127 
GLY CA     C N N 128 
GLY C      C N N 129 
GLY O      O N N 130 
GLY OXT    O N N 131 
GLY H      H N N 132 
GLY H2     H N N 133 
GLY HA2    H N N 134 
GLY HA3    H N N 135 
GLY HXT    H N N 136 
HIS N      N N N 137 
HIS CA     C N S 138 
HIS C      C N N 139 
HIS O      O N N 140 
HIS CB     C N N 141 
HIS CG     C Y N 142 
HIS ND1    N Y N 143 
HIS CD2    C Y N 144 
HIS CE1    C Y N 145 
HIS NE2    N Y N 146 
HIS OXT    O N N 147 
HIS H      H N N 148 
HIS H2     H N N 149 
HIS HA     H N N 150 
HIS HB2    H N N 151 
HIS HB3    H N N 152 
HIS HD1    H N N 153 
HIS HD2    H N N 154 
HIS HE1    H N N 155 
HIS HE2    H N N 156 
HIS HXT    H N N 157 
HOH O      O N N 158 
HOH H1     H N N 159 
HOH H2     H N N 160 
ILE N      N N N 161 
ILE CA     C N S 162 
ILE C      C N N 163 
ILE O      O N N 164 
ILE CB     C N S 165 
ILE CG1    C N N 166 
ILE CG2    C N N 167 
ILE CD1    C N N 168 
ILE OXT    O N N 169 
ILE H      H N N 170 
ILE H2     H N N 171 
ILE HA     H N N 172 
ILE HB     H N N 173 
ILE HG12   H N N 174 
ILE HG13   H N N 175 
ILE HG21   H N N 176 
ILE HG22   H N N 177 
ILE HG23   H N N 178 
ILE HD11   H N N 179 
ILE HD12   H N N 180 
ILE HD13   H N N 181 
ILE HXT    H N N 182 
LEU N      N N N 183 
LEU CA     C N S 184 
LEU C      C N N 185 
LEU O      O N N 186 
LEU CB     C N N 187 
LEU CG     C N N 188 
LEU CD1    C N N 189 
LEU CD2    C N N 190 
LEU OXT    O N N 191 
LEU H      H N N 192 
LEU H2     H N N 193 
LEU HA     H N N 194 
LEU HB2    H N N 195 
LEU HB3    H N N 196 
LEU HG     H N N 197 
LEU HD11   H N N 198 
LEU HD12   H N N 199 
LEU HD13   H N N 200 
LEU HD21   H N N 201 
LEU HD22   H N N 202 
LEU HD23   H N N 203 
LEU HXT    H N N 204 
LYS N      N N N 205 
LYS CA     C N S 206 
LYS C      C N N 207 
LYS O      O N N 208 
LYS CB     C N N 209 
LYS CG     C N N 210 
LYS CD     C N N 211 
LYS CE     C N N 212 
LYS NZ     N N N 213 
LYS OXT    O N N 214 
LYS H      H N N 215 
LYS H2     H N N 216 
LYS HA     H N N 217 
LYS HB2    H N N 218 
LYS HB3    H N N 219 
LYS HG2    H N N 220 
LYS HG3    H N N 221 
LYS HD2    H N N 222 
LYS HD3    H N N 223 
LYS HE2    H N N 224 
LYS HE3    H N N 225 
LYS HZ1    H N N 226 
LYS HZ2    H N N 227 
LYS HZ3    H N N 228 
LYS HXT    H N N 229 
MET N      N N N 230 
MET CA     C N S 231 
MET C      C N N 232 
MET O      O N N 233 
MET CB     C N N 234 
MET CG     C N N 235 
MET SD     S N N 236 
MET CE     C N N 237 
MET OXT    O N N 238 
MET H      H N N 239 
MET H2     H N N 240 
MET HA     H N N 241 
MET HB2    H N N 242 
MET HB3    H N N 243 
MET HG2    H N N 244 
MET HG3    H N N 245 
MET HE1    H N N 246 
MET HE2    H N N 247 
MET HE3    H N N 248 
MET HXT    H N N 249 
PHE N      N N N 250 
PHE CA     C N S 251 
PHE C      C N N 252 
PHE O      O N N 253 
PHE CB     C N N 254 
PHE CG     C Y N 255 
PHE CD1    C Y N 256 
PHE CD2    C Y N 257 
PHE CE1    C Y N 258 
PHE CE2    C Y N 259 
PHE CZ     C Y N 260 
PHE OXT    O N N 261 
PHE H      H N N 262 
PHE H2     H N N 263 
PHE HA     H N N 264 
PHE HB2    H N N 265 
PHE HB3    H N N 266 
PHE HD1    H N N 267 
PHE HD2    H N N 268 
PHE HE1    H N N 269 
PHE HE2    H N N 270 
PHE HZ     H N N 271 
PHE HXT    H N N 272 
PRO N      N N N 273 
PRO CA     C N S 274 
PRO C      C N N 275 
PRO O      O N N 276 
PRO CB     C N N 277 
PRO CG     C N N 278 
PRO CD     C N N 279 
PRO OXT    O N N 280 
PRO H      H N N 281 
PRO HA     H N N 282 
PRO HB2    H N N 283 
PRO HB3    H N N 284 
PRO HG2    H N N 285 
PRO HG3    H N N 286 
PRO HD2    H N N 287 
PRO HD3    H N N 288 
PRO HXT    H N N 289 
SER N      N N N 290 
SER CA     C N S 291 
SER C      C N N 292 
SER O      O N N 293 
SER CB     C N N 294 
SER OG     O N N 295 
SER OXT    O N N 296 
SER H      H N N 297 
SER H2     H N N 298 
SER HA     H N N 299 
SER HB2    H N N 300 
SER HB3    H N N 301 
SER HG     H N N 302 
SER HXT    H N N 303 
SO4 S      S N N 304 
SO4 O1     O N N 305 
SO4 O2     O N N 306 
SO4 O3     O N N 307 
SO4 O4     O N N 308 
THR N      N N N 309 
THR CA     C N S 310 
THR C      C N N 311 
THR O      O N N 312 
THR CB     C N R 313 
THR OG1    O N N 314 
THR CG2    C N N 315 
THR OXT    O N N 316 
THR H      H N N 317 
THR H2     H N N 318 
THR HA     H N N 319 
THR HB     H N N 320 
THR HG1    H N N 321 
THR HG21   H N N 322 
THR HG22   H N N 323 
THR HG23   H N N 324 
THR HXT    H N N 325 
TQD C2D    C N S 326 
TQD C4D    C N N 327 
TQD C4A    C N N 328 
TQD C5D    C N N 329 
TQD C6D    C N S 330 
TQD "C7'"  C N N 331 
TQD C8     C N N 332 
TQD C8A    C N N 333 
TQD "C8'"  C N N 334 
TQD "C1'"  C Y N 335 
TQD "C2'"  C Y N 336 
TQD "C3'"  C Y N 337 
TQD C3B    C N N 338 
TQD "C4'"  C Y N 339 
TQD C4B    C N N 340 
TQD "C5'"  C Y N 341 
TQD C5B    C N N 342 
TQD "C6'"  C Y N 343 
TQD "N1'"  N N N 344 
TQD "N2'"  N N N 345 
TQD "N3'"  N N N 346 
TQD "N4'"  N N N 347 
TQD "N9'"  N N N 348 
TQD "O3'"  O N N 349 
TQD "O4'"  O N N 350 
TQD "O5'"  O N N 351 
TQD "C9'"  C N N 352 
TQD "H2'"  H N N 353 
TQD "H5'1" H N N 354 
TQD "H5'2" H N N 355 
TQD "H6'"  H N N 356 
TQD "H7'1" H N N 357 
TQD "H7'2" H N N 358 
TQD H81    H N N 359 
TQD H82    H N N 360 
TQD "H8'1" H N N 361 
TQD "H8'2" H N N 362 
TQD "H2'1" H N N 363 
TQD H3B1   H N N 364 
TQD H3B2   H N N 365 
TQD H3B3   H N N 366 
TQD H4B1   H N N 367 
TQD H4B2   H N N 368 
TQD H4B3   H N N 369 
TQD H5B1   H N N 370 
TQD H5B2   H N N 371 
TQD H5B3   H N N 372 
TQD "H6'1" H N N 373 
TQD H1D    H N N 374 
TQD H2A1   H N N 375 
TQD H2A2   H N N 376 
TQD "H4'1" H N N 377 
TQD "H4'2" H N N 378 
TQD "H9'1" H N N 379 
TQD "H9'2" H N N 380 
TQD "H9'3" H N N 381 
TRP N      N N N 382 
TRP CA     C N S 383 
TRP C      C N N 384 
TRP O      O N N 385 
TRP CB     C N N 386 
TRP CG     C Y N 387 
TRP CD1    C Y N 388 
TRP CD2    C Y N 389 
TRP NE1    N Y N 390 
TRP CE2    C Y N 391 
TRP CE3    C Y N 392 
TRP CZ2    C Y N 393 
TRP CZ3    C Y N 394 
TRP CH2    C Y N 395 
TRP OXT    O N N 396 
TRP H      H N N 397 
TRP H2     H N N 398 
TRP HA     H N N 399 
TRP HB2    H N N 400 
TRP HB3    H N N 401 
TRP HD1    H N N 402 
TRP HE1    H N N 403 
TRP HE3    H N N 404 
TRP HZ2    H N N 405 
TRP HZ3    H N N 406 
TRP HH2    H N N 407 
TRP HXT    H N N 408 
TYR N      N N N 409 
TYR CA     C N S 410 
TYR C      C N N 411 
TYR O      O N N 412 
TYR CB     C N N 413 
TYR CG     C Y N 414 
TYR CD1    C Y N 415 
TYR CD2    C Y N 416 
TYR CE1    C Y N 417 
TYR CE2    C Y N 418 
TYR CZ     C Y N 419 
TYR OH     O N N 420 
TYR OXT    O N N 421 
TYR H      H N N 422 
TYR H2     H N N 423 
TYR HA     H N N 424 
TYR HB2    H N N 425 
TYR HB3    H N N 426 
TYR HD1    H N N 427 
TYR HD2    H N N 428 
TYR HE1    H N N 429 
TYR HE2    H N N 430 
TYR HH     H N N 431 
TYR HXT    H N N 432 
VAL N      N N N 433 
VAL CA     C N S 434 
VAL C      C N N 435 
VAL O      O N N 436 
VAL CB     C N N 437 
VAL CG1    C N N 438 
VAL CG2    C N N 439 
VAL OXT    O N N 440 
VAL H      H N N 441 
VAL H2     H N N 442 
VAL HA     H N N 443 
VAL HB     H N N 444 
VAL HG11   H N N 445 
VAL HG12   H N N 446 
VAL HG13   H N N 447 
VAL HG21   H N N 448 
VAL HG22   H N N 449 
VAL HG23   H N N 450 
VAL HXT    H N N 451 
# 
loop_
_chem_comp_bond.comp_id 
_chem_comp_bond.atom_id_1 
_chem_comp_bond.atom_id_2 
_chem_comp_bond.value_order 
_chem_comp_bond.pdbx_aromatic_flag 
_chem_comp_bond.pdbx_stereo_config 
_chem_comp_bond.pdbx_ordinal 
ALA N     CA     sing N N 1   
ALA N     H      sing N N 2   
ALA N     H2     sing N N 3   
ALA CA    C      sing N N 4   
ALA CA    CB     sing N N 5   
ALA CA    HA     sing N N 6   
ALA C     O      doub N N 7   
ALA C     OXT    sing N N 8   
ALA CB    HB1    sing N N 9   
ALA CB    HB2    sing N N 10  
ALA CB    HB3    sing N N 11  
ALA OXT   HXT    sing N N 12  
ARG N     CA     sing N N 13  
ARG N     H      sing N N 14  
ARG N     H2     sing N N 15  
ARG CA    C      sing N N 16  
ARG CA    CB     sing N N 17  
ARG CA    HA     sing N N 18  
ARG C     O      doub N N 19  
ARG C     OXT    sing N N 20  
ARG CB    CG     sing N N 21  
ARG CB    HB2    sing N N 22  
ARG CB    HB3    sing N N 23  
ARG CG    CD     sing N N 24  
ARG CG    HG2    sing N N 25  
ARG CG    HG3    sing N N 26  
ARG CD    NE     sing N N 27  
ARG CD    HD2    sing N N 28  
ARG CD    HD3    sing N N 29  
ARG NE    CZ     sing N N 30  
ARG NE    HE     sing N N 31  
ARG CZ    NH1    sing N N 32  
ARG CZ    NH2    doub N N 33  
ARG NH1   HH11   sing N N 34  
ARG NH1   HH12   sing N N 35  
ARG NH2   HH21   sing N N 36  
ARG NH2   HH22   sing N N 37  
ARG OXT   HXT    sing N N 38  
ASN N     CA     sing N N 39  
ASN N     H      sing N N 40  
ASN N     H2     sing N N 41  
ASN CA    C      sing N N 42  
ASN CA    CB     sing N N 43  
ASN CA    HA     sing N N 44  
ASN C     O      doub N N 45  
ASN C     OXT    sing N N 46  
ASN CB    CG     sing N N 47  
ASN CB    HB2    sing N N 48  
ASN CB    HB3    sing N N 49  
ASN CG    OD1    doub N N 50  
ASN CG    ND2    sing N N 51  
ASN ND2   HD21   sing N N 52  
ASN ND2   HD22   sing N N 53  
ASN OXT   HXT    sing N N 54  
ASP N     CA     sing N N 55  
ASP N     H      sing N N 56  
ASP N     H2     sing N N 57  
ASP CA    C      sing N N 58  
ASP CA    CB     sing N N 59  
ASP CA    HA     sing N N 60  
ASP C     O      doub N N 61  
ASP C     OXT    sing N N 62  
ASP CB    CG     sing N N 63  
ASP CB    HB2    sing N N 64  
ASP CB    HB3    sing N N 65  
ASP CG    OD1    doub N N 66  
ASP CG    OD2    sing N N 67  
ASP OD2   HD2    sing N N 68  
ASP OXT   HXT    sing N N 69  
CYS N     CA     sing N N 70  
CYS N     H      sing N N 71  
CYS N     H2     sing N N 72  
CYS CA    C      sing N N 73  
CYS CA    CB     sing N N 74  
CYS CA    HA     sing N N 75  
CYS C     O      doub N N 76  
CYS C     OXT    sing N N 77  
CYS CB    SG     sing N N 78  
CYS CB    HB2    sing N N 79  
CYS CB    HB3    sing N N 80  
CYS SG    HG     sing N N 81  
CYS OXT   HXT    sing N N 82  
GLN N     CA     sing N N 83  
GLN N     H      sing N N 84  
GLN N     H2     sing N N 85  
GLN CA    C      sing N N 86  
GLN CA    CB     sing N N 87  
GLN CA    HA     sing N N 88  
GLN C     O      doub N N 89  
GLN C     OXT    sing N N 90  
GLN CB    CG     sing N N 91  
GLN CB    HB2    sing N N 92  
GLN CB    HB3    sing N N 93  
GLN CG    CD     sing N N 94  
GLN CG    HG2    sing N N 95  
GLN CG    HG3    sing N N 96  
GLN CD    OE1    doub N N 97  
GLN CD    NE2    sing N N 98  
GLN NE2   HE21   sing N N 99  
GLN NE2   HE22   sing N N 100 
GLN OXT   HXT    sing N N 101 
GLU N     CA     sing N N 102 
GLU N     H      sing N N 103 
GLU N     H2     sing N N 104 
GLU CA    C      sing N N 105 
GLU CA    CB     sing N N 106 
GLU CA    HA     sing N N 107 
GLU C     O      doub N N 108 
GLU C     OXT    sing N N 109 
GLU CB    CG     sing N N 110 
GLU CB    HB2    sing N N 111 
GLU CB    HB3    sing N N 112 
GLU CG    CD     sing N N 113 
GLU CG    HG2    sing N N 114 
GLU CG    HG3    sing N N 115 
GLU CD    OE1    doub N N 116 
GLU CD    OE2    sing N N 117 
GLU OE2   HE2    sing N N 118 
GLU OXT   HXT    sing N N 119 
GLY N     CA     sing N N 120 
GLY N     H      sing N N 121 
GLY N     H2     sing N N 122 
GLY CA    C      sing N N 123 
GLY CA    HA2    sing N N 124 
GLY CA    HA3    sing N N 125 
GLY C     O      doub N N 126 
GLY C     OXT    sing N N 127 
GLY OXT   HXT    sing N N 128 
HIS N     CA     sing N N 129 
HIS N     H      sing N N 130 
HIS N     H2     sing N N 131 
HIS CA    C      sing N N 132 
HIS CA    CB     sing N N 133 
HIS CA    HA     sing N N 134 
HIS C     O      doub N N 135 
HIS C     OXT    sing N N 136 
HIS CB    CG     sing N N 137 
HIS CB    HB2    sing N N 138 
HIS CB    HB3    sing N N 139 
HIS CG    ND1    sing Y N 140 
HIS CG    CD2    doub Y N 141 
HIS ND1   CE1    doub Y N 142 
HIS ND1   HD1    sing N N 143 
HIS CD2   NE2    sing Y N 144 
HIS CD2   HD2    sing N N 145 
HIS CE1   NE2    sing Y N 146 
HIS CE1   HE1    sing N N 147 
HIS NE2   HE2    sing N N 148 
HIS OXT   HXT    sing N N 149 
HOH O     H1     sing N N 150 
HOH O     H2     sing N N 151 
ILE N     CA     sing N N 152 
ILE N     H      sing N N 153 
ILE N     H2     sing N N 154 
ILE CA    C      sing N N 155 
ILE CA    CB     sing N N 156 
ILE CA    HA     sing N N 157 
ILE C     O      doub N N 158 
ILE C     OXT    sing N N 159 
ILE CB    CG1    sing N N 160 
ILE CB    CG2    sing N N 161 
ILE CB    HB     sing N N 162 
ILE CG1   CD1    sing N N 163 
ILE CG1   HG12   sing N N 164 
ILE CG1   HG13   sing N N 165 
ILE CG2   HG21   sing N N 166 
ILE CG2   HG22   sing N N 167 
ILE CG2   HG23   sing N N 168 
ILE CD1   HD11   sing N N 169 
ILE CD1   HD12   sing N N 170 
ILE CD1   HD13   sing N N 171 
ILE OXT   HXT    sing N N 172 
LEU N     CA     sing N N 173 
LEU N     H      sing N N 174 
LEU N     H2     sing N N 175 
LEU CA    C      sing N N 176 
LEU CA    CB     sing N N 177 
LEU CA    HA     sing N N 178 
LEU C     O      doub N N 179 
LEU C     OXT    sing N N 180 
LEU CB    CG     sing N N 181 
LEU CB    HB2    sing N N 182 
LEU CB    HB3    sing N N 183 
LEU CG    CD1    sing N N 184 
LEU CG    CD2    sing N N 185 
LEU CG    HG     sing N N 186 
LEU CD1   HD11   sing N N 187 
LEU CD1   HD12   sing N N 188 
LEU CD1   HD13   sing N N 189 
LEU CD2   HD21   sing N N 190 
LEU CD2   HD22   sing N N 191 
LEU CD2   HD23   sing N N 192 
LEU OXT   HXT    sing N N 193 
LYS N     CA     sing N N 194 
LYS N     H      sing N N 195 
LYS N     H2     sing N N 196 
LYS CA    C      sing N N 197 
LYS CA    CB     sing N N 198 
LYS CA    HA     sing N N 199 
LYS C     O      doub N N 200 
LYS C     OXT    sing N N 201 
LYS CB    CG     sing N N 202 
LYS CB    HB2    sing N N 203 
LYS CB    HB3    sing N N 204 
LYS CG    CD     sing N N 205 
LYS CG    HG2    sing N N 206 
LYS CG    HG3    sing N N 207 
LYS CD    CE     sing N N 208 
LYS CD    HD2    sing N N 209 
LYS CD    HD3    sing N N 210 
LYS CE    NZ     sing N N 211 
LYS CE    HE2    sing N N 212 
LYS CE    HE3    sing N N 213 
LYS NZ    HZ1    sing N N 214 
LYS NZ    HZ2    sing N N 215 
LYS NZ    HZ3    sing N N 216 
LYS OXT   HXT    sing N N 217 
MET N     CA     sing N N 218 
MET N     H      sing N N 219 
MET N     H2     sing N N 220 
MET CA    C      sing N N 221 
MET CA    CB     sing N N 222 
MET CA    HA     sing N N 223 
MET C     O      doub N N 224 
MET C     OXT    sing N N 225 
MET CB    CG     sing N N 226 
MET CB    HB2    sing N N 227 
MET CB    HB3    sing N N 228 
MET CG    SD     sing N N 229 
MET CG    HG2    sing N N 230 
MET CG    HG3    sing N N 231 
MET SD    CE     sing N N 232 
MET CE    HE1    sing N N 233 
MET CE    HE2    sing N N 234 
MET CE    HE3    sing N N 235 
MET OXT   HXT    sing N N 236 
PHE N     CA     sing N N 237 
PHE N     H      sing N N 238 
PHE N     H2     sing N N 239 
PHE CA    C      sing N N 240 
PHE CA    CB     sing N N 241 
PHE CA    HA     sing N N 242 
PHE C     O      doub N N 243 
PHE C     OXT    sing N N 244 
PHE CB    CG     sing N N 245 
PHE CB    HB2    sing N N 246 
PHE CB    HB3    sing N N 247 
PHE CG    CD1    doub Y N 248 
PHE CG    CD2    sing Y N 249 
PHE CD1   CE1    sing Y N 250 
PHE CD1   HD1    sing N N 251 
PHE CD2   CE2    doub Y N 252 
PHE CD2   HD2    sing N N 253 
PHE CE1   CZ     doub Y N 254 
PHE CE1   HE1    sing N N 255 
PHE CE2   CZ     sing Y N 256 
PHE CE2   HE2    sing N N 257 
PHE CZ    HZ     sing N N 258 
PHE OXT   HXT    sing N N 259 
PRO N     CA     sing N N 260 
PRO N     CD     sing N N 261 
PRO N     H      sing N N 262 
PRO CA    C      sing N N 263 
PRO CA    CB     sing N N 264 
PRO CA    HA     sing N N 265 
PRO C     O      doub N N 266 
PRO C     OXT    sing N N 267 
PRO CB    CG     sing N N 268 
PRO CB    HB2    sing N N 269 
PRO CB    HB3    sing N N 270 
PRO CG    CD     sing N N 271 
PRO CG    HG2    sing N N 272 
PRO CG    HG3    sing N N 273 
PRO CD    HD2    sing N N 274 
PRO CD    HD3    sing N N 275 
PRO OXT   HXT    sing N N 276 
SER N     CA     sing N N 277 
SER N     H      sing N N 278 
SER N     H2     sing N N 279 
SER CA    C      sing N N 280 
SER CA    CB     sing N N 281 
SER CA    HA     sing N N 282 
SER C     O      doub N N 283 
SER C     OXT    sing N N 284 
SER CB    OG     sing N N 285 
SER CB    HB2    sing N N 286 
SER CB    HB3    sing N N 287 
SER OG    HG     sing N N 288 
SER OXT   HXT    sing N N 289 
SO4 S     O1     doub N N 290 
SO4 S     O2     doub N N 291 
SO4 S     O3     sing N N 292 
SO4 S     O4     sing N N 293 
THR N     CA     sing N N 294 
THR N     H      sing N N 295 
THR N     H2     sing N N 296 
THR CA    C      sing N N 297 
THR CA    CB     sing N N 298 
THR CA    HA     sing N N 299 
THR C     O      doub N N 300 
THR C     OXT    sing N N 301 
THR CB    OG1    sing N N 302 
THR CB    CG2    sing N N 303 
THR CB    HB     sing N N 304 
THR OG1   HG1    sing N N 305 
THR CG2   HG21   sing N N 306 
THR CG2   HG22   sing N N 307 
THR CG2   HG23   sing N N 308 
THR OXT   HXT    sing N N 309 
TQD C2D   "N1'"  sing N N 310 
TQD C2D   "N2'"  sing N N 311 
TQD C2D   "N3'"  sing N N 312 
TQD C2D   "H2'"  sing N N 313 
TQD C4D   C4A    sing N N 314 
TQD C4D   "N3'"  doub N N 315 
TQD C4D   "N4'"  sing N N 316 
TQD C4A   C5D    sing N N 317 
TQD C4A   C8A    doub N N 318 
TQD C5D   C6D    sing N N 319 
TQD C5D   "H5'1" sing N N 320 
TQD C5D   "H5'2" sing N N 321 
TQD C6D   "C7'"  sing N N 322 
TQD C6D   "C8'"  sing N N 323 
TQD C6D   "H6'"  sing N N 324 
TQD "C7'" C8     sing N N 325 
TQD "C7'" "H7'1" sing N N 326 
TQD "C7'" "H7'2" sing N N 327 
TQD C8    C8A    sing N N 328 
TQD C8    H81    sing N N 329 
TQD C8    H82    sing N N 330 
TQD C8A   "N1'"  sing N N 331 
TQD "C8'" "N9'"  sing N N 332 
TQD "C8'" "H8'1" sing N N 333 
TQD "C8'" "H8'2" sing N N 334 
TQD "C1'" "C2'"  doub Y N 335 
TQD "C1'" "C6'"  sing Y N 336 
TQD "C1'" "N9'"  sing N N 337 
TQD "C2'" "C3'"  sing Y N 338 
TQD "C2'" "H2'1" sing N N 339 
TQD "C3'" "C4'"  doub Y N 340 
TQD "C3'" "O3'"  sing N N 341 
TQD C3B   "O3'"  sing N N 342 
TQD C3B   H3B1   sing N N 343 
TQD C3B   H3B2   sing N N 344 
TQD C3B   H3B3   sing N N 345 
TQD "C4'" "C5'"  sing Y N 346 
TQD "C4'" "O4'"  sing N N 347 
TQD C4B   "O4'"  sing N N 348 
TQD C4B   H4B1   sing N N 349 
TQD C4B   H4B2   sing N N 350 
TQD C4B   H4B3   sing N N 351 
TQD "C5'" "C6'"  doub Y N 352 
TQD "C5'" "O5'"  sing N N 353 
TQD C5B   "O5'"  sing N N 354 
TQD C5B   H5B1   sing N N 355 
TQD C5B   H5B2   sing N N 356 
TQD C5B   H5B3   sing N N 357 
TQD "C6'" "H6'1" sing N N 358 
TQD "N1'" H1D    sing N N 359 
TQD "N2'" H2A1   sing N N 360 
TQD "N2'" H2A2   sing N N 361 
TQD "N4'" "H4'1" sing N N 362 
TQD "N4'" "H4'2" sing N N 363 
TQD "N9'" "C9'"  sing N N 364 
TQD "C9'" "H9'1" sing N N 365 
TQD "C9'" "H9'2" sing N N 366 
TQD "C9'" "H9'3" sing N N 367 
TRP N     CA     sing N N 368 
TRP N     H      sing N N 369 
TRP N     H2     sing N N 370 
TRP CA    C      sing N N 371 
TRP CA    CB     sing N N 372 
TRP CA    HA     sing N N 373 
TRP C     O      doub N N 374 
TRP C     OXT    sing N N 375 
TRP CB    CG     sing N N 376 
TRP CB    HB2    sing N N 377 
TRP CB    HB3    sing N N 378 
TRP CG    CD1    doub Y N 379 
TRP CG    CD2    sing Y N 380 
TRP CD1   NE1    sing Y N 381 
TRP CD1   HD1    sing N N 382 
TRP CD2   CE2    doub Y N 383 
TRP CD2   CE3    sing Y N 384 
TRP NE1   CE2    sing Y N 385 
TRP NE1   HE1    sing N N 386 
TRP CE2   CZ2    sing Y N 387 
TRP CE3   CZ3    doub Y N 388 
TRP CE3   HE3    sing N N 389 
TRP CZ2   CH2    doub Y N 390 
TRP CZ2   HZ2    sing N N 391 
TRP CZ3   CH2    sing Y N 392 
TRP CZ3   HZ3    sing N N 393 
TRP CH2   HH2    sing N N 394 
TRP OXT   HXT    sing N N 395 
TYR N     CA     sing N N 396 
TYR N     H      sing N N 397 
TYR N     H2     sing N N 398 
TYR CA    C      sing N N 399 
TYR CA    CB     sing N N 400 
TYR CA    HA     sing N N 401 
TYR C     O      doub N N 402 
TYR C     OXT    sing N N 403 
TYR CB    CG     sing N N 404 
TYR CB    HB2    sing N N 405 
TYR CB    HB3    sing N N 406 
TYR CG    CD1    doub Y N 407 
TYR CG    CD2    sing Y N 408 
TYR CD1   CE1    sing Y N 409 
TYR CD1   HD1    sing N N 410 
TYR CD2   CE2    doub Y N 411 
TYR CD2   HD2    sing N N 412 
TYR CE1   CZ     doub Y N 413 
TYR CE1   HE1    sing N N 414 
TYR CE2   CZ     sing Y N 415 
TYR CE2   HE2    sing N N 416 
TYR CZ    OH     sing N N 417 
TYR OH    HH     sing N N 418 
TYR OXT   HXT    sing N N 419 
VAL N     CA     sing N N 420 
VAL N     H      sing N N 421 
VAL N     H2     sing N N 422 
VAL CA    C      sing N N 423 
VAL CA    CB     sing N N 424 
VAL CA    HA     sing N N 425 
VAL C     O      doub N N 426 
VAL C     OXT    sing N N 427 
VAL CB    CG1    sing N N 428 
VAL CB    CG2    sing N N 429 
VAL CB    HB     sing N N 430 
VAL CG1   HG11   sing N N 431 
VAL CG1   HG12   sing N N 432 
VAL CG1   HG13   sing N N 433 
VAL CG2   HG21   sing N N 434 
VAL CG2   HG22   sing N N 435 
VAL CG2   HG23   sing N N 436 
VAL OXT   HXT    sing N N 437 
# 
_atom_sites.entry_id                    1S3V 
_atom_sites.fract_transf_matrix[1][1]   0.00516302 
_atom_sites.fract_transf_matrix[1][2]   0.00737310 
_atom_sites.fract_transf_matrix[1][3]   0.00595763 
_atom_sites.fract_transf_matrix[2][1]   -0.00445526 
_atom_sites.fract_transf_matrix[2][2]   0.00364143 
_atom_sites.fract_transf_matrix[2][3]   0.00913360 
_atom_sites.fract_transf_matrix[3][1]   0.01031478 
_atom_sites.fract_transf_matrix[3][2]   -0.01665319 
_atom_sites.fract_transf_matrix[3][3]   0.01167081 
_atom_sites.fract_transf_vector[1]      0.200435 
_atom_sites.fract_transf_vector[2]      0.386807 
_atom_sites.fract_transf_vector[3]      0.126082 
# 
loop_
_atom_type.symbol 
C 
N 
O 
S 
# 
loop_
_atom_site.group_PDB 
_atom_site.id 
_atom_site.type_symbol 
_atom_site.label_atom_id 
_atom_site.label_alt_id 
_atom_site.label_comp_id 
_atom_site.label_asym_id 
_atom_site.label_entity_id 
_atom_site.label_seq_id 
_atom_site.pdbx_PDB_ins_code 
_atom_site.Cartn_x 
_atom_site.Cartn_y 
_atom_site.Cartn_z 
_atom_site.occupancy 
_atom_site.B_iso_or_equiv 
_atom_site.pdbx_formal_charge 
_atom_site.auth_seq_id 
_atom_site.auth_comp_id 
_atom_site.auth_asym_id 
_atom_site.auth_atom_id 
_atom_site.pdbx_PDB_model_num 
ATOM   1    N N     . VAL A 1 1   ? 14.448  3.580   11.751  1.00 62.78 ? 1   VAL A N     1 
ATOM   2    C CA    . VAL A 1 1   ? 13.069  3.966   12.116  1.00 62.58 ? 1   VAL A CA    1 
ATOM   3    C C     . VAL A 1 1   ? 12.150  3.586   10.938  1.00 61.45 ? 1   VAL A C     1 
ATOM   4    O O     . VAL A 1 1   ? 11.985  2.446   10.493  1.00 62.28 ? 1   VAL A O     1 
ATOM   5    C CB    . VAL A 1 1   ? 12.947  5.482   12.391  1.00 62.41 ? 1   VAL A CB    1 
ATOM   6    C CG1   . VAL A 1 1   ? 11.591  5.856   12.998  1.00 62.55 ? 1   VAL A CG1   1 
ATOM   7    C CG2   . VAL A 1 1   ? 14.085  6.051   13.225  1.00 63.12 ? 1   VAL A CG2   1 
ATOM   8    N N     . GLY A 1 2   ? 11.607  4.681   10.446  1.00 59.47 ? 2   GLY A N     1 
ATOM   9    C CA    . GLY A 1 2   ? 10.699  4.702   9.307   1.00 56.62 ? 2   GLY A CA    1 
ATOM   10   C C     . GLY A 1 2   ? 9.429   5.435   9.739   1.00 54.02 ? 2   GLY A C     1 
ATOM   11   O O     . GLY A 1 2   ? 9.321   6.068   10.800  1.00 56.36 ? 2   GLY A O     1 
ATOM   12   N N     . SER A 1 3   ? 8.496   5.311   8.838   1.00 49.82 ? 3   SER A N     1 
ATOM   13   C CA    . SER A 1 3   ? 7.157   5.911   8.981   1.00 45.57 ? 3   SER A CA    1 
ATOM   14   C C     . SER A 1 3   ? 6.199   4.819   8.461   1.00 40.92 ? 3   SER A C     1 
ATOM   15   O O     . SER A 1 3   ? 6.715   3.936   7.748   1.00 40.24 ? 3   SER A O     1 
ATOM   16   C CB    . SER A 1 3   ? 7.135   7.179   8.153   1.00 45.97 ? 3   SER A CB    1 
ATOM   17   O OG    . SER A 1 3   ? 7.887   7.027   6.951   1.00 45.54 ? 3   SER A OG    1 
ATOM   18   N N     . LEU A 1 4   ? 4.960   4.979   8.851   1.00 35.88 ? 4   LEU A N     1 
ATOM   19   C CA    . LEU A 1 4   ? 3.853   4.109   8.461   1.00 31.08 ? 4   LEU A CA    1 
ATOM   20   C C     . LEU A 1 4   ? 3.021   4.760   7.329   1.00 25.55 ? 4   LEU A C     1 
ATOM   21   O O     . LEU A 1 4   ? 2.388   5.808   7.566   1.00 24.37 ? 4   LEU A O     1 
ATOM   22   C CB    . LEU A 1 4   ? 2.973   3.891   9.677   1.00 31.81 ? 4   LEU A CB    1 
ATOM   23   C CG    . LEU A 1 4   ? 2.090   2.668   9.614   1.00 32.63 ? 4   LEU A CG    1 
ATOM   24   C CD1   . LEU A 1 4   ? 2.913   1.405   9.284   1.00 34.94 ? 4   LEU A CD1   1 
ATOM   25   C CD2   . LEU A 1 4   ? 1.537   2.402   11.018  1.00 32.86 ? 4   LEU A CD2   1 
ATOM   26   N N     . ASN A 1 5   ? 3.045   4.060   6.194   1.00 20.95 ? 5   ASN A N     1 
ATOM   27   C CA    . ASN A 1 5   ? 2.362   4.641   5.020   1.00 19.76 ? 5   ASN A CA    1 
ATOM   28   C C     . ASN A 1 5   ? 1.399   3.639   4.387   1.00 18.41 ? 5   ASN A C     1 
ATOM   29   O O     . ASN A 1 5   ? 1.770   2.441   4.406   1.00 19.32 ? 5   ASN A O     1 
ATOM   30   C CB    . ASN A 1 5   ? 3.445   5.021   4.003   1.00 20.55 ? 5   ASN A CB    1 
ATOM   31   C CG    . ASN A 1 5   ? 4.565   5.906   4.499   1.00 24.20 ? 5   ASN A CG    1 
ATOM   32   O OD1   . ASN A 1 5   ? 4.227   7.091   4.682   1.00 25.90 ? 5   ASN A OD1   1 
ATOM   33   N ND2   . ASN A 1 5   ? 5.753   5.355   4.724   1.00 24.65 ? 5   ASN A ND2   1 
ATOM   34   N N     . CYS A 1 6   ? 0.301   4.131   3.894   1.00 15.73 ? 6   CYS A N     1 
ATOM   35   C CA    . CYS A 1 6   ? -0.674  3.306   3.186   1.00 14.34 ? 6   CYS A CA    1 
ATOM   36   C C     . CYS A 1 6   ? -0.598  3.809   1.706   1.00 13.89 ? 6   CYS A C     1 
ATOM   37   O O     . CYS A 1 6   ? -0.579  5.022   1.523   1.00 17.07 ? 6   CYS A O     1 
ATOM   38   C CB    . CYS A 1 6   ? -2.113  3.415   3.607   1.00 15.79 ? 6   CYS A CB    1 
ATOM   39   S SG    . CYS A 1 6   ? -2.502  2.558   5.179   1.00 22.25 ? 6   CYS A SG    1 
ATOM   40   N N     . ILE A 1 7   ? -0.643  2.866   0.769   1.00 13.58 ? 7   ILE A N     1 
ATOM   41   C CA    . ILE A 1 7   ? -0.676  3.332   -0.639  1.00 10.05 ? 7   ILE A CA    1 
ATOM   42   C C     . ILE A 1 7   ? -1.848  2.578   -1.256  1.00 11.40 ? 7   ILE A C     1 
ATOM   43   O O     . ILE A 1 7   ? -1.973  1.345   -1.146  1.00 10.94 ? 7   ILE A O     1 
ATOM   44   C CB    . ILE A 1 7   ? 0.697   3.214   -1.363  1.00 9.93  ? 7   ILE A CB    1 
ATOM   45   C CG1   . ILE A 1 7   ? 0.631   3.850   -2.784  1.00 9.91  ? 7   ILE A CG1   1 
ATOM   46   C CG2   . ILE A 1 7   ? 1.155   1.710   -1.319  1.00 10.81 ? 7   ILE A CG2   1 
ATOM   47   C CD1   . ILE A 1 7   ? 2.054   4.049   -3.416  1.00 11.61 ? 7   ILE A CD1   1 
ATOM   48   N N     . VAL A 1 8   ? -2.672  3.310   -2.042  1.00 10.85 ? 8   VAL A N     1 
ATOM   49   C CA    . VAL A 1 8   ? -3.834  2.673   -2.706  1.00 10.68 ? 8   VAL A CA    1 
ATOM   50   C C     . VAL A 1 8   ? -4.224  3.380   -4.011  1.00 10.58 ? 8   VAL A C     1 
ATOM   51   O O     . VAL A 1 8   ? -3.950  4.583   -4.092  1.00 10.40 ? 8   VAL A O     1 
ATOM   52   C CB    . VAL A 1 8   ? -5.029  2.667   -1.720  1.00 11.00 ? 8   VAL A CB    1 
ATOM   53   C CG1   . VAL A 1 8   ? -5.463  4.070   -1.273  1.00 11.87 ? 8   VAL A CG1   1 
ATOM   54   C CG2   . VAL A 1 8   ? -6.150  1.726   -2.255  1.00 10.98 ? 8   VAL A CG2   1 
ATOM   55   N N     . ALA A 1 9   ? -4.805  2.655   -4.947  1.00 9.39  ? 9   ALA A N     1 
ATOM   56   C CA    . ALA A 1 9   ? -5.384  3.282   -6.175  1.00 10.31 ? 9   ALA A CA    1 
ATOM   57   C C     . ALA A 1 9   ? -6.878  2.941   -6.091  1.00 10.33 ? 9   ALA A C     1 
ATOM   58   O O     . ALA A 1 9   ? -7.207  1.764   -5.856  1.00 10.95 ? 9   ALA A O     1 
ATOM   59   C CB    . ALA A 1 9   ? -4.761  2.812   -7.463  1.00 10.37 ? 9   ALA A CB    1 
ATOM   60   N N     . VAL A 1 10  ? -7.766  3.942   -6.207  1.00 11.04 ? 10  VAL A N     1 
ATOM   61   C CA    . VAL A 1 10  ? -9.196  3.714   -6.010  1.00 13.28 ? 10  VAL A CA    1 
ATOM   62   C C     . VAL A 1 10  ? -10.019 4.353   -7.139  1.00 14.70 ? 10  VAL A C     1 
ATOM   63   O O     . VAL A 1 10  ? -9.670  5.496   -7.498  1.00 14.70 ? 10  VAL A O     1 
ATOM   64   C CB    . VAL A 1 10  ? -9.840  4.258   -4.714  1.00 13.99 ? 10  VAL A CB    1 
ATOM   65   C CG1   . VAL A 1 10  ? -9.599  3.483   -3.461  1.00 17.37 ? 10  VAL A CG1   1 
ATOM   66   C CG2   . VAL A 1 10  ? -9.560  5.737   -4.388  1.00 17.84 ? 10  VAL A CG2   1 
ATOM   67   N N     . SER A 1 11  ? -11.073 3.646   -7.491  1.00 13.69 ? 11  SER A N     1 
ATOM   68   C CA    . SER A 1 11  ? -12.014 4.189   -8.486  1.00 11.55 ? 11  SER A CA    1 
ATOM   69   C C     . SER A 1 11  ? -12.913 5.189   -7.709  1.00 14.08 ? 11  SER A C     1 
ATOM   70   O O     . SER A 1 11  ? -12.916 5.359   -6.469  1.00 12.21 ? 11  SER A O     1 
ATOM   71   C CB    . SER A 1 11  ? -12.791 3.049   -9.162  1.00 9.97  ? 11  SER A CB    1 
ATOM   72   O OG    . SER A 1 11  ? -13.595 2.527   -8.129  1.00 10.23 ? 11  SER A OG    1 
ATOM   73   N N     . GLN A 1 12  ? -13.716 5.909   -8.474  1.00 14.37 ? 12  GLN A N     1 
ATOM   74   C CA    . GLN A 1 12  ? -14.662 6.897   -7.912  1.00 15.61 ? 12  GLN A CA    1 
ATOM   75   C C     . GLN A 1 12  ? -15.640 6.282   -6.957  1.00 14.41 ? 12  GLN A C     1 
ATOM   76   O O     . GLN A 1 12  ? -16.004 6.949   -5.993  1.00 14.15 ? 12  GLN A O     1 
ATOM   77   C CB    . GLN A 1 12  ? -15.568 7.541   -9.011  1.00 17.63 ? 12  GLN A CB    1 
ATOM   78   C CG    . GLN A 1 12  ? -14.805 8.591   -9.749  1.00 24.11 ? 12  GLN A CG    1 
ATOM   79   C CD    . GLN A 1 12  ? -15.668 9.472   -10.645 1.00 27.51 ? 12  GLN A CD    1 
ATOM   80   O OE1   . GLN A 1 12  ? -15.076 10.518  -10.953 1.00 29.54 ? 12  GLN A OE1   1 
ATOM   81   N NE2   . GLN A 1 12  ? -16.896 9.071   -10.979 1.00 29.72 ? 12  GLN A NE2   1 
ATOM   82   N N     . ASN A 1 13  ? -16.000 5.036   -7.276  1.00 12.95 ? 13  ASN A N     1 
ATOM   83   C CA    . ASN A 1 13  ? -16.916 4.234   -6.427  1.00 14.17 ? 13  ASN A CA    1 
ATOM   84   C C     . ASN A 1 13  ? -16.147 3.477   -5.347  1.00 13.55 ? 13  ASN A C     1 
ATOM   85   O O     . ASN A 1 13  ? -16.686 2.529   -4.793  1.00 13.72 ? 13  ASN A O     1 
ATOM   86   C CB    . ASN A 1 13  ? -17.865 3.317   -7.222  1.00 16.32 ? 13  ASN A CB    1 
ATOM   87   C CG    . ASN A 1 13  ? -17.170 2.335   -8.136  1.00 14.98 ? 13  ASN A CG    1 
ATOM   88   O OD1   . ASN A 1 13  ? -16.158 2.711   -8.808  1.00 15.83 ? 13  ASN A OD1   1 
ATOM   89   N ND2   . ASN A 1 13  ? -17.543 1.038   -8.224  1.00 17.28 ? 13  ASN A ND2   1 
ATOM   90   N N     . MET A 1 14  ? -14.930 3.867   -5.024  1.00 12.45 ? 14  MET A N     1 
ATOM   91   C CA    . MET A 1 14  ? -14.000 3.422   -4.008  1.00 13.75 ? 14  MET A CA    1 
ATOM   92   C C     . MET A 1 14  ? -13.543 1.958   -4.201  1.00 12.88 ? 14  MET A C     1 
ATOM   93   O O     . MET A 1 14  ? -13.177 1.329   -3.200  1.00 14.75 ? 14  MET A O     1 
ATOM   94   C CB    . MET A 1 14  ? -14.526 3.506   -2.556  1.00 17.06 ? 14  MET A CB    1 
ATOM   95   C CG    . MET A 1 14  ? -15.067 4.864   -2.123  1.00 24.54 ? 14  MET A CG    1 
ATOM   96   S SD    . MET A 1 14  ? -13.631 6.000   -2.066  1.00 32.99 ? 14  MET A SD    1 
ATOM   97   C CE    . MET A 1 14  ? -12.972 5.544   -0.433  1.00 31.04 ? 14  MET A CE    1 
ATOM   98   N N     . GLY A 1 15  ? -13.548 1.445   -5.384  1.00 11.43 ? 15  GLY A N     1 
ATOM   99   C CA    . GLY A 1 15  ? -13.156 0.062   -5.740  1.00 11.76 ? 15  GLY A CA    1 
ATOM   100  C C     . GLY A 1 15  ? -11.621 -0.077  -5.870  1.00 10.57 ? 15  GLY A C     1 
ATOM   101  O O     . GLY A 1 15  ? -11.022 0.857   -6.371  1.00 10.03 ? 15  GLY A O     1 
ATOM   102  N N     . ILE A 1 16  ? -11.121 -1.203  -5.385  1.00 10.05 ? 16  ILE A N     1 
ATOM   103  C CA    . ILE A 1 16  ? -9.649  -1.419  -5.537  1.00 11.11 ? 16  ILE A CA    1 
ATOM   104  C C     . ILE A 1 16  ? -9.421  -2.797  -6.182  1.00 12.15 ? 16  ILE A C     1 
ATOM   105  O O     . ILE A 1 16  ? -8.246  -3.095  -6.520  1.00 13.97 ? 16  ILE A O     1 
ATOM   106  C CB    . ILE A 1 16  ? -8.999  -1.303  -4.128  1.00 11.46 ? 16  ILE A CB    1 
ATOM   107  C CG1   . ILE A 1 16  ? -9.462  -2.431  -3.143  1.00 10.70 ? 16  ILE A CG1   1 
ATOM   108  C CG2   . ILE A 1 16  ? -9.169  0.082   -3.456  1.00 12.18 ? 16  ILE A CG2   1 
ATOM   109  C CD1   . ILE A 1 16  ? -8.780  -2.461  -1.747  1.00 15.36 ? 16  ILE A CD1   1 
ATOM   110  N N     . GLY A 1 17  ? -10.427 -3.629  -6.362  1.00 9.96  ? 17  GLY A N     1 
ATOM   111  C CA    . GLY A 1 17  ? -10.132 -4.963  -6.973  1.00 11.30 ? 17  GLY A CA    1 
ATOM   112  C C     . GLY A 1 17  ? -11.463 -5.525  -7.542  1.00 12.42 ? 17  GLY A C     1 
ATOM   113  O O     . GLY A 1 17  ? -12.569 -5.105  -7.189  1.00 13.04 ? 17  GLY A O     1 
ATOM   114  N N     . LYS A 1 18  ? -11.260 -6.484  -8.414  1.00 11.91 ? 18  LYS A N     1 
ATOM   115  C CA    . LYS A 1 18  ? -12.372 -7.229  -9.047  1.00 9.54  ? 18  LYS A CA    1 
ATOM   116  C C     . LYS A 1 18  ? -11.871 -8.595  -9.458  1.00 10.53 ? 18  LYS A C     1 
ATOM   117  O O     . LYS A 1 18  ? -11.016 -8.611  -10.339 1.00 10.59 ? 18  LYS A O     1 
ATOM   118  C CB    . LYS A 1 18  ? -12.829 -6.354  -10.221 1.00 10.40 ? 18  LYS A CB    1 
ATOM   119  C CG    . LYS A 1 18  ? -13.973 -7.020  -11.041 1.00 14.11 ? 18  LYS A CG    1 
ATOM   120  C CD    . LYS A 1 18  ? -15.216 -7.325  -10.261 1.00 19.36 ? 18  LYS A CD    1 
ATOM   121  C CE    . LYS A 1 18  ? -16.246 -7.927  -11.271 1.00 21.42 ? 18  LYS A CE    1 
ATOM   122  N NZ    . LYS A 1 18  ? -17.506 -8.112  -10.519 1.00 27.57 ? 18  LYS A NZ    1 
ATOM   123  N N     . ASN A 1 19  ? -12.430 -9.642  -8.935  1.00 11.61 ? 19  ASN A N     1 
ATOM   124  C CA    . ASN A 1 19  ? -12.017 -11.053 -9.228  1.00 13.32 ? 19  ASN A CA    1 
ATOM   125  C C     . ASN A 1 19  ? -10.509 -11.305 -9.246  1.00 14.67 ? 19  ASN A C     1 
ATOM   126  O O     . ASN A 1 19  ? -10.025 -12.014 -10.130 1.00 15.22 ? 19  ASN A O     1 
ATOM   127  C CB    . ASN A 1 19  ? -12.652 -11.505 -10.538 1.00 16.89 ? 19  ASN A CB    1 
ATOM   128  C CG    . ASN A 1 19  ? -14.151 -11.620 -10.368 1.00 16.82 ? 19  ASN A CG    1 
ATOM   129  O OD1   . ASN A 1 19  ? -14.562 -12.230 -9.386  1.00 23.03 ? 19  ASN A OD1   1 
ATOM   130  N ND2   . ASN A 1 19  ? -14.959 -11.064 -11.269 1.00 20.56 ? 19  ASN A ND2   1 
ATOM   131  N N     . GLY A 1 20  ? -9.708  -10.761 -8.374  1.00 14.14 ? 20  GLY A N     1 
ATOM   132  C CA    . GLY A 1 20  ? -8.260  -11.058 -8.438  1.00 14.47 ? 20  GLY A CA    1 
ATOM   133  C C     . GLY A 1 20  ? -7.459  -10.109 -9.302  1.00 16.69 ? 20  GLY A C     1 
ATOM   134  O O     . GLY A 1 20  ? -6.222  -10.240 -9.362  1.00 16.53 ? 20  GLY A O     1 
ATOM   135  N N     . ASP A 1 21  ? -8.057  -9.067  -9.893  1.00 14.90 ? 21  ASP A N     1 
ATOM   136  C CA    . ASP A 1 21  ? -7.252  -8.146  -10.723 1.00 16.08 ? 21  ASP A CA    1 
ATOM   137  C C     . ASP A 1 21  ? -7.690  -6.736  -10.335 1.00 14.95 ? 21  ASP A C     1 
ATOM   138  O O     . ASP A 1 21  ? -8.505  -6.593  -9.404  1.00 15.25 ? 21  ASP A O     1 
ATOM   139  C CB    . ASP A 1 21  ? -7.516  -8.530  -12.165 1.00 18.82 ? 21  ASP A CB    1 
ATOM   140  C CG    . ASP A 1 21  ? -6.428  -7.985  -13.084 1.00 23.81 ? 21  ASP A CG    1 
ATOM   141  O OD1   . ASP A 1 21  ? -5.536  -7.188  -12.833 1.00 24.38 ? 21  ASP A OD1   1 
ATOM   142  O OD2   . ASP A 1 21  ? -6.449  -8.482  -14.220 1.00 27.67 ? 21  ASP A OD2   1 
ATOM   143  N N     . LEU A 1 22  ? -7.181  -5.760  -11.034 1.00 13.28 ? 22  LEU A N     1 
ATOM   144  C CA    . LEU A 1 22  ? -7.601  -4.355  -10.796 1.00 13.80 ? 22  LEU A CA    1 
ATOM   145  C C     . LEU A 1 22  ? -8.936  -4.210  -11.578 1.00 12.51 ? 22  LEU A C     1 
ATOM   146  O O     . LEU A 1 22  ? -9.131  -4.827  -12.640 1.00 13.41 ? 22  LEU A O     1 
ATOM   147  C CB    . LEU A 1 22  ? -6.570  -3.450  -11.447 1.00 15.84 ? 22  LEU A CB    1 
ATOM   148  C CG    . LEU A 1 22  ? -5.288  -3.018  -10.744 1.00 20.68 ? 22  LEU A CG    1 
ATOM   149  C CD1   . LEU A 1 22  ? -5.054  -3.693  -9.448  1.00 23.05 ? 22  LEU A CD1   1 
ATOM   150  C CD2   . LEU A 1 22  ? -4.165  -3.127  -11.758 1.00 22.84 ? 22  LEU A CD2   1 
ATOM   151  N N     . PRO A 1 23  ? -9.729  -3.245  -11.112 1.00 12.96 ? 23  PRO A N     1 
ATOM   152  C CA    . PRO A 1 23  ? -11.029 -2.968  -11.770 1.00 14.17 ? 23  PRO A CA    1 
ATOM   153  C C     . PRO A 1 23  ? -10.867 -2.352  -13.174 1.00 13.67 ? 23  PRO A C     1 
ATOM   154  O O     . PRO A 1 23  ? -11.721 -2.552  -14.050 1.00 14.01 ? 23  PRO A O     1 
ATOM   155  C CB    . PRO A 1 23  ? -11.748 -2.064  -10.780 1.00 14.04 ? 23  PRO A CB    1 
ATOM   156  C CG    . PRO A 1 23  ? -11.091 -2.394  -9.430  1.00 14.86 ? 23  PRO A CG    1 
ATOM   157  C CD    . PRO A 1 23  ? -9.587  -2.472  -9.877  1.00 12.12 ? 23  PRO A CD    1 
ATOM   158  N N     . TRP A 1 24  ? -9.802  -1.625  -13.367 1.00 10.57 ? 24  TRP A N     1 
ATOM   159  C CA    . TRP A 1 24  ? -9.507  -0.876  -14.612 1.00 13.49 ? 24  TRP A CA    1 
ATOM   160  C C     . TRP A 1 24  ? -8.450  -1.593  -15.442 1.00 14.79 ? 24  TRP A C     1 
ATOM   161  O O     . TRP A 1 24  ? -7.723  -2.480  -14.951 1.00 17.25 ? 24  TRP A O     1 
ATOM   162  C CB    . TRP A 1 24  ? -9.004  0.520   -14.202 1.00 12.80 ? 24  TRP A CB    1 
ATOM   163  C CG    . TRP A 1 24  ? -8.052  0.540   -13.031 1.00 12.31 ? 24  TRP A CG    1 
ATOM   164  C CD1   . TRP A 1 24  ? -6.690  0.437   -13.067 1.00 12.07 ? 24  TRP A CD1   1 
ATOM   165  C CD2   . TRP A 1 24  ? -8.412  0.710   -11.635 1.00 13.28 ? 24  TRP A CD2   1 
ATOM   166  N NE1   . TRP A 1 24  ? -6.143  0.512   -11.819 1.00 13.16 ? 24  TRP A NE1   1 
ATOM   167  C CE2   . TRP A 1 24  ? -7.189  0.633   -10.902 1.00 12.97 ? 24  TRP A CE2   1 
ATOM   168  C CE3   . TRP A 1 24  ? -9.598  0.906   -10.928 1.00 12.69 ? 24  TRP A CE3   1 
ATOM   169  C CZ2   . TRP A 1 24  ? -7.118  0.773   -9.533  1.00 13.63 ? 24  TRP A CZ2   1 
ATOM   170  C CZ3   . TRP A 1 24  ? -9.559  0.977   -9.524  1.00 12.23 ? 24  TRP A CZ3   1 
ATOM   171  C CH2   . TRP A 1 24  ? -8.298  0.960   -8.846  1.00 12.38 ? 24  TRP A CH2   1 
ATOM   172  N N     . PRO A 1 25  ? -8.284  -1.159  -16.685 1.00 16.89 ? 25  PRO A N     1 
ATOM   173  C CA    . PRO A 1 25  ? -7.218  -1.709  -17.534 1.00 15.08 ? 25  PRO A CA    1 
ATOM   174  C C     . PRO A 1 25  ? -5.884  -1.209  -16.928 1.00 18.34 ? 25  PRO A C     1 
ATOM   175  O O     . PRO A 1 25  ? -5.883  -0.203  -16.157 1.00 16.64 ? 25  PRO A O     1 
ATOM   176  C CB    . PRO A 1 25  ? -7.431  -1.046  -18.896 1.00 19.68 ? 25  PRO A CB    1 
ATOM   177  C CG    . PRO A 1 25  ? -8.608  -0.164  -18.751 1.00 16.96 ? 25  PRO A CG    1 
ATOM   178  C CD    . PRO A 1 25  ? -9.109  -0.106  -17.326 1.00 17.68 ? 25  PRO A CD    1 
ATOM   179  N N     . PRO A 1 26  ? -4.799  -1.878  -17.294 1.00 18.46 ? 26  PRO A N     1 
ATOM   180  C CA    . PRO A 1 26  ? -3.471  -1.531  -16.822 1.00 19.82 ? 26  PRO A CA    1 
ATOM   181  C C     . PRO A 1 26  ? -3.096  -0.083  -17.126 1.00 20.00 ? 26  PRO A C     1 
ATOM   182  O O     . PRO A 1 26  ? -3.245  0.304   -18.300 1.00 22.16 ? 26  PRO A O     1 
ATOM   183  C CB    . PRO A 1 26  ? -2.506  -2.485  -17.488 1.00 20.56 ? 26  PRO A CB    1 
ATOM   184  C CG    . PRO A 1 26  ? -3.322  -3.359  -18.376 1.00 23.69 ? 26  PRO A CG    1 
ATOM   185  C CD    . PRO A 1 26  ? -4.789  -3.007  -18.242 1.00 19.63 ? 26  PRO A CD    1 
ATOM   186  N N     . LEU A 1 27  ? -2.639  0.609   -16.099 1.00 18.06 ? 27  LEU A N     1 
ATOM   187  C CA    . LEU A 1 27  ? -2.209  1.990   -16.198 1.00 16.43 ? 27  LEU A CA    1 
ATOM   188  C C     . LEU A 1 27  ? -0.710  1.931   -15.882 1.00 16.79 ? 27  LEU A C     1 
ATOM   189  O O     . LEU A 1 27  ? -0.317  1.903   -14.713 1.00 18.87 ? 27  LEU A O     1 
ATOM   190  C CB    . LEU A 1 27  ? -2.949  2.935   -15.279 1.00 15.78 ? 27  LEU A CB    1 
ATOM   191  C CG    . LEU A 1 27  ? -4.479  3.108   -15.387 1.00 17.18 ? 27  LEU A CG    1 
ATOM   192  C CD1   . LEU A 1 27  ? -4.951  4.050   -14.284 1.00 16.89 ? 27  LEU A CD1   1 
ATOM   193  C CD2   . LEU A 1 27  ? -4.777  3.588   -16.834 1.00 17.36 ? 27  LEU A CD2   1 
ATOM   194  N N     . ARG A 1 28  ? 0.107   1.966   -16.915 1.00 16.87 ? 28  ARG A N     1 
ATOM   195  C CA    . ARG A 1 28  ? 1.566   1.858   -16.746 1.00 19.36 ? 28  ARG A CA    1 
ATOM   196  C C     . ARG A 1 28  ? 2.253   2.859   -15.863 1.00 18.97 ? 28  ARG A C     1 
ATOM   197  O O     . ARG A 1 28  ? 3.114   2.322   -15.150 1.00 18.55 ? 28  ARG A O     1 
ATOM   198  C CB    . ARG A 1 28  ? 2.263   1.682   -18.123 1.00 25.22 ? 28  ARG A CB    1 
ATOM   199  C CG    . ARG A 1 28  ? 1.433   0.568   -18.803 1.00 33.29 ? 28  ARG A CG    1 
ATOM   200  C CD    . ARG A 1 28  ? 2.207   -0.319  -19.724 1.00 40.74 ? 28  ARG A CD    1 
ATOM   201  N NE    . ARG A 1 28  ? 1.380   -1.378  -20.331 1.00 46.84 ? 28  ARG A NE    1 
ATOM   202  C CZ    . ARG A 1 28  ? 0.628   -1.311  -21.433 1.00 49.14 ? 28  ARG A CZ    1 
ATOM   203  N NH1   . ARG A 1 28  ? -0.160  -2.328  -21.816 1.00 50.72 ? 28  ARG A NH1   1 
ATOM   204  N NH2   . ARG A 1 28  ? 0.698   -0.210  -22.194 1.00 50.71 ? 28  ARG A NH2   1 
ATOM   205  N N     . ASN A 1 29  ? 1.957   4.107   -15.881 1.00 16.15 ? 29  ASN A N     1 
ATOM   206  C CA    . ASN A 1 29  ? 2.553   5.103   -15.056 1.00 16.92 ? 29  ASN A CA    1 
ATOM   207  C C     . ASN A 1 29  ? 1.986   4.952   -13.616 1.00 16.23 ? 29  ASN A C     1 
ATOM   208  O O     . ASN A 1 29  ? 2.720   5.514   -12.817 1.00 14.66 ? 29  ASN A O     1 
ATOM   209  C CB    . ASN A 1 29  ? 2.423   6.541   -15.557 1.00 22.35 ? 29  ASN A CB    1 
ATOM   210  C CG    . ASN A 1 29  ? 3.195   6.647   -16.888 1.00 26.10 ? 29  ASN A CG    1 
ATOM   211  O OD1   . ASN A 1 29  ? 4.328   6.176   -17.014 1.00 29.69 ? 29  ASN A OD1   1 
ATOM   212  N ND2   . ASN A 1 29  ? 2.568   7.178   -17.923 1.00 30.46 ? 29  ASN A ND2   1 
ATOM   213  N N     . GLU A 1 30  ? 0.836   4.323   -13.454 1.00 14.38 ? 30  GLU A N     1 
ATOM   214  C CA    . GLU A 1 30  ? 0.342   4.180   -12.053 1.00 12.47 ? 30  GLU A CA    1 
ATOM   215  C C     . GLU A 1 30  ? 1.197   3.076   -11.378 1.00 11.46 ? 30  GLU A C     1 
ATOM   216  O O     . GLU A 1 30  ? 1.642   3.242   -10.259 1.00 11.38 ? 30  GLU A O     1 
ATOM   217  C CB    . GLU A 1 30  ? -1.131  3.808   -12.024 1.00 10.19 ? 30  GLU A CB    1 
ATOM   218  C CG    . GLU A 1 30  ? -1.931  4.408   -10.797 1.00 10.30 ? 30  GLU A CG    1 
ATOM   219  C CD    . GLU A 1 30  ? -1.565  3.756   -9.467  1.00 9.61  ? 30  GLU A CD    1 
ATOM   220  O OE1   . GLU A 1 30  ? -1.345  4.454   -8.490  1.00 11.89 ? 30  GLU A OE1   1 
ATOM   221  O OE2   . GLU A 1 30  ? -1.570  2.515   -9.493  1.00 8.73  ? 30  GLU A OE2   1 
ATOM   222  N N     . PHE A 1 31  ? 1.427   2.060   -12.138 1.00 14.49 ? 31  PHE A N     1 
ATOM   223  C CA    . PHE A 1 31  ? 2.262   0.900   -11.716 1.00 16.10 ? 31  PHE A CA    1 
ATOM   224  C C     . PHE A 1 31  ? 3.667   1.492   -11.409 1.00 17.57 ? 31  PHE A C     1 
ATOM   225  O O     . PHE A 1 31  ? 4.267   1.086   -10.419 1.00 16.19 ? 31  PHE A O     1 
ATOM   226  C CB    . PHE A 1 31  ? 2.352   -0.262  -12.648 1.00 17.43 ? 31  PHE A CB    1 
ATOM   227  C CG    . PHE A 1 31  ? 1.181   -1.185  -12.858 1.00 19.09 ? 31  PHE A CG    1 
ATOM   228  C CD1   . PHE A 1 31  ? 0.689   -1.385  -14.143 1.00 21.12 ? 31  PHE A CD1   1 
ATOM   229  C CD2   . PHE A 1 31  ? 0.641   -1.854  -11.759 1.00 19.54 ? 31  PHE A CD2   1 
ATOM   230  C CE1   . PHE A 1 31  ? -0.371  -2.247  -14.407 1.00 21.68 ? 31  PHE A CE1   1 
ATOM   231  C CE2   . PHE A 1 31  ? -0.455  -2.724  -11.998 1.00 19.61 ? 31  PHE A CE2   1 
ATOM   232  C CZ    . PHE A 1 31  ? -0.925  -2.895  -13.287 1.00 19.04 ? 31  PHE A CZ    1 
ATOM   233  N N     . ARG A 1 32  ? 4.171   2.377   -12.266 1.00 15.15 ? 32  ARG A N     1 
ATOM   234  C CA    . ARG A 1 32  ? 5.497   2.944   -12.072 1.00 16.24 ? 32  ARG A CA    1 
ATOM   235  C C     . ARG A 1 32  ? 5.572   3.792   -10.813 1.00 14.60 ? 32  ARG A C     1 
ATOM   236  O O     . ARG A 1 32  ? 6.652   3.701   -10.198 1.00 14.37 ? 32  ARG A O     1 
ATOM   237  C CB    . ARG A 1 32  ? 6.038   3.750   -13.287 1.00 20.74 ? 32  ARG A CB    1 
ATOM   238  C CG    . ARG A 1 32  ? 6.290   2.850   -14.493 1.00 27.93 ? 32  ARG A CG    1 
ATOM   239  C CD    . ARG A 1 32  ? 7.576   2.095   -14.349 1.00 33.20 ? 32  ARG A CD    1 
ATOM   240  N NE    . ARG A 1 32  ? 8.519   2.907   -13.565 1.00 37.16 ? 32  ARG A NE    1 
ATOM   241  C CZ    . ARG A 1 32  ? 9.042   2.597   -12.381 1.00 37.66 ? 32  ARG A CZ    1 
ATOM   242  N NH1   . ARG A 1 32  ? 9.699   3.558   -11.718 1.00 39.85 ? 32  ARG A NH1   1 
ATOM   243  N NH2   . ARG A 1 32  ? 8.974   1.379   -11.876 1.00 39.01 ? 32  ARG A NH2   1 
ATOM   244  N N     . TYR A 1 33  ? 4.499   4.493   -10.490 1.00 14.90 ? 33  TYR A N     1 
ATOM   245  C CA    . TYR A 1 33  ? 4.465   5.374   -9.313  1.00 12.06 ? 33  TYR A CA    1 
ATOM   246  C C     . TYR A 1 33  ? 4.464   4.449   -8.076  1.00 12.30 ? 33  TYR A C     1 
ATOM   247  O O     . TYR A 1 33  ? 5.225   4.640   -7.129  1.00 14.77 ? 33  TYR A O     1 
ATOM   248  C CB    . TYR A 1 33  ? 3.193   6.247   -9.300  1.00 12.89 ? 33  TYR A CB    1 
ATOM   249  C CG    . TYR A 1 33  ? 2.805   6.925   -8.047  1.00 16.21 ? 33  TYR A CG    1 
ATOM   250  C CD1   . TYR A 1 33  ? 1.824   6.436   -7.110  1.00 14.42 ? 33  TYR A CD1   1 
ATOM   251  C CD2   . TYR A 1 33  ? 3.521   8.115   -7.767  1.00 17.96 ? 33  TYR A CD2   1 
ATOM   252  C CE1   . TYR A 1 33  ? 1.604   7.233   -5.970  1.00 16.87 ? 33  TYR A CE1   1 
ATOM   253  C CE2   . TYR A 1 33  ? 3.260   8.880   -6.654  1.00 18.01 ? 33  TYR A CE2   1 
ATOM   254  C CZ    . TYR A 1 33  ? 2.280   8.421   -5.782  1.00 18.12 ? 33  TYR A CZ    1 
ATOM   255  O OH    . TYR A 1 33  ? 2.052   9.268   -4.710  1.00 20.59 ? 33  TYR A OH    1 
ATOM   256  N N     . PHE A 1 34  ? 3.679   3.422   -8.183  1.00 12.34 ? 34  PHE A N     1 
ATOM   257  C CA    . PHE A 1 34  ? 3.571   2.443   -7.066  1.00 10.80 ? 34  PHE A CA    1 
ATOM   258  C C     . PHE A 1 34  ? 4.993   1.848   -6.831  1.00 11.70 ? 34  PHE A C     1 
ATOM   259  O O     . PHE A 1 34  ? 5.352   1.820   -5.671  1.00 12.50 ? 34  PHE A O     1 
ATOM   260  C CB    . PHE A 1 34  ? 2.564   1.327   -7.335  1.00 13.85 ? 34  PHE A CB    1 
ATOM   261  C CG    . PHE A 1 34  ? 2.643   0.166   -6.388  1.00 14.89 ? 34  PHE A CG    1 
ATOM   262  C CD1   . PHE A 1 34  ? 2.024   0.227   -5.119  1.00 14.26 ? 34  PHE A CD1   1 
ATOM   263  C CD2   . PHE A 1 34  ? 3.350   -1.001  -6.793  1.00 13.89 ? 34  PHE A CD2   1 
ATOM   264  C CE1   . PHE A 1 34  ? 2.153   -0.854  -4.236  1.00 14.98 ? 34  PHE A CE1   1 
ATOM   265  C CE2   . PHE A 1 34  ? 3.460   -2.063  -5.892  1.00 14.60 ? 34  PHE A CE2   1 
ATOM   266  C CZ    . PHE A 1 34  ? 2.845   -1.994  -4.611  1.00 14.58 ? 34  PHE A CZ    1 
ATOM   267  N N     . GLN A 1 35  ? 5.606   1.371   -7.860  1.00 11.01 ? 35  GLN A N     1 
ATOM   268  C CA    . GLN A 1 35  ? 6.943   0.696   -7.712  1.00 13.40 ? 35  GLN A CA    1 
ATOM   269  C C     . GLN A 1 35  ? 7.924   1.701   -7.160  1.00 14.34 ? 35  GLN A C     1 
ATOM   270  O O     . GLN A 1 35  ? 8.670   1.401   -6.202  1.00 13.40 ? 35  GLN A O     1 
ATOM   271  C CB    . GLN A 1 35  ? 7.378   0.125   -9.071  1.00 15.07 ? 35  GLN A CB    1 
ATOM   272  C CG    . GLN A 1 35  ? 6.451   -0.956  -9.609  1.00 18.61 ? 35  GLN A CG    1 
ATOM   273  C CD    . GLN A 1 35  ? 6.804   -2.323  -9.062  1.00 20.05 ? 35  GLN A CD    1 
ATOM   274  O OE1   . GLN A 1 35  ? 6.958   -3.334  -9.789  1.00 25.71 ? 35  GLN A OE1   1 
ATOM   275  N NE2   . GLN A 1 35  ? 6.855   -2.398  -7.770  1.00 18.06 ? 35  GLN A NE2   1 
ATOM   276  N N     . ARG A 1 36  ? 7.973   2.900   -7.707  1.00 14.56 ? 36  ARG A N     1 
ATOM   277  C CA    . ARG A 1 36  ? 8.947   3.895   -7.227  1.00 15.82 ? 36  ARG A CA    1 
ATOM   278  C C     . ARG A 1 36  ? 8.785   4.316   -5.782  1.00 13.90 ? 36  ARG A C     1 
ATOM   279  O O     . ARG A 1 36  ? 9.707   4.487   -4.974  1.00 11.80 ? 36  ARG A O     1 
ATOM   280  C CB    . ARG A 1 36  ? 8.817   5.094   -8.197  1.00 19.03 ? 36  ARG A CB    1 
ATOM   281  C CG    . ARG A 1 36  ? 9.803   6.213   -7.882  1.00 26.03 ? 36  ARG A CG    1 
ATOM   282  C CD    . ARG A 1 36  ? 9.502   7.352   -8.847  1.00 31.53 ? 36  ARG A CD    1 
ATOM   283  N NE    . ARG A 1 36  ? 8.623   8.382   -8.221  1.00 36.60 ? 36  ARG A NE    1 
ATOM   284  C CZ    . ARG A 1 36  ? 7.485   8.829   -8.774  1.00 37.73 ? 36  ARG A CZ    1 
ATOM   285  N NH1   . ARG A 1 36  ? 6.769   9.836   -8.260  1.00 38.07 ? 36  ARG A NH1   1 
ATOM   286  N NH2   . ARG A 1 36  ? 7.042   8.203   -9.882  1.00 39.11 ? 36  ARG A NH2   1 
ATOM   287  N N     . MET A 1 37  ? 7.557   4.599   -5.408  1.00 11.55 ? 37  MET A N     1 
ATOM   288  C CA    . MET A 1 37  ? 7.144   5.065   -4.085  1.00 14.04 ? 37  MET A CA    1 
ATOM   289  C C     . MET A 1 37  ? 7.506   4.006   -3.025  1.00 11.94 ? 37  MET A C     1 
ATOM   290  O O     . MET A 1 37  ? 8.138   4.337   -2.000  1.00 13.53 ? 37  MET A O     1 
ATOM   291  C CB    . MET A 1 37  ? 5.723   5.594   -3.968  1.00 16.55 ? 37  MET A CB    1 
ATOM   292  C CG    . MET A 1 37  ? 5.535   6.784   -4.902  1.00 23.54 ? 37  MET A CG    1 
ATOM   293  S SD    . MET A 1 37  ? 6.155   8.182   -3.926  1.00 30.51 ? 37  MET A SD    1 
ATOM   294  C CE    . MET A 1 37  ? 5.667   9.688   -4.708  1.00 31.62 ? 37  MET A CE    1 
ATOM   295  N N     . THR A 1 38  ? 7.218   2.766   -3.272  1.00 12.46 ? 38  THR A N     1 
ATOM   296  C CA    . THR A 1 38  ? 7.443   1.718   -2.301  1.00 12.03 ? 38  THR A CA    1 
ATOM   297  C C     . THR A 1 38  ? 8.904   1.196   -2.260  1.00 13.14 ? 38  THR A C     1 
ATOM   298  O O     . THR A 1 38  ? 9.218   0.627   -1.196  1.00 14.68 ? 38  THR A O     1 
ATOM   299  C CB    . THR A 1 38  ? 6.385   0.558   -2.431  1.00 13.05 ? 38  THR A CB    1 
ATOM   300  O OG1   . THR A 1 38  ? 6.685   -0.051  -3.675  1.00 12.29 ? 38  THR A OG1   1 
ATOM   301  C CG2   . THR A 1 38  ? 4.988   1.084   -2.190  1.00 14.44 ? 38  THR A CG2   1 
ATOM   302  N N     . THR A 1 39  ? 9.593   1.411   -3.333  1.00 13.59 ? 39  THR A N     1 
ATOM   303  C CA    . THR A 1 39  ? 10.977  0.865   -3.373  1.00 14.50 ? 39  THR A CA    1 
ATOM   304  C C     . THR A 1 39  ? 11.998  1.848   -2.841  1.00 15.77 ? 39  THR A C     1 
ATOM   305  O O     . THR A 1 39  ? 12.982  1.470   -2.171  1.00 17.20 ? 39  THR A O     1 
ATOM   306  C CB    . THR A 1 39  ? 11.293  0.400   -4.845  1.00 14.28 ? 39  THR A CB    1 
ATOM   307  O OG1   . THR A 1 39  ? 10.347  -0.559  -5.377  1.00 17.02 ? 39  THR A OG1   1 
ATOM   308  C CG2   . THR A 1 39  ? 12.717  -0.195  -4.992  1.00 15.45 ? 39  THR A CG2   1 
ATOM   309  N N     . THR A 1 40  ? 11.833  3.111   -3.189  1.00 16.66 ? 40  THR A N     1 
ATOM   310  C CA    . THR A 1 40  ? 12.818  4.142   -2.846  1.00 19.88 ? 40  THR A CA    1 
ATOM   311  C C     . THR A 1 40  ? 13.114  4.262   -1.381  1.00 19.23 ? 40  THR A C     1 
ATOM   312  O O     . THR A 1 40  ? 12.347  4.407   -0.446  1.00 17.52 ? 40  THR A O     1 
ATOM   313  C CB    . THR A 1 40  ? 12.386  5.539   -3.460  1.00 18.79 ? 40  THR A CB    1 
ATOM   314  O OG1   . THR A 1 40  ? 12.307  5.364   -4.887  1.00 21.75 ? 40  THR A OG1   1 
ATOM   315  C CG2   . THR A 1 40  ? 13.359  6.643   -3.089  1.00 20.75 ? 40  THR A CG2   1 
ATOM   316  N N     . SER A 1 41  ? 14.439  4.181   -1.154  1.00 24.15 ? 41  SER A N     1 
ATOM   317  C CA    . SER A 1 41  ? 15.050  4.308   0.178   1.00 29.50 ? 41  SER A CA    1 
ATOM   318  C C     . SER A 1 41  ? 16.401  5.015   -0.078  1.00 32.25 ? 41  SER A C     1 
ATOM   319  O O     . SER A 1 41  ? 17.109  4.613   -1.063  1.00 30.35 ? 41  SER A O     1 
ATOM   320  C CB    . SER A 1 41  ? 15.279  2.967   0.856   1.00 29.18 ? 41  SER A CB    1 
ATOM   321  O OG    . SER A 1 41  ? 15.810  3.197   2.143   1.00 31.83 ? 41  SER A OG    1 
ATOM   322  N N     . SER A 1 42  ? 16.660  6.046   0.721   1.00 36.08 ? 42  SER A N     1 
ATOM   323  C CA    . SER A 1 42  ? 17.966  6.746   0.458   1.00 41.19 ? 42  SER A CA    1 
ATOM   324  C C     . SER A 1 42  ? 18.909  6.621   1.653   1.00 45.10 ? 42  SER A C     1 
ATOM   325  O O     . SER A 1 42  ? 19.925  7.316   1.839   1.00 47.47 ? 42  SER A O     1 
ATOM   326  C CB    . SER A 1 42  ? 17.722  8.162   -0.034  1.00 41.39 ? 42  SER A CB    1 
ATOM   327  O OG    . SER A 1 42  ? 17.537  8.999   1.092   1.00 41.85 ? 42  SER A OG    1 
ATOM   328  N N     . VAL A 1 43  ? 18.552  5.675   2.502   1.00 47.64 ? 43  VAL A N     1 
ATOM   329  C CA    . VAL A 1 43  ? 19.265  5.269   3.725   1.00 48.55 ? 43  VAL A CA    1 
ATOM   330  C C     . VAL A 1 43  ? 20.056  4.072   3.187   1.00 49.68 ? 43  VAL A C     1 
ATOM   331  O O     . VAL A 1 43  ? 19.444  3.194   2.522   1.00 52.09 ? 43  VAL A O     1 
ATOM   332  C CB    . VAL A 1 43  ? 18.279  4.975   4.854   1.00 48.16 ? 43  VAL A CB    1 
ATOM   333  C CG1   . VAL A 1 43  ? 18.785  4.917   6.281   1.00 47.78 ? 43  VAL A CG1   1 
ATOM   334  C CG2   . VAL A 1 43  ? 17.142  5.997   4.799   1.00 49.04 ? 43  VAL A CG2   1 
ATOM   335  N N     . GLU A 1 44  ? 21.361  4.142   3.406   1.00 49.14 ? 44  GLU A N     1 
ATOM   336  C CA    . GLU A 1 44  ? 22.154  2.983   2.911   1.00 47.13 ? 44  GLU A CA    1 
ATOM   337  C C     . GLU A 1 44  ? 21.831  1.967   4.019   1.00 44.47 ? 44  GLU A C     1 
ATOM   338  O O     . GLU A 1 44  ? 21.516  2.419   5.141   1.00 42.93 ? 44  GLU A O     1 
ATOM   339  C CB    . GLU A 1 44  ? 23.650  3.126   2.753   1.00 49.42 ? 44  GLU A CB    1 
ATOM   340  C CG    . GLU A 1 44  ? 24.323  2.131   1.778   1.00 50.29 ? 44  GLU A CG    1 
ATOM   341  C CD    . GLU A 1 44  ? 23.409  1.663   0.675   1.00 51.23 ? 44  GLU A CD    1 
ATOM   342  O OE1   . GLU A 1 44  ? 22.330  2.186   0.461   1.00 51.89 ? 44  GLU A OE1   1 
ATOM   343  O OE2   . GLU A 1 44  ? 23.849  0.676   0.041   1.00 51.42 ? 44  GLU A OE2   1 
ATOM   344  N N     . GLY A 1 45  ? 21.884  0.729   3.620   1.00 41.67 ? 45  GLY A N     1 
ATOM   345  C CA    . GLY A 1 45  ? 21.631  -0.402  4.493   1.00 39.90 ? 45  GLY A CA    1 
ATOM   346  C C     . GLY A 1 45  ? 20.204  -0.858  4.756   1.00 37.07 ? 45  GLY A C     1 
ATOM   347  O O     . GLY A 1 45  ? 20.074  -2.000  5.273   1.00 37.04 ? 45  GLY A O     1 
ATOM   348  N N     . LYS A 1 46  ? 19.227  0.001   4.459   1.00 34.81 ? 46  LYS A N     1 
ATOM   349  C CA    . LYS A 1 46  ? 17.833  -0.439  4.728   1.00 30.81 ? 46  LYS A CA    1 
ATOM   350  C C     . LYS A 1 46  ? 17.065  -0.642  3.429   1.00 29.15 ? 46  LYS A C     1 
ATOM   351  O O     . LYS A 1 46  ? 17.449  -0.338  2.295   1.00 30.18 ? 46  LYS A O     1 
ATOM   352  C CB    . LYS A 1 46  ? 17.185  0.513   5.690   1.00 30.75 ? 46  LYS A CB    1 
ATOM   353  C CG    . LYS A 1 46  ? 17.838  0.656   7.066   1.00 31.92 ? 46  LYS A CG    1 
ATOM   354  C CD    . LYS A 1 46  ? 17.313  1.853   7.825   1.00 32.91 ? 46  LYS A CD    1 
ATOM   355  C CE    . LYS A 1 46  ? 17.796  1.898   9.262   1.00 34.40 ? 46  LYS A CE    1 
ATOM   356  N NZ    . LYS A 1 46  ? 16.950  0.939   10.049  1.00 36.48 ? 46  LYS A NZ    1 
ATOM   357  N N     . GLN A 1 47  ? 15.913  -1.272  3.599   1.00 27.49 ? 47  GLN A N     1 
ATOM   358  C CA    . GLN A 1 47  ? 14.964  -1.555  2.494   1.00 24.19 ? 47  GLN A CA    1 
ATOM   359  C C     . GLN A 1 47  ? 13.625  -1.199  3.102   1.00 20.08 ? 47  GLN A C     1 
ATOM   360  O O     . GLN A 1 47  ? 13.483  -1.116  4.329   1.00 23.41 ? 47  GLN A O     1 
ATOM   361  C CB    . GLN A 1 47  ? 14.960  -2.999  1.993   1.00 25.97 ? 47  GLN A CB    1 
ATOM   362  C CG    . GLN A 1 47  ? 16.051  -3.508  1.126   1.00 28.30 ? 47  GLN A CG    1 
ATOM   363  C CD    . GLN A 1 47  ? 15.887  -4.815  0.407   1.00 30.46 ? 47  GLN A CD    1 
ATOM   364  O OE1   . GLN A 1 47  ? 15.021  -5.617  0.653   1.00 31.86 ? 47  GLN A OE1   1 
ATOM   365  N NE2   . GLN A 1 47  ? 16.680  -5.113  -0.650  1.00 33.89 ? 47  GLN A NE2   1 
ATOM   366  N N     . ASN A 1 48  ? 12.612  -0.950  2.240   1.00 17.72 ? 48  ASN A N     1 
ATOM   367  C CA    . ASN A 1 48  ? 11.313  -0.661  2.824   1.00 15.67 ? 48  ASN A CA    1 
ATOM   368  C C     . ASN A 1 48  ? 10.649  -2.016  3.117   1.00 16.38 ? 48  ASN A C     1 
ATOM   369  O O     . ASN A 1 48  ? 10.947  -2.999  2.445   1.00 17.23 ? 48  ASN A O     1 
ATOM   370  C CB    . ASN A 1 48  ? 10.479  0.128   1.761   1.00 15.07 ? 48  ASN A CB    1 
ATOM   371  C CG    . ASN A 1 48  ? 10.984  1.564   1.710   1.00 18.42 ? 48  ASN A CG    1 
ATOM   372  O OD1   . ASN A 1 48  ? 11.646  2.070   2.643   1.00 18.04 ? 48  ASN A OD1   1 
ATOM   373  N ND2   . ASN A 1 48  ? 10.714  2.262   0.610   1.00 21.58 ? 48  ASN A ND2   1 
ATOM   374  N N     . LEU A 1 49  ? 9.697   -2.015  4.006   1.00 14.12 ? 49  LEU A N     1 
ATOM   375  C CA    . LEU A 1 49  ? 8.946   -3.258  4.254   1.00 15.05 ? 49  LEU A CA    1 
ATOM   376  C C     . LEU A 1 49  ? 7.536   -3.033  3.594   1.00 15.55 ? 49  LEU A C     1 
ATOM   377  O O     . LEU A 1 49  ? 6.954   -1.960  3.844   1.00 15.35 ? 49  LEU A O     1 
ATOM   378  C CB    . LEU A 1 49  ? 8.870   -3.432  5.761   1.00 16.73 ? 49  LEU A CB    1 
ATOM   379  C CG    . LEU A 1 49  ? 7.839   -4.441  6.272   1.00 16.93 ? 49  LEU A CG    1 
ATOM   380  C CD1   . LEU A 1 49  ? 8.334   -5.803  5.819   1.00 20.37 ? 49  LEU A CD1   1 
ATOM   381  C CD2   . LEU A 1 49  ? 7.731   -4.347  7.799   1.00 19.98 ? 49  LEU A CD2   1 
ATOM   382  N N     . VAL A 1 50  ? 7.105   -3.999  2.804   1.00 13.93 ? 50  VAL A N     1 
ATOM   383  C CA    . VAL A 1 50  ? 5.730   -3.902  2.205   1.00 14.52 ? 50  VAL A CA    1 
ATOM   384  C C     . VAL A 1 50  ? 4.879   -4.998  2.912   1.00 14.17 ? 50  VAL A C     1 
ATOM   385  O O     . VAL A 1 50  ? 5.287   -6.166  2.977   1.00 16.15 ? 50  VAL A O     1 
ATOM   386  C CB    . VAL A 1 50  ? 5.671   -3.995  0.688   1.00 15.42 ? 50  VAL A CB    1 
ATOM   387  C CG1   . VAL A 1 50  ? 6.392   -2.729  0.152   1.00 16.38 ? 50  VAL A CG1   1 
ATOM   388  C CG2   . VAL A 1 50  ? 6.289   -5.215  0.041   1.00 17.47 ? 50  VAL A CG2   1 
ATOM   389  N N     . ILE A 1 51  ? 3.763   -4.581  3.387   1.00 12.64 ? 51  ILE A N     1 
ATOM   390  C CA    . ILE A 1 51  ? 2.789   -5.388  4.107   1.00 13.83 ? 51  ILE A CA    1 
ATOM   391  C C     . ILE A 1 51  ? 1.568   -5.556  3.221   1.00 14.10 ? 51  ILE A C     1 
ATOM   392  O O     . ILE A 1 51  ? 1.061   -4.497  2.783   1.00 14.54 ? 51  ILE A O     1 
ATOM   393  C CB    . ILE A 1 51  ? 2.422   -4.778  5.524   1.00 12.36 ? 51  ILE A CB    1 
ATOM   394  C CG1   . ILE A 1 51  ? 3.707   -4.803  6.388   1.00 13.28 ? 51  ILE A CG1   1 
ATOM   395  C CG2   . ILE A 1 51  ? 1.171   -5.516  6.125   1.00 13.39 ? 51  ILE A CG2   1 
ATOM   396  C CD1   . ILE A 1 51  ? 3.474   -3.909  7.641   1.00 12.40 ? 51  ILE A CD1   1 
ATOM   397  N N     . MET A 1 52  ? 1.163   -6.828  3.077   1.00 13.70 ? 52  MET A N     1 
ATOM   398  C CA    . MET A 1 52  ? -0.066  -7.023  2.275   1.00 14.99 ? 52  MET A CA    1 
ATOM   399  C C     . MET A 1 52  ? -0.870  -8.236  2.772   1.00 15.41 ? 52  MET A C     1 
ATOM   400  O O     . MET A 1 52  ? -0.179  -9.152  3.208   1.00 15.99 ? 52  MET A O     1 
ATOM   401  C CB    . MET A 1 52  ? 0.278   -7.313  0.869   1.00 17.83 ? 52  MET A CB    1 
ATOM   402  C CG    . MET A 1 52  ? 1.110   -8.481  0.620   1.00 19.99 ? 52  MET A CG    1 
ATOM   403  S SD    . MET A 1 52  ? 1.666   -8.085  -1.088  1.00 28.99 ? 52  MET A SD    1 
ATOM   404  C CE    . MET A 1 52  ? 3.331   -7.590  -0.819  1.00 23.79 ? 52  MET A CE    1 
ATOM   405  N N     . GLY A 1 53  ? -2.165  -8.134  2.601   1.00 13.55 ? 53  GLY A N     1 
ATOM   406  C CA    . GLY A 1 53  ? -3.039  -9.266  3.005   1.00 12.97 ? 53  GLY A CA    1 
ATOM   407  C C     . GLY A 1 53  ? -2.878  -10.330 1.928   1.00 13.15 ? 53  GLY A C     1 
ATOM   408  O O     . GLY A 1 53  ? -2.260  -10.200 0.866   1.00 11.07 ? 53  GLY A O     1 
ATOM   409  N N     . LYS A 1 54  ? -3.527  -11.444 2.218   1.00 14.66 ? 54  LYS A N     1 
ATOM   410  C CA    . LYS A 1 54  ? -3.464  -12.627 1.315   1.00 15.74 ? 54  LYS A CA    1 
ATOM   411  C C     . LYS A 1 54  ? -4.029  -12.362 -0.071  1.00 15.03 ? 54  LYS A C     1 
ATOM   412  O O     . LYS A 1 54  ? -3.342  -12.760 -1.037  1.00 16.95 ? 54  LYS A O     1 
ATOM   413  C CB    . LYS A 1 54  ? -4.220  -13.782 1.992   1.00 19.82 ? 54  LYS A CB    1 
ATOM   414  C CG    . LYS A 1 54  ? -4.147  -15.111 1.263   1.00 24.00 ? 54  LYS A CG    1 
ATOM   415  C CD    . LYS A 1 54  ? -5.391  -15.903 1.721   1.00 28.09 ? 54  LYS A CD    1 
ATOM   416  C CE    . LYS A 1 54  ? -6.620  -15.525 0.919   1.00 32.34 ? 54  LYS A CE    1 
ATOM   417  N NZ    . LYS A 1 54  ? -6.515  -15.913 -0.539  1.00 32.65 ? 54  LYS A NZ    1 
ATOM   418  N N     . LYS A 1 55  ? -5.207  -11.696 -0.138  1.00 14.80 ? 55  LYS A N     1 
ATOM   419  C CA    . LYS A 1 55  ? -5.841  -11.398 -1.417  1.00 18.11 ? 55  LYS A CA    1 
ATOM   420  C C     . LYS A 1 55  ? -4.929  -10.528 -2.254  1.00 14.72 ? 55  LYS A C     1 
ATOM   421  O O     . LYS A 1 55  ? -4.733  -10.851 -3.422  1.00 13.82 ? 55  LYS A O     1 
ATOM   422  C CB    . LYS A 1 55  ? -7.265  -10.852 -1.260  1.00 19.11 ? 55  LYS A CB    1 
ATOM   423  C CG    . LYS A 1 55  ? -8.149  -12.028 -0.841  1.00 24.46 ? 55  LYS A CG    1 
ATOM   424  C CD    . LYS A 1 55  ? -9.639  -11.729 -1.044  1.00 28.57 ? 55  LYS A CD    1 
ATOM   425  C CE    . LYS A 1 55  ? -9.983  -10.408 -0.390  1.00 32.55 ? 55  LYS A CE    1 
ATOM   426  N NZ    . LYS A 1 55  ? -11.450 -10.464 -0.024  1.00 36.48 ? 55  LYS A NZ    1 
ATOM   427  N N     . THR A 1 56  ? -4.322  -9.518  -1.618  1.00 12.41 ? 56  THR A N     1 
ATOM   428  C CA    . THR A 1 56  ? -3.409  -8.646  -2.409  1.00 13.15 ? 56  THR A CA    1 
ATOM   429  C C     . THR A 1 56  ? -2.208  -9.411  -2.964  1.00 11.76 ? 56  THR A C     1 
ATOM   430  O O     . THR A 1 56  ? -1.853  -9.225  -4.170  1.00 10.23 ? 56  THR A O     1 
ATOM   431  C CB    . THR A 1 56  ? -3.026  -7.369  -1.562  1.00 12.57 ? 56  THR A CB    1 
ATOM   432  O OG1   . THR A 1 56  ? -4.283  -6.806  -1.118  1.00 15.70 ? 56  THR A OG1   1 
ATOM   433  C CG2   . THR A 1 56  ? -2.138  -6.411  -2.376  1.00 16.06 ? 56  THR A CG2   1 
ATOM   434  N N     . TRP A 1 57  ? -1.594  -10.169 -2.074  1.00 12.08 ? 57  TRP A N     1 
ATOM   435  C CA    . TRP A 1 57  ? -0.419  -10.959 -2.508  1.00 14.17 ? 57  TRP A CA    1 
ATOM   436  C C     . TRP A 1 57  ? -0.700  -11.763 -3.782  1.00 12.66 ? 57  TRP A C     1 
ATOM   437  O O     . TRP A 1 57  ? 0.026   -11.785 -4.771  1.00 12.12 ? 57  TRP A O     1 
ATOM   438  C CB    . TRP A 1 57  ? 0.011   -11.862 -1.361  1.00 13.01 ? 57  TRP A CB    1 
ATOM   439  C CG    . TRP A 1 57  ? 1.083   -12.863 -1.587  1.00 15.76 ? 57  TRP A CG    1 
ATOM   440  C CD1   . TRP A 1 57  ? 0.918   -14.223 -1.750  1.00 17.55 ? 57  TRP A CD1   1 
ATOM   441  C CD2   . TRP A 1 57  ? 2.501   -12.600 -1.704  1.00 17.89 ? 57  TRP A CD2   1 
ATOM   442  N NE1   . TRP A 1 57  ? 2.163   -14.777 -2.008  1.00 16.48 ? 57  TRP A NE1   1 
ATOM   443  C CE2   . TRP A 1 57  ? 3.133   -13.837 -1.950  1.00 18.55 ? 57  TRP A CE2   1 
ATOM   444  C CE3   . TRP A 1 57  ? 3.288   -11.455 -1.627  1.00 19.12 ? 57  TRP A CE3   1 
ATOM   445  C CZ2   . TRP A 1 57  ? 4.506   -13.967 -2.111  1.00 18.87 ? 57  TRP A CZ2   1 
ATOM   446  C CZ3   . TRP A 1 57  ? 4.678   -11.567 -1.790  1.00 18.86 ? 57  TRP A CZ3   1 
ATOM   447  C CH2   . TRP A 1 57  ? 5.267   -12.792 -2.040  1.00 19.52 ? 57  TRP A CH2   1 
ATOM   448  N N     . PHE A 1 58  ? -1.754  -12.571 -3.732  1.00 14.34 ? 58  PHE A N     1 
ATOM   449  C CA    . PHE A 1 58  ? -2.139  -13.442 -4.835  1.00 15.78 ? 58  PHE A CA    1 
ATOM   450  C C     . PHE A 1 58  ? -2.649  -12.663 -6.024  1.00 16.27 ? 58  PHE A C     1 
ATOM   451  O O     . PHE A 1 58  ? -2.630  -13.236 -7.151  1.00 17.61 ? 58  PHE A O     1 
ATOM   452  C CB    . PHE A 1 58  ? -3.019  -14.620 -4.397  1.00 15.00 ? 58  PHE A CB    1 
ATOM   453  C CG    . PHE A 1 58  ? -2.434  -15.624 -3.444  1.00 14.34 ? 58  PHE A CG    1 
ATOM   454  C CD1   . PHE A 1 58  ? -3.077  -15.844 -2.232  1.00 15.74 ? 58  PHE A CD1   1 
ATOM   455  C CD2   . PHE A 1 58  ? -1.302  -16.345 -3.847  1.00 16.76 ? 58  PHE A CD2   1 
ATOM   456  C CE1   . PHE A 1 58  ? -2.550  -16.779 -1.327  1.00 17.58 ? 58  PHE A CE1   1 
ATOM   457  C CE2   . PHE A 1 58  ? -0.767  -17.302 -2.961  1.00 16.13 ? 58  PHE A CE2   1 
ATOM   458  C CZ    . PHE A 1 58  ? -1.413  -17.482 -1.719  1.00 15.13 ? 58  PHE A CZ    1 
ATOM   459  N N     . SER A 1 59  ? -3.065  -11.428 -5.893  1.00 16.00 ? 59  SER A N     1 
ATOM   460  C CA    . SER A 1 59  ? -3.481  -10.600 -7.038  1.00 16.38 ? 59  SER A CA    1 
ATOM   461  C C     . SER A 1 59  ? -2.269  -10.143 -7.852  1.00 16.53 ? 59  SER A C     1 
ATOM   462  O O     . SER A 1 59  ? -2.390  -9.744  -9.028  1.00 17.70 ? 59  SER A O     1 
ATOM   463  C CB    . SER A 1 59  ? -4.046  -9.224  -6.526  1.00 18.01 ? 59  SER A CB    1 
ATOM   464  O OG    . SER A 1 59  ? -5.365  -9.681  -6.186  1.00 25.05 ? 59  SER A OG    1 
ATOM   465  N N     . ILE A 1 60  ? -1.124  -10.123 -7.210  1.00 15.98 ? 60  ILE A N     1 
ATOM   466  C CA    . ILE A 1 60  ? 0.124   -9.743  -7.884  1.00 13.96 ? 60  ILE A CA    1 
ATOM   467  C C     . ILE A 1 60  ? 0.543   -10.956 -8.748  1.00 16.16 ? 60  ILE A C     1 
ATOM   468  O O     . ILE A 1 60  ? 0.713   -12.060 -8.204  1.00 15.32 ? 60  ILE A O     1 
ATOM   469  C CB    . ILE A 1 60  ? 1.290   -9.289  -6.949  1.00 14.28 ? 60  ILE A CB    1 
ATOM   470  C CG1   . ILE A 1 60  ? 0.883   -8.120  -6.038  1.00 15.40 ? 60  ILE A CG1   1 
ATOM   471  C CG2   . ILE A 1 60  ? 2.548   -8.893  -7.825  1.00 12.65 ? 60  ILE A CG2   1 
ATOM   472  C CD1   . ILE A 1 60  ? 1.593   -7.805  -4.705  1.00 19.86 ? 60  ILE A CD1   1 
ATOM   473  N N     . PRO A 1 61  ? 0.795   -10.778 -10.032 1.00 15.75 ? 61  PRO A N     1 
ATOM   474  C CA    . PRO A 1 61  ? 1.255   -11.851 -10.911 1.00 18.10 ? 61  PRO A CA    1 
ATOM   475  C C     . PRO A 1 61  ? 2.547   -12.437 -10.374 1.00 18.32 ? 61  PRO A C     1 
ATOM   476  O O     . PRO A 1 61  ? 3.489   -11.736 -9.940  1.00 18.04 ? 61  PRO A O     1 
ATOM   477  C CB    . PRO A 1 61  ? 1.463   -11.224 -12.289 1.00 19.06 ? 61  PRO A CB    1 
ATOM   478  C CG    . PRO A 1 61  ? 0.729   -9.903  -12.233 1.00 21.03 ? 61  PRO A CG    1 
ATOM   479  C CD    . PRO A 1 61  ? 0.644   -9.501  -10.766 1.00 16.95 ? 61  PRO A CD    1 
ATOM   480  N N     . GLU A 1 62  ? 2.570   -13.782 -10.458 1.00 20.35 ? 62  GLU A N     1 
ATOM   481  C CA    . GLU A 1 62  ? 3.740   -14.545 -9.982  1.00 23.98 ? 62  GLU A CA    1 
ATOM   482  C C     . GLU A 1 62  ? 5.059   -14.045 -10.506 1.00 21.84 ? 62  GLU A C     1 
ATOM   483  O O     . GLU A 1 62  ? 6.045   -14.014 -9.709  1.00 23.53 ? 62  GLU A O     1 
ATOM   484  C CB    . GLU A 1 62  ? 3.511   -16.066 -10.173 1.00 28.21 ? 62  GLU A CB    1 
ATOM   485  C CG    . GLU A 1 62  ? 3.977   -16.871 -8.980  1.00 32.59 ? 62  GLU A CG    1 
ATOM   486  C CD    . GLU A 1 62  ? 3.586   -18.304 -8.774  1.00 36.59 ? 62  GLU A CD    1 
ATOM   487  O OE1   . GLU A 1 62  ? 2.443   -18.713 -8.683  1.00 35.26 ? 62  GLU A OE1   1 
ATOM   488  O OE2   . GLU A 1 62  ? 4.624   -19.017 -8.638  1.00 39.55 ? 62  GLU A OE2   1 
ATOM   489  N N     . LYS A 1 63  ? 5.088   -13.516 -11.684 1.00 24.88 ? 63  LYS A N     1 
ATOM   490  C CA    . LYS A 1 63  ? 6.324   -12.937 -12.280 1.00 29.12 ? 63  LYS A CA    1 
ATOM   491  C C     . LYS A 1 63  ? 6.803   -11.695 -11.539 1.00 28.65 ? 63  LYS A C     1 
ATOM   492  O O     . LYS A 1 63  ? 7.989   -11.299 -11.570 1.00 28.48 ? 63  LYS A O     1 
ATOM   493  C CB    . LYS A 1 63  ? 6.193   -12.723 -13.778 1.00 32.04 ? 63  LYS A CB    1 
ATOM   494  C CG    . LYS A 1 63  ? 5.017   -11.986 -14.343 1.00 34.56 ? 63  LYS A CG    1 
ATOM   495  C CD    . LYS A 1 63  ? 5.184   -10.487 -14.462 1.00 38.52 ? 63  LYS A CD    1 
ATOM   496  C CE    . LYS A 1 63  ? 4.223   -9.971  -15.544 1.00 40.53 ? 63  LYS A CE    1 
ATOM   497  N NZ    . LYS A 1 63  ? 2.942   -10.766 -15.516 1.00 42.20 ? 63  LYS A NZ    1 
ATOM   498  N N     . ASN A 1 64  ? 5.944   -11.086 -10.740 1.00 27.50 ? 64  ASN A N     1 
ATOM   499  C CA    . ASN A 1 64  ? 6.285   -9.875  -9.994  1.00 27.67 ? 64  ASN A CA    1 
ATOM   500  C C     . ASN A 1 64  ? 6.312   -9.995  -8.483  1.00 25.79 ? 64  ASN A C     1 
ATOM   501  O O     . ASN A 1 64  ? 6.238   -8.960  -7.792  1.00 23.22 ? 64  ASN A O     1 
ATOM   502  C CB    . ASN A 1 64  ? 5.240   -8.825  -10.316 1.00 33.05 ? 64  ASN A CB    1 
ATOM   503  C CG    . ASN A 1 64  ? 4.931   -8.141  -11.582 1.00 36.65 ? 64  ASN A CG    1 
ATOM   504  O OD1   . ASN A 1 64  ? 4.182   -8.540  -12.503 1.00 38.98 ? 64  ASN A OD1   1 
ATOM   505  N ND2   . ASN A 1 64  ? 5.515   -6.921  -11.613 1.00 40.21 ? 64  ASN A ND2   1 
ATOM   506  N N     . ARG A 1 65  ? 6.332   -11.179 -7.964  1.00 23.65 ? 65  ARG A N     1 
ATOM   507  C CA    . ARG A 1 65  ? 6.357   -11.532 -6.561  1.00 23.68 ? 65  ARG A CA    1 
ATOM   508  C C     . ARG A 1 65  ? 7.603   -12.378 -6.289  1.00 23.58 ? 65  ARG A C     1 
ATOM   509  O O     . ARG A 1 65  ? 7.799   -13.319 -7.079  1.00 25.45 ? 65  ARG A O     1 
ATOM   510  C CB    . ARG A 1 65  ? 5.199   -12.483 -6.235  1.00 26.76 ? 65  ARG A CB    1 
ATOM   511  C CG    . ARG A 1 65  ? 3.961   -11.837 -5.714  1.00 24.29 ? 65  ARG A CG    1 
ATOM   512  C CD    . ARG A 1 65  ? 2.998   -12.889 -5.224  1.00 22.69 ? 65  ARG A CD    1 
ATOM   513  N NE    . ARG A 1 65  ? 2.099   -13.325 -6.285  1.00 21.65 ? 65  ARG A NE    1 
ATOM   514  C CZ    . ARG A 1 65  ? 1.875   -14.612 -6.410  1.00 22.87 ? 65  ARG A CZ    1 
ATOM   515  N NH1   . ARG A 1 65  ? 2.626   -15.387 -5.654  1.00 26.19 ? 65  ARG A NH1   1 
ATOM   516  N NH2   . ARG A 1 65  ? 0.920   -15.077 -7.209  1.00 27.83 ? 65  ARG A NH2   1 
ATOM   517  N N     . PRO A 1 66  ? 8.345   -12.102 -5.260  1.00 22.50 ? 66  PRO A N     1 
ATOM   518  C CA    . PRO A 1 66  ? 8.139   -10.997 -4.321  1.00 20.17 ? 66  PRO A CA    1 
ATOM   519  C C     . PRO A 1 66  ? 8.543   -9.724  -5.072  1.00 18.39 ? 66  PRO A C     1 
ATOM   520  O O     . PRO A 1 66  ? 9.201   -9.667  -6.158  1.00 17.30 ? 66  PRO A O     1 
ATOM   521  C CB    . PRO A 1 66  ? 9.020   -11.379 -3.147  1.00 21.09 ? 66  PRO A CB    1 
ATOM   522  C CG    . PRO A 1 66  ? 10.184  -12.105 -3.771  1.00 22.63 ? 66  PRO A CG    1 
ATOM   523  C CD    . PRO A 1 66  ? 9.593   -12.838 -4.983  1.00 23.75 ? 66  PRO A CD    1 
ATOM   524  N N     . LEU A 1 67  ? 8.080   -8.643  -4.464  1.00 17.52 ? 67  LEU A N     1 
ATOM   525  C CA    . LEU A 1 67  ? 8.299   -7.294  -5.013  1.00 17.24 ? 67  LEU A CA    1 
ATOM   526  C C     . LEU A 1 67  ? 9.801   -7.025  -4.773  1.00 17.93 ? 67  LEU A C     1 
ATOM   527  O O     . LEU A 1 67  ? 10.220  -6.952  -3.612  1.00 15.70 ? 67  LEU A O     1 
ATOM   528  C CB    . LEU A 1 67  ? 7.346   -6.329  -4.305  1.00 15.84 ? 67  LEU A CB    1 
ATOM   529  C CG    . LEU A 1 67  ? 5.826   -6.476  -4.567  1.00 16.15 ? 67  LEU A CG    1 
ATOM   530  C CD1   . LEU A 1 67  ? 5.079   -5.522  -3.633  1.00 16.87 ? 67  LEU A CD1   1 
ATOM   531  C CD2   . LEU A 1 67  ? 5.547   -6.070  -5.990  1.00 17.66 ? 67  LEU A CD2   1 
ATOM   532  N N     . LYS A 1 68  ? 10.547  -6.908  -5.855  1.00 18.70 ? 68  LYS A N     1 
ATOM   533  C CA    . LYS A 1 68  ? 12.010  -6.734  -5.753  1.00 21.45 ? 68  LYS A CA    1 
ATOM   534  C C     . LYS A 1 68  ? 12.436  -5.526  -4.963  1.00 21.76 ? 68  LYS A C     1 
ATOM   535  O O     . LYS A 1 68  ? 11.801  -4.457  -5.000  1.00 21.56 ? 68  LYS A O     1 
ATOM   536  C CB    . LYS A 1 68  ? 12.633  -6.604  -7.150  1.00 24.67 ? 68  LYS A CB    1 
ATOM   537  C CG    . LYS A 1 68  ? 12.276  -7.738  -8.094  1.00 30.98 ? 68  LYS A CG    1 
ATOM   538  C CD    . LYS A 1 68  ? 12.644  -7.379  -9.545  1.00 33.58 ? 68  LYS A CD    1 
ATOM   539  C CE    . LYS A 1 68  ? 11.439  -6.883  -10.343 1.00 36.06 ? 68  LYS A CE    1 
ATOM   540  N NZ    . LYS A 1 68  ? 11.616  -7.120  -11.809 1.00 38.51 ? 68  LYS A NZ    1 
ATOM   541  N N     . GLY A 1 69  ? 13.586  -5.638  -4.303  1.00 20.84 ? 69  GLY A N     1 
ATOM   542  C CA    . GLY A 1 69  ? 14.169  -4.525  -3.524  1.00 20.12 ? 69  GLY A CA    1 
ATOM   543  C C     . GLY A 1 69  ? 13.400  -4.107  -2.289  1.00 15.24 ? 69  GLY A C     1 
ATOM   544  O O     . GLY A 1 69  ? 13.624  -2.995  -1.742  1.00 19.37 ? 69  GLY A O     1 
ATOM   545  N N     . ARG A 1 70  ? 12.428  -4.873  -1.874  1.00 16.48 ? 70  ARG A N     1 
ATOM   546  C CA    . ARG A 1 70  ? 11.591  -4.622  -0.684  1.00 13.37 ? 70  ARG A CA    1 
ATOM   547  C C     . ARG A 1 70  ? 11.428  -5.929  0.128   1.00 12.90 ? 70  ARG A C     1 
ATOM   548  O O     . ARG A 1 70  ? 11.477  -7.047  -0.428  1.00 15.34 ? 70  ARG A O     1 
ATOM   549  C CB    . ARG A 1 70  ? 10.169  -4.163  -1.115  1.00 12.12 ? 70  ARG A CB    1 
ATOM   550  C CG    . ARG A 1 70  ? 10.156  -2.725  -1.576  1.00 14.58 ? 70  ARG A CG    1 
ATOM   551  C CD    . ARG A 1 70  ? 9.119   -2.489  -2.633  1.00 12.28 ? 70  ARG A CD    1 
ATOM   552  N NE    . ARG A 1 70  ? 9.492   -3.141  -3.900  1.00 12.56 ? 70  ARG A NE    1 
ATOM   553  C CZ    . ARG A 1 70  ? 8.788   -3.104  -5.020  1.00 15.80 ? 70  ARG A CZ    1 
ATOM   554  N NH1   . ARG A 1 70  ? 7.639   -2.403  -5.203  1.00 14.97 ? 70  ARG A NH1   1 
ATOM   555  N NH2   . ARG A 1 70  ? 9.259   -3.750  -6.083  1.00 16.18 ? 70  ARG A NH2   1 
ATOM   556  N N     . ILE A 1 71  ? 11.251  -5.806  1.420   1.00 13.79 ? 71  ILE A N     1 
ATOM   557  C CA    . ILE A 1 71  ? 11.002  -6.963  2.319   1.00 14.90 ? 71  ILE A CA    1 
ATOM   558  C C     . ILE A 1 71  ? 9.474   -7.194  2.218   1.00 14.19 ? 71  ILE A C     1 
ATOM   559  O O     . ILE A 1 71  ? 8.695   -6.273  2.511   1.00 14.49 ? 71  ILE A O     1 
ATOM   560  C CB    . ILE A 1 71  ? 11.431  -6.722  3.792   1.00 15.10 ? 71  ILE A CB    1 
ATOM   561  C CG1   . ILE A 1 71  ? 12.983  -6.477  3.816   1.00 17.26 ? 71  ILE A CG1   1 
ATOM   562  C CG2   . ILE A 1 71  ? 10.972  -7.839  4.781   1.00 14.67 ? 71  ILE A CG2   1 
ATOM   563  C CD1   . ILE A 1 71  ? 13.326  -5.820  5.179   1.00 17.32 ? 71  ILE A CD1   1 
ATOM   564  N N     . ASN A 1 72  ? 9.126   -8.417  1.831   1.00 14.73 ? 72  ASN A N     1 
ATOM   565  C CA    . ASN A 1 72  ? 7.665   -8.720  1.654   1.00 15.39 ? 72  ASN A CA    1 
ATOM   566  C C     . ASN A 1 72  ? 7.060   -9.470  2.836   1.00 15.65 ? 72  ASN A C     1 
ATOM   567  O O     . ASN A 1 72  ? 7.560   -10.581 3.190   1.00 16.41 ? 72  ASN A O     1 
ATOM   568  C CB    . ASN A 1 72  ? 7.506   -9.560  0.366   1.00 14.68 ? 72  ASN A CB    1 
ATOM   569  C CG    . ASN A 1 72  ? 7.788   -8.790  -0.921  1.00 17.65 ? 72  ASN A CG    1 
ATOM   570  O OD1   . ASN A 1 72  ? 6.930   -8.775  -1.825  1.00 17.51 ? 72  ASN A OD1   1 
ATOM   571  N ND2   . ASN A 1 72  ? 8.988   -8.247  -1.052  1.00 15.20 ? 72  ASN A ND2   1 
ATOM   572  N N     . LEU A 1 73  ? 6.034   -8.946  3.447   1.00 12.94 ? 73  LEU A N     1 
ATOM   573  C CA    . LEU A 1 73  ? 5.394   -9.572  4.597   1.00 15.05 ? 73  LEU A CA    1 
ATOM   574  C C     . LEU A 1 73  ? 3.886   -9.713  4.307   1.00 16.91 ? 73  LEU A C     1 
ATOM   575  O O     . LEU A 1 73  ? 3.196   -8.728  3.974   1.00 17.56 ? 73  LEU A O     1 
ATOM   576  C CB    . LEU A 1 73  ? 5.674   -8.757  5.858   1.00 14.80 ? 73  LEU A CB    1 
ATOM   577  C CG    . LEU A 1 73  ? 5.006   -9.266  7.166   1.00 13.81 ? 73  LEU A CG    1 
ATOM   578  C CD1   . LEU A 1 73  ? 5.783   -8.581  8.313   1.00 14.26 ? 73  LEU A CD1   1 
ATOM   579  C CD2   . LEU A 1 73  ? 3.549   -8.873  7.388   1.00 13.47 ? 73  LEU A CD2   1 
ATOM   580  N N     . VAL A 1 74  ? 3.443   -10.981 4.445   1.00 14.05 ? 74  VAL A N     1 
ATOM   581  C CA    . VAL A 1 74  ? 1.977   -11.232 4.193   1.00 15.52 ? 74  VAL A CA    1 
ATOM   582  C C     . VAL A 1 74  ? 1.297   -11.275 5.548   1.00 16.01 ? 74  VAL A C     1 
ATOM   583  O O     . VAL A 1 74  ? 1.784   -11.916 6.529   1.00 16.87 ? 74  VAL A O     1 
ATOM   584  C CB    . VAL A 1 74  ? 1.827   -12.533 3.367   1.00 13.77 ? 74  VAL A CB    1 
ATOM   585  C CG1   . VAL A 1 74  ? 0.343   -12.901 3.174   1.00 15.80 ? 74  VAL A CG1   1 
ATOM   586  C CG2   . VAL A 1 74  ? 2.465   -12.334 2.006   1.00 17.45 ? 74  VAL A CG2   1 
ATOM   587  N N     . LEU A 1 75  ? 0.158   -10.669 5.654   1.00 13.94 ? 75  LEU A N     1 
ATOM   588  C CA    . LEU A 1 75  ? -0.667  -10.597 6.881   1.00 20.28 ? 75  LEU A CA    1 
ATOM   589  C C     . LEU A 1 75  ? -1.843  -11.525 6.656   1.00 18.68 ? 75  LEU A C     1 
ATOM   590  O O     . LEU A 1 75  ? -2.609  -11.309 5.685   1.00 19.61 ? 75  LEU A O     1 
ATOM   591  C CB    . LEU A 1 75  ? -0.896  -9.075  7.066   1.00 21.50 ? 75  LEU A CB    1 
ATOM   592  C CG    . LEU A 1 75  ? -1.350  -8.554  8.428   1.00 26.89 ? 75  LEU A CG    1 
ATOM   593  C CD1   . LEU A 1 75  ? -0.244  -8.742  9.491   1.00 28.60 ? 75  LEU A CD1   1 
ATOM   594  C CD2   . LEU A 1 75  ? -1.602  -7.050  8.267   1.00 26.52 ? 75  LEU A CD2   1 
ATOM   595  N N     . SER A 1 76  ? -2.053  -12.547 7.498   1.00 19.54 ? 76  SER A N     1 
ATOM   596  C CA    . SER A 1 76  ? -3.170  -13.475 7.311   1.00 20.54 ? 76  SER A CA    1 
ATOM   597  C C     . SER A 1 76  ? -3.326  -14.325 8.599   1.00 22.82 ? 76  SER A C     1 
ATOM   598  O O     . SER A 1 76  ? -2.307  -14.626 9.192   1.00 23.23 ? 76  SER A O     1 
ATOM   599  C CB    . SER A 1 76  ? -2.868  -14.458 6.182   1.00 19.77 ? 76  SER A CB    1 
ATOM   600  O OG    . SER A 1 76  ? -4.001  -15.345 6.045   1.00 21.42 ? 76  SER A OG    1 
ATOM   601  N N     . ARG A 1 77  ? -4.560  -14.576 8.932   1.00 25.51 ? 77  ARG A N     1 
ATOM   602  C CA    . ARG A 1 77  ? -4.922  -15.420 10.072  1.00 29.10 ? 77  ARG A CA    1 
ATOM   603  C C     . ARG A 1 77  ? -5.109  -16.827 9.498   1.00 29.18 ? 77  ARG A C     1 
ATOM   604  O O     . ARG A 1 77  ? -4.921  -17.784 10.264  1.00 30.75 ? 77  ARG A O     1 
ATOM   605  C CB    . ARG A 1 77  ? -6.167  -14.924 10.768  1.00 33.46 ? 77  ARG A CB    1 
ATOM   606  C CG    . ARG A 1 77  ? -6.165  -13.887 11.870  1.00 37.16 ? 77  ARG A CG    1 
ATOM   607  C CD    . ARG A 1 77  ? -7.381  -13.048 11.822  1.00 41.27 ? 77  ARG A CD    1 
ATOM   608  N NE    . ARG A 1 77  ? -8.600  -13.128 12.592  1.00 44.82 ? 77  ARG A NE    1 
ATOM   609  C CZ    . ARG A 1 77  ? -8.889  -12.380 13.676  1.00 46.00 ? 77  ARG A CZ    1 
ATOM   610  N NH1   . ARG A 1 77  ? -7.984  -11.631 14.334  1.00 48.14 ? 77  ARG A NH1   1 
ATOM   611  N NH2   . ARG A 1 77  ? -10.132 -12.235 14.109  1.00 46.02 ? 77  ARG A NH2   1 
ATOM   612  N N     . GLU A 1 78  ? -5.446  -17.085 8.252   1.00 27.43 ? 78  GLU A N     1 
ATOM   613  C CA    . GLU A 1 78  ? -5.689  -18.393 7.675   1.00 25.57 ? 78  GLU A CA    1 
ATOM   614  C C     . GLU A 1 78  ? -4.534  -19.169 7.049   1.00 26.54 ? 78  GLU A C     1 
ATOM   615  O O     . GLU A 1 78  ? -4.623  -20.429 6.894   1.00 25.49 ? 78  GLU A O     1 
ATOM   616  C CB    . GLU A 1 78  ? -6.823  -18.286 6.610   1.00 26.77 ? 78  GLU A CB    1 
ATOM   617  C CG    . GLU A 1 78  ? -8.120  -17.667 7.192   1.00 28.42 ? 78  GLU A CG    1 
ATOM   618  C CD    . GLU A 1 78  ? -9.334  -17.899 6.309   1.00 31.18 ? 78  GLU A CD    1 
ATOM   619  O OE1   . GLU A 1 78  ? -10.516 -17.795 6.689   1.00 30.05 ? 78  GLU A OE1   1 
ATOM   620  O OE2   . GLU A 1 78  ? -8.925  -18.297 5.189   1.00 31.00 ? 78  GLU A OE2   1 
ATOM   621  N N     . LEU A 1 79  ? -3.450  -18.505 6.652   1.00 22.17 ? 79  LEU A N     1 
ATOM   622  C CA    . LEU A 1 79  ? -2.296  -19.203 6.099   1.00 20.86 ? 79  LEU A CA    1 
ATOM   623  C C     . LEU A 1 79  ? -1.548  -19.841 7.286   1.00 21.69 ? 79  LEU A C     1 
ATOM   624  O O     . LEU A 1 79  ? -1.415  -19.309 8.381   1.00 19.03 ? 79  LEU A O     1 
ATOM   625  C CB    . LEU A 1 79  ? -1.403  -18.229 5.316   1.00 19.85 ? 79  LEU A CB    1 
ATOM   626  C CG    . LEU A 1 79  ? -2.041  -17.501 4.165   1.00 21.61 ? 79  LEU A CG    1 
ATOM   627  C CD1   . LEU A 1 79  ? -0.972  -16.609 3.453   1.00 21.33 ? 79  LEU A CD1   1 
ATOM   628  C CD2   . LEU A 1 79  ? -2.628  -18.463 3.171   1.00 22.95 ? 79  LEU A CD2   1 
ATOM   629  N N     . LYS A 1 80  ? -0.996  -21.029 7.030   1.00 24.24 ? 80  LYS A N     1 
ATOM   630  C CA    . LYS A 1 80  ? -0.276  -21.821 8.030   1.00 26.79 ? 80  LYS A CA    1 
ATOM   631  C C     . LYS A 1 80  ? 1.214   -21.578 8.025   1.00 27.80 ? 80  LYS A C     1 
ATOM   632  O O     . LYS A 1 80  ? 1.914   -21.905 9.000   1.00 29.19 ? 80  LYS A O     1 
ATOM   633  C CB    . LYS A 1 80  ? -0.603  -23.287 7.750   1.00 28.57 ? 80  LYS A CB    1 
ATOM   634  C CG    . LYS A 1 80  ? -2.076  -23.598 7.604   1.00 28.12 ? 80  LYS A CG    1 
ATOM   635  C CD    . LYS A 1 80  ? -2.693  -24.351 8.754   1.00 30.07 ? 80  LYS A CD    1 
ATOM   636  C CE    . LYS A 1 80  ? -3.760  -23.660 9.531   1.00 29.81 ? 80  LYS A CE    1 
ATOM   637  N NZ    . LYS A 1 80  ? -4.242  -24.347 10.732  1.00 26.53 ? 80  LYS A NZ    1 
ATOM   638  N N     . GLU A 1 81  ? 1.680   -20.978 6.961   1.00 27.82 ? 81  GLU A N     1 
ATOM   639  C CA    . GLU A 1 81  ? 3.115   -20.681 6.759   1.00 28.51 ? 81  GLU A CA    1 
ATOM   640  C C     . GLU A 1 81  ? 3.282   -19.658 5.654   1.00 27.01 ? 81  GLU A C     1 
ATOM   641  O O     . GLU A 1 81  ? 2.368   -19.426 4.857   1.00 27.14 ? 81  GLU A O     1 
ATOM   642  C CB    . GLU A 1 81  ? 3.755   -22.002 6.318   1.00 31.94 ? 81  GLU A CB    1 
ATOM   643  C CG    . GLU A 1 81  ? 3.623   -22.170 4.793   1.00 33.87 ? 81  GLU A CG    1 
ATOM   644  C CD    . GLU A 1 81  ? 3.040   -23.502 4.433   1.00 38.31 ? 81  GLU A CD    1 
ATOM   645  O OE1   . GLU A 1 81  ? 2.229   -24.041 5.199   1.00 38.11 ? 81  GLU A OE1   1 
ATOM   646  O OE2   . GLU A 1 81  ? 3.502   -23.878 3.316   1.00 40.54 ? 81  GLU A OE2   1 
ATOM   647  N N     . PRO A 1 82  ? 4.428   -18.983 5.623   1.00 27.22 ? 82  PRO A N     1 
ATOM   648  C CA    . PRO A 1 82  ? 4.666   -17.937 4.623   1.00 25.85 ? 82  PRO A CA    1 
ATOM   649  C C     . PRO A 1 82  ? 4.509   -18.541 3.229   1.00 25.55 ? 82  PRO A C     1 
ATOM   650  O O     . PRO A 1 82  ? 5.052   -19.611 2.966   1.00 26.14 ? 82  PRO A O     1 
ATOM   651  C CB    . PRO A 1 82  ? 6.027   -17.345 4.943   1.00 24.85 ? 82  PRO A CB    1 
ATOM   652  C CG    . PRO A 1 82  ? 6.541   -18.064 6.127   1.00 26.05 ? 82  PRO A CG    1 
ATOM   653  C CD    . PRO A 1 82  ? 5.574   -19.179 6.527   1.00 26.57 ? 82  PRO A CD    1 
ATOM   654  N N     . PRO A 1 83  ? 3.721   -17.862 2.405   1.00 25.65 ? 83  PRO A N     1 
ATOM   655  C CA    . PRO A 1 83  ? 3.531   -18.279 1.014   1.00 26.24 ? 83  PRO A CA    1 
ATOM   656  C C     . PRO A 1 83  ? 4.931   -18.231 0.413   1.00 27.69 ? 83  PRO A C     1 
ATOM   657  O O     . PRO A 1 83  ? 5.820   -17.522 0.905   1.00 28.62 ? 83  PRO A O     1 
ATOM   658  C CB    . PRO A 1 83  ? 2.566   -17.300 0.393   1.00 24.06 ? 83  PRO A CB    1 
ATOM   659  C CG    . PRO A 1 83  ? 2.155   -16.358 1.479   1.00 25.29 ? 83  PRO A CG    1 
ATOM   660  C CD    . PRO A 1 83  ? 3.074   -16.564 2.671   1.00 24.04 ? 83  PRO A CD    1 
ATOM   661  N N     . GLN A 1 84  ? 5.128   -19.018 -0.627  1.00 29.75 ? 84  GLN A N     1 
ATOM   662  C CA    . GLN A 1 84  ? 6.403   -19.182 -1.327  1.00 32.06 ? 84  GLN A CA    1 
ATOM   663  C C     . GLN A 1 84  ? 6.782   -17.804 -1.823  1.00 31.25 ? 84  GLN A C     1 
ATOM   664  O O     . GLN A 1 84  ? 5.885   -17.150 -2.376  1.00 29.86 ? 84  GLN A O     1 
ATOM   665  C CB    . GLN A 1 84  ? 6.164   -20.240 -2.428  1.00 35.84 ? 84  GLN A CB    1 
ATOM   666  C CG    . GLN A 1 84  ? 7.325   -20.424 -3.370  1.00 40.58 ? 84  GLN A CG    1 
ATOM   667  C CD    . GLN A 1 84  ? 7.175   -21.507 -4.433  1.00 44.64 ? 84  GLN A CD    1 
ATOM   668  O OE1   . GLN A 1 84  ? 7.815   -21.401 -5.500  1.00 45.08 ? 84  GLN A OE1   1 
ATOM   669  N NE2   . GLN A 1 84  ? 6.347   -22.538 -4.160  1.00 44.74 ? 84  GLN A NE2   1 
ATOM   670  N N     . GLY A 1 85  ? 8.004   -17.345 -1.582  1.00 30.21 ? 85  GLY A N     1 
ATOM   671  C CA    . GLY A 1 85  ? 8.405   -16.023 -2.074  1.00 27.95 ? 85  GLY A CA    1 
ATOM   672  C C     . GLY A 1 85  ? 8.294   -14.891 -1.068  1.00 25.46 ? 85  GLY A C     1 
ATOM   673  O O     . GLY A 1 85  ? 8.982   -13.868 -1.261  1.00 26.83 ? 85  GLY A O     1 
ATOM   674  N N     . ALA A 1 86  ? 7.467   -15.024 -0.052  1.00 23.52 ? 86  ALA A N     1 
ATOM   675  C CA    . ALA A 1 86  ? 7.271   -14.016 0.979   1.00 21.71 ? 86  ALA A CA    1 
ATOM   676  C C     . ALA A 1 86  ? 8.394   -14.237 2.025   1.00 23.14 ? 86  ALA A C     1 
ATOM   677  O O     . ALA A 1 86  ? 8.864   -15.362 2.237   1.00 23.80 ? 86  ALA A O     1 
ATOM   678  C CB    . ALA A 1 86  ? 5.958   -14.055 1.718   1.00 21.72 ? 86  ALA A CB    1 
ATOM   679  N N     . HIS A 1 87  ? 8.782   -13.160 2.643   1.00 20.70 ? 87  HIS A N     1 
ATOM   680  C CA    . HIS A 1 87  ? 9.840   -13.229 3.662   1.00 21.61 ? 87  HIS A CA    1 
ATOM   681  C C     . HIS A 1 87  ? 9.277   -13.535 5.028   1.00 21.23 ? 87  HIS A C     1 
ATOM   682  O O     . HIS A 1 87  ? 9.905   -14.297 5.772   1.00 22.44 ? 87  HIS A O     1 
ATOM   683  C CB    . HIS A 1 87  ? 10.664  -11.913 3.681   1.00 22.60 ? 87  HIS A CB    1 
ATOM   684  C CG    . HIS A 1 87  ? 11.156  -11.582 2.327   1.00 25.03 ? 87  HIS A CG    1 
ATOM   685  N ND1   . HIS A 1 87  ? 12.229  -12.165 1.712   1.00 29.23 ? 87  HIS A ND1   1 
ATOM   686  C CD2   . HIS A 1 87  ? 10.657  -10.687 1.443   1.00 23.63 ? 87  HIS A CD2   1 
ATOM   687  C CE1   . HIS A 1 87  ? 12.345  -11.598 0.482   1.00 29.60 ? 87  HIS A CE1   1 
ATOM   688  N NE2   . HIS A 1 87  ? 11.396  -10.679 0.325   1.00 27.41 ? 87  HIS A NE2   1 
ATOM   689  N N     . PHE A 1 88  ? 8.158   -12.988 5.367   1.00 19.82 ? 88  PHE A N     1 
ATOM   690  C CA    . PHE A 1 88  ? 7.495   -13.136 6.652   1.00 19.63 ? 88  PHE A CA    1 
ATOM   691  C C     . PHE A 1 88  ? 5.959   -13.278 6.508   1.00 20.83 ? 88  PHE A C     1 
ATOM   692  O O     . PHE A 1 88  ? 5.373   -12.794 5.521   1.00 20.15 ? 88  PHE A O     1 
ATOM   693  C CB    . PHE A 1 88  ? 7.746   -11.903 7.560   1.00 20.24 ? 88  PHE A CB    1 
ATOM   694  C CG    . PHE A 1 88  ? 9.210   -11.734 7.891   1.00 20.90 ? 88  PHE A CG    1 
ATOM   695  C CD1   . PHE A 1 88  ? 10.016  -10.928 7.097   1.00 19.97 ? 88  PHE A CD1   1 
ATOM   696  C CD2   . PHE A 1 88  ? 9.783   -12.477 8.945   1.00 19.93 ? 88  PHE A CD2   1 
ATOM   697  C CE1   . PHE A 1 88  ? 11.383  -10.810 7.340   1.00 23.48 ? 88  PHE A CE1   1 
ATOM   698  C CE2   . PHE A 1 88  ? 11.143  -12.357 9.192   1.00 20.85 ? 88  PHE A CE2   1 
ATOM   699  C CZ    . PHE A 1 88  ? 11.958  -11.503 8.393   1.00 20.81 ? 88  PHE A CZ    1 
ATOM   700  N N     . LEU A 1 89  ? 5.393   -13.862 7.555   1.00 18.88 ? 89  LEU A N     1 
ATOM   701  C CA    . LEU A 1 89  ? 3.931   -14.019 7.684   1.00 19.11 ? 89  LEU A CA    1 
ATOM   702  C C     . LEU A 1 89  ? 3.690   -13.545 9.113   1.00 22.23 ? 89  LEU A C     1 
ATOM   703  O O     . LEU A 1 89  ? 4.445   -13.940 10.031  1.00 23.22 ? 89  LEU A O     1 
ATOM   704  C CB    . LEU A 1 89  ? 3.375   -15.421 7.478   1.00 18.55 ? 89  LEU A CB    1 
ATOM   705  C CG    . LEU A 1 89  ? 1.950   -15.694 7.923   1.00 18.73 ? 89  LEU A CG    1 
ATOM   706  C CD1   . LEU A 1 89  ? 1.042   -15.131 6.849   1.00 16.95 ? 89  LEU A CD1   1 
ATOM   707  C CD2   . LEU A 1 89  ? 1.677   -17.183 8.170   1.00 18.19 ? 89  LEU A CD2   1 
ATOM   708  N N     . SER A 1 90  ? 2.660   -12.757 9.295   1.00 21.47 ? 90  SER A N     1 
ATOM   709  C CA    . SER A 1 90  ? 2.242   -12.247 10.602  1.00 24.07 ? 90  SER A CA    1 
ATOM   710  C C     . SER A 1 90  ? 0.708   -12.377 10.623  1.00 25.46 ? 90  SER A C     1 
ATOM   711  O O     . SER A 1 90  ? 0.066   -12.255 9.561   1.00 21.91 ? 90  SER A O     1 
ATOM   712  C CB    . SER A 1 90  ? 2.666   -10.820 10.916  1.00 25.35 ? 90  SER A CB    1 
ATOM   713  O OG    . SER A 1 90  ? 4.074   -10.675 10.715  1.00 25.35 ? 90  SER A OG    1 
ATOM   714  N N     . ARG A 1 91  ? 0.144   -12.611 11.793  1.00 26.94 ? 91  ARG A N     1 
ATOM   715  C CA    . ARG A 1 91  ? -1.285  -12.753 11.991  1.00 29.89 ? 91  ARG A CA    1 
ATOM   716  C C     . ARG A 1 91  ? -1.995  -11.414 12.199  1.00 29.25 ? 91  ARG A C     1 
ATOM   717  O O     . ARG A 1 91  ? -3.246  -11.393 12.191  1.00 31.42 ? 91  ARG A O     1 
ATOM   718  C CB    . ARG A 1 91  ? -1.663  -13.726 13.141  1.00 33.53 ? 91  ARG A CB    1 
ATOM   719  C CG    . ARG A 1 91  ? -2.993  -13.364 13.802  1.00 39.86 ? 91  ARG A CG    1 
ATOM   720  C CD    . ARG A 1 91  ? -3.520  -13.964 15.044  1.00 42.56 ? 91  ARG A CD    1 
ATOM   721  N NE    . ARG A 1 91  ? -4.624  -14.881 15.071  1.00 46.34 ? 91  ARG A NE    1 
ATOM   722  C CZ    . ARG A 1 91  ? -5.623  -15.331 15.822  1.00 47.54 ? 91  ARG A CZ    1 
ATOM   723  N NH1   . ARG A 1 91  ? -6.361  -16.404 15.431  1.00 48.44 ? 91  ARG A NH1   1 
ATOM   724  N NH2   . ARG A 1 91  ? -6.029  -14.785 16.988  1.00 48.54 ? 91  ARG A NH2   1 
ATOM   725  N N     . SER A 1 92  ? -1.327  -10.316 12.389  1.00 28.36 ? 92  SER A N     1 
ATOM   726  C CA    . SER A 1 92  ? -1.955  -9.013  12.584  1.00 27.72 ? 92  SER A CA    1 
ATOM   727  C C     . SER A 1 92  ? -0.918  -7.890  12.330  1.00 25.86 ? 92  SER A C     1 
ATOM   728  O O     . SER A 1 92  ? 0.272   -8.126  12.316  1.00 24.64 ? 92  SER A O     1 
ATOM   729  C CB    . SER A 1 92  ? -2.578  -8.899  13.976  1.00 27.37 ? 92  SER A CB    1 
ATOM   730  O OG    . SER A 1 92  ? -1.534  -8.735  14.941  1.00 30.00 ? 92  SER A OG    1 
ATOM   731  N N     . LEU A 1 93  ? -1.486  -6.718  12.107  1.00 27.53 ? 93  LEU A N     1 
ATOM   732  C CA    . LEU A 1 93  ? -0.685  -5.510  11.867  1.00 27.55 ? 93  LEU A CA    1 
ATOM   733  C C     . LEU A 1 93  ? 0.269   -5.350  13.057  1.00 28.59 ? 93  LEU A C     1 
ATOM   734  O O     . LEU A 1 93  ? 1.470   -5.135  12.946  1.00 27.40 ? 93  LEU A O     1 
ATOM   735  C CB    . LEU A 1 93  ? -1.591  -4.292  11.719  1.00 29.43 ? 93  LEU A CB    1 
ATOM   736  C CG    . LEU A 1 93  ? -1.112  -3.171  10.792  1.00 29.35 ? 93  LEU A CG    1 
ATOM   737  C CD1   . LEU A 1 93  ? -1.711  -1.841  11.199  1.00 28.15 ? 93  LEU A CD1   1 
ATOM   738  C CD2   . LEU A 1 93  ? 0.400   -3.107  10.726  1.00 29.67 ? 93  LEU A CD2   1 
ATOM   739  N N     . ASP A 1 94  ? -0.370  -5.430  14.218  1.00 29.92 ? 94  ASP A N     1 
ATOM   740  C CA    . ASP A 1 94  ? 0.323   -5.316  15.519  1.00 32.06 ? 94  ASP A CA    1 
ATOM   741  C C     . ASP A 1 94  ? 1.600   -6.173  15.574  1.00 31.24 ? 94  ASP A C     1 
ATOM   742  O O     . ASP A 1 94  ? 2.695   -5.671  15.846  1.00 31.39 ? 94  ASP A O     1 
ATOM   743  C CB    . ASP A 1 94  ? -0.655  -5.772  16.592  1.00 35.94 ? 94  ASP A CB    1 
ATOM   744  C CG    . ASP A 1 94  ? -1.722  -4.760  16.978  1.00 38.50 ? 94  ASP A CG    1 
ATOM   745  O OD1   . ASP A 1 94  ? -2.870  -5.157  17.308  1.00 40.57 ? 94  ASP A OD1   1 
ATOM   746  O OD2   . ASP A 1 94  ? -1.379  -3.560  17.024  1.00 39.02 ? 94  ASP A OD2   1 
ATOM   747  N N     . ASP A 1 95  ? 1.423   -7.452  15.289  1.00 29.55 ? 95  ASP A N     1 
ATOM   748  C CA    . ASP A 1 95  ? 2.523   -8.415  15.267  1.00 30.20 ? 95  ASP A CA    1 
ATOM   749  C C     . ASP A 1 95  ? 3.552   -8.061  14.198  1.00 27.96 ? 95  ASP A C     1 
ATOM   750  O O     . ASP A 1 95  ? 4.758   -8.219  14.468  1.00 26.26 ? 95  ASP A O     1 
ATOM   751  C CB    . ASP A 1 95  ? 2.103   -9.855  15.069  1.00 32.74 ? 95  ASP A CB    1 
ATOM   752  C CG    . ASP A 1 95  ? 1.409   -10.406 16.308  1.00 35.01 ? 95  ASP A CG    1 
ATOM   753  O OD1   . ASP A 1 95  ? 1.057   -11.582 16.224  1.00 38.24 ? 95  ASP A OD1   1 
ATOM   754  O OD2   . ASP A 1 95  ? 1.251   -9.594  17.236  1.00 34.46 ? 95  ASP A OD2   1 
ATOM   755  N N     . ALA A 1 96  ? 3.060   -7.627  13.023  1.00 25.43 ? 96  ALA A N     1 
ATOM   756  C CA    . ALA A 1 96  ? 4.042   -7.238  11.978  1.00 24.44 ? 96  ALA A CA    1 
ATOM   757  C C     . ALA A 1 96  ? 4.987   -6.120  12.422  1.00 24.99 ? 96  ALA A C     1 
ATOM   758  O O     . ALA A 1 96  ? 6.232   -6.088  12.269  1.00 26.46 ? 96  ALA A O     1 
ATOM   759  C CB    . ALA A 1 96  ? 3.251   -6.795  10.721  1.00 22.26 ? 96  ALA A CB    1 
ATOM   760  N N     . LEU A 1 97  ? 4.421   -5.104  12.994  1.00 26.04 ? 97  LEU A N     1 
ATOM   761  C CA    . LEU A 1 97  ? 5.055   -3.900  13.544  1.00 29.49 ? 97  LEU A CA    1 
ATOM   762  C C     . LEU A 1 97  ? 5.936   -4.357  14.708  1.00 32.21 ? 97  LEU A C     1 
ATOM   763  O O     . LEU A 1 97  ? 7.069   -3.854  14.746  1.00 32.67 ? 97  LEU A O     1 
ATOM   764  C CB    . LEU A 1 97  ? 3.948   -2.906  13.854  1.00 30.43 ? 97  LEU A CB    1 
ATOM   765  C CG    . LEU A 1 97  ? 3.149   -2.273  12.719  1.00 31.70 ? 97  LEU A CG    1 
ATOM   766  C CD1   . LEU A 1 97  ? 2.279   -1.195  13.331  1.00 30.13 ? 97  LEU A CD1   1 
ATOM   767  C CD2   . LEU A 1 97  ? 4.131   -1.612  11.749  1.00 32.83 ? 97  LEU A CD2   1 
ATOM   768  N N     . LYS A 1 98  ? 5.442   -5.296  15.530  1.00 34.40 ? 98  LYS A N     1 
ATOM   769  C CA    . LYS A 1 98  ? 6.242   -5.840  16.644  1.00 35.92 ? 98  LYS A CA    1 
ATOM   770  C C     . LYS A 1 98  ? 7.500   -6.505  16.081  1.00 36.69 ? 98  LYS A C     1 
ATOM   771  O O     . LYS A 1 98  ? 8.614   -6.443  16.624  1.00 36.30 ? 98  LYS A O     1 
ATOM   772  C CB    . LYS A 1 98  ? 5.567   -6.908  17.498  1.00 37.97 ? 98  LYS A CB    1 
ATOM   773  C CG    . LYS A 1 98  ? 4.556   -6.523  18.544  1.00 39.37 ? 98  LYS A CG    1 
ATOM   774  C CD    . LYS A 1 98  ? 3.980   -7.550  19.483  1.00 41.13 ? 98  LYS A CD    1 
ATOM   775  C CE    . LYS A 1 98  ? 2.851   -8.448  19.116  1.00 41.71 ? 98  LYS A CE    1 
ATOM   776  N NZ    . LYS A 1 98  ? 1.489   -7.820  19.068  1.00 41.98 ? 98  LYS A NZ    1 
ATOM   777  N N     . LEU A 1 99  ? 7.300   -7.137  14.938  1.00 36.95 ? 99  LEU A N     1 
ATOM   778  C CA    . LEU A 1 99  ? 8.370   -7.854  14.225  1.00 39.04 ? 99  LEU A CA    1 
ATOM   779  C C     . LEU A 1 99  ? 9.486   -6.931  13.798  1.00 41.50 ? 99  LEU A C     1 
ATOM   780  O O     . LEU A 1 99  ? 10.642  -7.416  13.698  1.00 42.31 ? 99  LEU A O     1 
ATOM   781  C CB    . LEU A 1 99  ? 7.700   -8.724  13.152  1.00 36.84 ? 99  LEU A CB    1 
ATOM   782  C CG    . LEU A 1 99  ? 8.433   -9.651  12.241  1.00 35.55 ? 99  LEU A CG    1 
ATOM   783  C CD1   . LEU A 1 99  ? 9.172   -10.797 12.933  1.00 35.04 ? 99  LEU A CD1   1 
ATOM   784  C CD2   . LEU A 1 99  ? 7.470   -10.318 11.234  1.00 33.15 ? 99  LEU A CD2   1 
ATOM   785  N N     . THR A 1 100 ? 9.219   -5.667  13.568  1.00 46.78 ? 100 THR A N     1 
ATOM   786  C CA    . THR A 1 100 ? 10.193  -4.665  13.140  1.00 52.11 ? 100 THR A CA    1 
ATOM   787  C C     . THR A 1 100 ? 10.954  -4.025  14.302  1.00 56.75 ? 100 THR A C     1 
ATOM   788  O O     . THR A 1 100 ? 11.066  -2.778  14.354  1.00 58.02 ? 100 THR A O     1 
ATOM   789  C CB    . THR A 1 100 ? 9.511   -3.462  12.362  1.00 51.99 ? 100 THR A CB    1 
ATOM   790  O OG1   . THR A 1 100 ? 8.774   -2.747  13.404  1.00 51.95 ? 100 THR A OG1   1 
ATOM   791  C CG2   . THR A 1 100 ? 8.591   -3.867  11.216  1.00 51.78 ? 100 THR A CG2   1 
ATOM   792  N N     . GLU A 1 101 ? 11.470  -4.836  15.191  1.00 61.27 ? 101 GLU A N     1 
ATOM   793  C CA    . GLU A 1 101 ? 12.223  -4.388  16.369  1.00 65.62 ? 101 GLU A CA    1 
ATOM   794  C C     . GLU A 1 101 ? 13.241  -5.502  16.631  1.00 67.89 ? 101 GLU A C     1 
ATOM   795  O O     . GLU A 1 101 ? 14.452  -5.307  16.755  1.00 68.61 ? 101 GLU A O     1 
ATOM   796  C CB    . GLU A 1 101 ? 11.375  -4.368  17.628  1.00 66.93 ? 101 GLU A CB    1 
ATOM   797  C CG    . GLU A 1 101 ? 10.017  -3.687  17.523  1.00 69.57 ? 101 GLU A CG    1 
ATOM   798  C CD    . GLU A 1 101 ? 10.050  -2.204  17.759  1.00 71.05 ? 101 GLU A CD    1 
ATOM   799  O OE1   . GLU A 1 101 ? 10.280  -1.709  18.856  1.00 72.09 ? 101 GLU A OE1   1 
ATOM   800  O OE2   . GLU A 1 101 ? 9.829   -1.542  16.724  1.00 71.97 ? 101 GLU A OE2   1 
ATOM   801  N N     . GLN A 1 102 ? 12.598  -6.663  16.692  1.00 70.44 ? 102 GLN A N     1 
ATOM   802  C CA    . GLN A 1 102 ? 13.419  -7.864  16.909  1.00 73.76 ? 102 GLN A CA    1 
ATOM   803  C C     . GLN A 1 102 ? 14.536  -7.859  15.875  1.00 74.84 ? 102 GLN A C     1 
ATOM   804  O O     . GLN A 1 102 ? 14.363  -7.482  14.715  1.00 75.20 ? 102 GLN A O     1 
ATOM   805  C CB    . GLN A 1 102 ? 12.569  -9.128  16.977  1.00 75.50 ? 102 GLN A CB    1 
ATOM   806  C CG    . GLN A 1 102 ? 12.251  -9.252  18.478  1.00 78.75 ? 102 GLN A CG    1 
ATOM   807  C CD    . GLN A 1 102 ? 11.565  -10.536 18.842  1.00 80.51 ? 102 GLN A CD    1 
ATOM   808  O OE1   . GLN A 1 102 ? 10.893  -10.600 19.877  1.00 82.02 ? 102 GLN A OE1   1 
ATOM   809  N NE2   . GLN A 1 102 ? 11.768  -11.516 17.960  1.00 81.20 ? 102 GLN A NE2   1 
ATOM   810  N N     . PRO A 1 103 ? 15.708  -8.224  16.352  1.00 75.92 ? 103 PRO A N     1 
ATOM   811  C CA    . PRO A 1 103 ? 16.973  -8.396  15.658  1.00 75.86 ? 103 PRO A CA    1 
ATOM   812  C C     . PRO A 1 103 ? 17.106  -8.376  14.144  1.00 75.05 ? 103 PRO A C     1 
ATOM   813  O O     . PRO A 1 103 ? 17.986  -7.696  13.553  1.00 75.22 ? 103 PRO A O     1 
ATOM   814  C CB    . PRO A 1 103 ? 17.238  -9.884  16.105  1.00 76.20 ? 103 PRO A CB    1 
ATOM   815  C CG    . PRO A 1 103 ? 16.561  -10.070 17.442  1.00 76.25 ? 103 PRO A CG    1 
ATOM   816  C CD    . PRO A 1 103 ? 15.964  -8.690  17.763  1.00 76.48 ? 103 PRO A CD    1 
ATOM   817  N N     . GLU A 1 104 ? 16.257  -9.170  13.492  1.00 73.77 ? 104 GLU A N     1 
ATOM   818  C CA    . GLU A 1 104 ? 16.256  -9.263  12.031  1.00 72.07 ? 104 GLU A CA    1 
ATOM   819  C C     . GLU A 1 104 ? 15.567  -8.097  11.320  1.00 70.08 ? 104 GLU A C     1 
ATOM   820  O O     . GLU A 1 104 ? 16.185  -7.534  10.384  1.00 70.88 ? 104 GLU A O     1 
ATOM   821  C CB    . GLU A 1 104 ? 15.605  -10.521 11.456  1.00 71.96 ? 104 GLU A CB    1 
ATOM   822  C CG    . GLU A 1 104 ? 16.089  -10.766 10.007  1.00 72.12 ? 104 GLU A CG    1 
ATOM   823  C CD    . GLU A 1 104 ? 15.485  -12.042 9.487   1.00 72.59 ? 104 GLU A CD    1 
ATOM   824  O OE1   . GLU A 1 104 ? 14.882  -12.728 10.302  1.00 73.40 ? 104 GLU A OE1   1 
ATOM   825  O OE2   . GLU A 1 104 ? 15.651  -12.269 8.277   1.00 73.03 ? 104 GLU A OE2   1 
ATOM   826  N N     . LEU A 1 105 ? 14.359  -7.737  11.710  1.00 66.83 ? 105 LEU A N     1 
ATOM   827  C CA    . LEU A 1 105 ? 13.703  -6.607  11.018  1.00 64.59 ? 105 LEU A CA    1 
ATOM   828  C C     . LEU A 1 105 ? 13.842  -5.308  11.790  1.00 63.04 ? 105 LEU A C     1 
ATOM   829  O O     . LEU A 1 105 ? 12.770  -4.689  12.001  1.00 64.92 ? 105 LEU A O     1 
ATOM   830  C CB    . LEU A 1 105 ? 12.229  -6.999  10.786  1.00 63.43 ? 105 LEU A CB    1 
ATOM   831  C CG    . LEU A 1 105 ? 11.990  -7.815  9.527   1.00 62.22 ? 105 LEU A CG    1 
ATOM   832  C CD1   . LEU A 1 105 ? 10.607  -7.509  8.961   1.00 63.09 ? 105 LEU A CD1   1 
ATOM   833  C CD2   . LEU A 1 105 ? 13.055  -7.487  8.493   1.00 61.49 ? 105 LEU A CD2   1 
ATOM   834  N N     . ALA A 1 106 ? 15.020  -4.923  12.219  1.00 60.00 ? 106 ALA A N     1 
ATOM   835  C CA    . ALA A 1 106 ? 15.101  -3.655  12.999  1.00 57.08 ? 106 ALA A CA    1 
ATOM   836  C C     . ALA A 1 106 ? 16.152  -2.731  12.378  1.00 53.71 ? 106 ALA A C     1 
ATOM   837  O O     . ALA A 1 106 ? 15.826  -1.583  12.032  1.00 54.29 ? 106 ALA A O     1 
ATOM   838  C CB    . ALA A 1 106 ? 15.324  -3.898  14.475  1.00 57.21 ? 106 ALA A CB    1 
ATOM   839  N N     . ASN A 1 107 ? 17.328  -3.291  12.236  1.00 49.13 ? 107 ASN A N     1 
ATOM   840  C CA    . ASN A 1 107 ? 18.533  -2.693  11.643  1.00 45.85 ? 107 ASN A CA    1 
ATOM   841  C C     . ASN A 1 107 ? 18.294  -2.684  10.122  1.00 42.46 ? 107 ASN A C     1 
ATOM   842  O O     . ASN A 1 107 ? 19.075  -2.032  9.414   1.00 41.94 ? 107 ASN A O     1 
ATOM   843  C CB    . ASN A 1 107 ? 19.745  -3.479  12.049  1.00 47.17 ? 107 ASN A CB    1 
ATOM   844  C CG    . ASN A 1 107 ? 21.214  -3.607  12.054  1.00 48.98 ? 107 ASN A CG    1 
ATOM   845  O OD1   . ASN A 1 107 ? 22.118  -2.804  11.699  1.00 48.63 ? 107 ASN A OD1   1 
ATOM   846  N ND2   . ASN A 1 107 ? 21.720  -4.795  12.529  1.00 48.94 ? 107 ASN A ND2   1 
ATOM   847  N N     . LYS A 1 108 ? 17.258  -3.379  9.653   1.00 39.46 ? 108 LYS A N     1 
ATOM   848  C CA    . LYS A 1 108 ? 16.979  -3.496  8.225   1.00 36.76 ? 108 LYS A CA    1 
ATOM   849  C C     . LYS A 1 108 ? 15.874  -2.670  7.555   1.00 32.03 ? 108 LYS A C     1 
ATOM   850  O O     . LYS A 1 108 ? 15.994  -2.551  6.335   1.00 29.54 ? 108 LYS A O     1 
ATOM   851  C CB    . LYS A 1 108 ? 16.516  -4.928  7.811   1.00 39.50 ? 108 LYS A CB    1 
ATOM   852  C CG    . LYS A 1 108 ? 17.528  -6.049  7.846   1.00 42.02 ? 108 LYS A CG    1 
ATOM   853  C CD    . LYS A 1 108 ? 16.977  -7.455  7.645   1.00 43.60 ? 108 LYS A CD    1 
ATOM   854  C CE    . LYS A 1 108 ? 18.087  -8.481  7.861   1.00 46.42 ? 108 LYS A CE    1 
ATOM   855  N NZ    . LYS A 1 108 ? 17.688  -9.825  7.335   1.00 48.53 ? 108 LYS A NZ    1 
ATOM   856  N N     . VAL A 1 109 ? 14.904  -2.235  8.308   1.00 28.00 ? 109 VAL A N     1 
ATOM   857  C CA    . VAL A 1 109 ? 13.781  -1.518  7.644   1.00 25.61 ? 109 VAL A CA    1 
ATOM   858  C C     . VAL A 1 109 ? 13.850  0.005   7.747   1.00 25.69 ? 109 VAL A C     1 
ATOM   859  O O     . VAL A 1 109 ? 14.081  0.520   8.854   1.00 25.99 ? 109 VAL A O     1 
ATOM   860  C CB    . VAL A 1 109 ? 12.485  -2.018  8.312   1.00 24.59 ? 109 VAL A CB    1 
ATOM   861  C CG1   . VAL A 1 109 ? 11.235  -1.222  7.867   1.00 22.06 ? 109 VAL A CG1   1 
ATOM   862  C CG2   . VAL A 1 109 ? 12.255  -3.483  8.067   1.00 24.17 ? 109 VAL A CG2   1 
ATOM   863  N N     . ASP A 1 110 ? 13.552  0.574   6.596   1.00 23.27 ? 110 ASP A N     1 
ATOM   864  C CA    . ASP A 1 110 ? 13.447  2.033   6.495   1.00 20.95 ? 110 ASP A CA    1 
ATOM   865  C C     . ASP A 1 110 ? 11.966  2.369   6.638   1.00 21.11 ? 110 ASP A C     1 
ATOM   866  O O     . ASP A 1 110 ? 11.476  2.491   7.773   1.00 21.02 ? 110 ASP A O     1 
ATOM   867  C CB    . ASP A 1 110 ? 14.069  2.522   5.223   1.00 22.89 ? 110 ASP A CB    1 
ATOM   868  C CG    . ASP A 1 110 ? 14.059  4.044   5.030   1.00 24.38 ? 110 ASP A CG    1 
ATOM   869  O OD1   . ASP A 1 110 ? 14.325  4.433   3.882   1.00 25.77 ? 110 ASP A OD1   1 
ATOM   870  O OD2   . ASP A 1 110 ? 13.788  4.771   6.002   1.00 25.51 ? 110 ASP A OD2   1 
ATOM   871  N N     . MET A 1 111 ? 11.234  2.475   5.520   1.00 18.87 ? 111 MET A N     1 
ATOM   872  C CA    . MET A 1 111 ? 9.811   2.800   5.583   1.00 19.36 ? 111 MET A CA    1 
ATOM   873  C C     . MET A 1 111 ? 8.930   1.535   5.579   1.00 17.07 ? 111 MET A C     1 
ATOM   874  O O     . MET A 1 111 ? 9.351   0.523   5.040   1.00 17.25 ? 111 MET A O     1 
ATOM   875  C CB    . MET A 1 111 ? 9.409   3.637   4.337   1.00 20.76 ? 111 MET A CB    1 
ATOM   876  C CG    . MET A 1 111 ? 10.369  4.803   4.286   1.00 23.65 ? 111 MET A CG    1 
ATOM   877  S SD    . MET A 1 111 ? 9.614   6.009   3.157   1.00 28.22 ? 111 MET A SD    1 
ATOM   878  C CE    . MET A 1 111 ? 9.688   5.172   1.612   1.00 24.90 ? 111 MET A CE    1 
ATOM   879  N N     . VAL A 1 112 ? 7.729   1.692   6.121   1.00 19.05 ? 112 VAL A N     1 
ATOM   880  C CA    . VAL A 1 112 ? 6.731   0.612   6.107   1.00 17.37 ? 112 VAL A CA    1 
ATOM   881  C C     . VAL A 1 112 ? 5.583   1.079   5.152   1.00 15.78 ? 112 VAL A C     1 
ATOM   882  O O     . VAL A 1 112 ? 4.973   2.125   5.395   1.00 16.73 ? 112 VAL A O     1 
ATOM   883  C CB    . VAL A 1 112 ? 6.213   0.171   7.476   1.00 17.10 ? 112 VAL A CB    1 
ATOM   884  C CG1   . VAL A 1 112 ? 5.124   -0.907  7.403   1.00 16.53 ? 112 VAL A CG1   1 
ATOM   885  C CG2   . VAL A 1 112 ? 7.349   -0.401  8.312   1.00 18.36 ? 112 VAL A CG2   1 
ATOM   886  N N     . TRP A 1 113 ? 5.276   0.255   4.193   1.00 14.24 ? 113 TRP A N     1 
ATOM   887  C CA    . TRP A 1 113 ? 4.208   0.530   3.185   1.00 13.50 ? 113 TRP A CA    1 
ATOM   888  C C     . TRP A 1 113 ? 3.163   -0.586  3.269   1.00 14.12 ? 113 TRP A C     1 
ATOM   889  O O     . TRP A 1 113 ? 3.476   -1.774  3.043   1.00 14.33 ? 113 TRP A O     1 
ATOM   890  C CB    . TRP A 1 113 ? 4.813   0.631   1.783   1.00 13.49 ? 113 TRP A CB    1 
ATOM   891  C CG    . TRP A 1 113 ? 5.642   1.843   1.481   1.00 14.68 ? 113 TRP A CG    1 
ATOM   892  C CD1   . TRP A 1 113 ? 7.015   2.039   1.568   1.00 13.42 ? 113 TRP A CD1   1 
ATOM   893  C CD2   . TRP A 1 113 ? 5.090   3.129   1.135   1.00 15.41 ? 113 TRP A CD2   1 
ATOM   894  N NE1   . TRP A 1 113 ? 7.359   3.321   1.257   1.00 13.60 ? 113 TRP A NE1   1 
ATOM   895  C CE2   . TRP A 1 113 ? 6.189   4.018   0.981   1.00 15.80 ? 113 TRP A CE2   1 
ATOM   896  C CE3   . TRP A 1 113 ? 3.787   3.587   0.927   1.00 14.25 ? 113 TRP A CE3   1 
ATOM   897  C CZ2   . TRP A 1 113 ? 5.979   5.343   0.612   1.00 15.63 ? 113 TRP A CZ2   1 
ATOM   898  C CZ3   . TRP A 1 113 ? 3.623   4.926   0.538   1.00 16.78 ? 113 TRP A CZ3   1 
ATOM   899  C CH2   . TRP A 1 113 ? 4.686   5.802   0.403   1.00 16.03 ? 113 TRP A CH2   1 
ATOM   900  N N     . ILE A 1 114 ? 1.928   -0.191  3.522   1.00 13.59 ? 114 ILE A N     1 
ATOM   901  C CA    . ILE A 1 114 ? 0.763   -1.058  3.582   1.00 14.09 ? 114 ILE A CA    1 
ATOM   902  C C     . ILE A 1 114 ? 0.192   -0.979  2.137   1.00 12.87 ? 114 ILE A C     1 
ATOM   903  O O     . ILE A 1 114 ? -0.254  0.098   1.762   1.00 12.71 ? 114 ILE A O     1 
ATOM   904  C CB    . ILE A 1 114 ? -0.311  -0.649  4.638   1.00 16.44 ? 114 ILE A CB    1 
ATOM   905  C CG1   . ILE A 1 114 ? 0.210   -1.036  6.042   1.00 18.86 ? 114 ILE A CG1   1 
ATOM   906  C CG2   . ILE A 1 114 ? -1.661  -1.422  4.367   1.00 15.81 ? 114 ILE A CG2   1 
ATOM   907  C CD1   . ILE A 1 114 ? -0.081  -0.030  7.146   1.00 23.14 ? 114 ILE A CD1   1 
ATOM   908  N N     . VAL A 1 115 ? 0.251   -2.047  1.387   1.00 12.97 ? 115 VAL A N     1 
ATOM   909  C CA    . VAL A 1 115 ? -0.251  -2.019  0.005   1.00 13.73 ? 115 VAL A CA    1 
ATOM   910  C C     . VAL A 1 115 ? -1.595  -2.680  -0.239  1.00 12.24 ? 115 VAL A C     1 
ATOM   911  O O     . VAL A 1 115 ? -1.983  -2.671  -1.421  1.00 14.02 ? 115 VAL A O     1 
ATOM   912  C CB    . VAL A 1 115 ? 0.892   -2.437  -0.920  1.00 15.58 ? 115 VAL A CB    1 
ATOM   913  C CG1   . VAL A 1 115 ? 2.214   -1.678  -0.630  1.00 17.05 ? 115 VAL A CG1   1 
ATOM   914  C CG2   . VAL A 1 115 ? 1.189   -3.917  -0.737  1.00 16.35 ? 115 VAL A CG2   1 
ATOM   915  N N     . GLY A 1 116 ? -2.307  -3.167  0.768   1.00 9.17  ? 116 GLY A N     1 
ATOM   916  C CA    . GLY A 1 116 ? -3.666  -3.683  0.562   1.00 11.86 ? 116 GLY A CA    1 
ATOM   917  C C     . GLY A 1 116 ? -3.834  -4.955  1.382   1.00 13.25 ? 116 GLY A C     1 
ATOM   918  O O     . GLY A 1 116 ? -2.808  -5.386  1.957   1.00 14.83 ? 116 GLY A O     1 
ATOM   919  N N     . GLY A 1 117 ? -4.988  -5.536  1.489   1.00 14.85 ? 117 GLY A N     1 
ATOM   920  C CA    . GLY A 1 117 ? -6.255  -5.047  0.879   1.00 15.36 ? 117 GLY A CA    1 
ATOM   921  C C     . GLY A 1 117 ? -7.117  -4.320  1.882   1.00 16.55 ? 117 GLY A C     1 
ATOM   922  O O     . GLY A 1 117 ? -6.647  -3.733  2.864   1.00 15.16 ? 117 GLY A O     1 
ATOM   923  N N     . SER A 1 118 ? -8.441  -4.412  1.664   1.00 18.94 ? 118 SER A N     1 
ATOM   924  C CA    . SER A 1 118 ? -9.398  -3.671  2.485   1.00 20.27 ? 118 SER A CA    1 
ATOM   925  C C     . SER A 1 118 ? -9.281  -3.814  3.996   1.00 22.65 ? 118 SER A C     1 
ATOM   926  O O     . SER A 1 118 ? -9.284  -2.740  4.658   1.00 23.73 ? 118 SER A O     1 
ATOM   927  C CB    . SER A 1 118 ? -10.850 -3.936  2.085   1.00 23.47 ? 118 SER A CB    1 
ATOM   928  O OG    . SER A 1 118 ? -10.845 -5.246  1.610   1.00 28.01 ? 118 SER A OG    1 
ATOM   929  N N     . SER A 1 119 ? -9.143  -5.065  4.387   1.00 23.60 ? 119 SER A N     1 
ATOM   930  C CA    . SER A 1 119 ? -9.020  -5.317  5.848   1.00 26.06 ? 119 SER A CA    1 
ATOM   931  C C     . SER A 1 119 ? -7.739  -4.772  6.438   1.00 22.98 ? 119 SER A C     1 
ATOM   932  O O     . SER A 1 119 ? -7.847  -4.264  7.549   1.00 22.86 ? 119 SER A O     1 
ATOM   933  C CB    . SER A 1 119 ? -9.362  -6.741  6.218   1.00 28.91 ? 119 SER A CB    1 
ATOM   934  O OG    . SER A 1 119 ? -8.281  -7.637  6.189   1.00 33.88 ? 119 SER A OG    1 
ATOM   935  N N     . VAL A 1 120 ? -6.630  -4.803  5.708   1.00 21.57 ? 120 VAL A N     1 
ATOM   936  C CA    . VAL A 1 120 ? -5.370  -4.276  6.250   1.00 21.04 ? 120 VAL A CA    1 
ATOM   937  C C     . VAL A 1 120 ? -5.475  -2.772  6.375   1.00 20.01 ? 120 VAL A C     1 
ATOM   938  O O     . VAL A 1 120 ? -5.032  -2.184  7.334   1.00 21.01 ? 120 VAL A O     1 
ATOM   939  C CB    . VAL A 1 120 ? -4.215  -4.752  5.376   1.00 19.45 ? 120 VAL A CB    1 
ATOM   940  C CG1   . VAL A 1 120 ? -2.829  -4.382  5.854   1.00 20.12 ? 120 VAL A CG1   1 
ATOM   941  C CG2   . VAL A 1 120 ? -4.390  -6.245  5.254   1.00 19.75 ? 120 VAL A CG2   1 
ATOM   942  N N     . TYR A 1 121 ? -6.035  -2.178  5.314   1.00 21.24 ? 121 TYR A N     1 
ATOM   943  C CA    . TYR A 1 121 ? -6.200  -0.719  5.275   1.00 20.02 ? 121 TYR A CA    1 
ATOM   944  C C     . TYR A 1 121 ? -7.020  -0.283  6.496   1.00 22.82 ? 121 TYR A C     1 
ATOM   945  O O     . TYR A 1 121 ? -6.598  0.717   7.063   1.00 22.17 ? 121 TYR A O     1 
ATOM   946  C CB    . TYR A 1 121 ? -6.911  -0.247  4.020   1.00 16.63 ? 121 TYR A CB    1 
ATOM   947  C CG    . TYR A 1 121 ? -6.115  -0.354  2.740   1.00 13.47 ? 121 TYR A CG    1 
ATOM   948  C CD1   . TYR A 1 121 ? -6.767  -0.805  1.604   1.00 14.00 ? 121 TYR A CD1   1 
ATOM   949  C CD2   . TYR A 1 121 ? -4.773  0.070   2.682   1.00 14.91 ? 121 TYR A CD2   1 
ATOM   950  C CE1   . TYR A 1 121 ? -6.078  -0.843  0.362   1.00 14.48 ? 121 TYR A CE1   1 
ATOM   951  C CE2   . TYR A 1 121 ? -4.066  0.072   1.483   1.00 13.46 ? 121 TYR A CE2   1 
ATOM   952  C CZ    . TYR A 1 121 ? -4.752  -0.437  0.346   1.00 13.82 ? 121 TYR A CZ    1 
ATOM   953  O OH    . TYR A 1 121 ? -4.073  -0.392  -0.814  1.00 12.98 ? 121 TYR A OH    1 
ATOM   954  N N     . LYS A 1 122 ? -8.060  -1.065  6.719   1.00 24.81 ? 122 LYS A N     1 
ATOM   955  C CA    . LYS A 1 122 ? -8.928  -0.774  7.914   1.00 29.03 ? 122 LYS A CA    1 
ATOM   956  C C     . LYS A 1 122 ? -8.111  -0.819  9.194   1.00 28.68 ? 122 LYS A C     1 
ATOM   957  O O     . LYS A 1 122 ? -8.125  0.127   10.013  1.00 32.07 ? 122 LYS A O     1 
ATOM   958  C CB    . LYS A 1 122 ? -9.962  -1.857  8.121   1.00 31.45 ? 122 LYS A CB    1 
ATOM   959  C CG    . LYS A 1 122 ? -11.327 -1.674  7.471   1.00 36.65 ? 122 LYS A CG    1 
ATOM   960  C CD    . LYS A 1 122 ? -11.235 -1.260  6.009   1.00 38.31 ? 122 LYS A CD    1 
ATOM   961  C CE    . LYS A 1 122 ? -12.545 -1.639  5.307   1.00 39.01 ? 122 LYS A CE    1 
ATOM   962  N NZ    . LYS A 1 122 ? -12.743 -3.104  5.516   1.00 40.54 ? 122 LYS A NZ    1 
ATOM   963  N N     . GLU A 1 123 ? -7.395  -1.925  9.319   1.00 29.84 ? 123 GLU A N     1 
ATOM   964  C CA    . GLU A 1 123 ? -6.539  -2.202  10.483  1.00 31.02 ? 123 GLU A CA    1 
ATOM   965  C C     . GLU A 1 123 ? -5.644  -0.990  10.752  1.00 30.56 ? 123 GLU A C     1 
ATOM   966  O O     . GLU A 1 123 ? -5.569  -0.447  11.864  1.00 30.62 ? 123 GLU A O     1 
ATOM   967  C CB    . GLU A 1 123 ? -5.557  -3.367  10.360  1.00 32.32 ? 123 GLU A CB    1 
ATOM   968  C CG    . GLU A 1 123 ? -5.898  -4.729  10.875  1.00 35.57 ? 123 GLU A CG    1 
ATOM   969  C CD    . GLU A 1 123 ? -4.996  -5.907  11.001  1.00 37.32 ? 123 GLU A CD    1 
ATOM   970  O OE1   . GLU A 1 123 ? -4.959  -6.871  10.219  1.00 39.90 ? 123 GLU A OE1   1 
ATOM   971  O OE2   . GLU A 1 123 ? -4.287  -5.915  12.024  1.00 36.37 ? 123 GLU A OE2   1 
ATOM   972  N N     . ALA A 1 124 ? -4.948  -0.612  9.683   1.00 29.68 ? 124 ALA A N     1 
ATOM   973  C CA    . ALA A 1 124 ? -4.010  0.503   9.752   1.00 29.12 ? 124 ALA A CA    1 
ATOM   974  C C     . ALA A 1 124 ? -4.597  1.852   10.110  1.00 31.09 ? 124 ALA A C     1 
ATOM   975  O O     . ALA A 1 124 ? -3.971  2.578   10.927  1.00 29.52 ? 124 ALA A O     1 
ATOM   976  C CB    . ALA A 1 124 ? -3.162  0.521   8.482   1.00 29.75 ? 124 ALA A CB    1 
ATOM   977  N N     . MET A 1 125 ? -5.714  2.268   9.562   1.00 33.25 ? 125 MET A N     1 
ATOM   978  C CA    . MET A 1 125 ? -6.294  3.595   9.787   1.00 38.68 ? 125 MET A CA    1 
ATOM   979  C C     . MET A 1 125 ? -6.804  3.967   11.171  1.00 43.44 ? 125 MET A C     1 
ATOM   980  O O     . MET A 1 125 ? -7.086  5.100   11.582  1.00 45.46 ? 125 MET A O     1 
ATOM   981  C CB    . MET A 1 125 ? -7.561  3.666   8.939   1.00 38.88 ? 125 MET A CB    1 
ATOM   982  C CG    . MET A 1 125 ? -7.297  4.435   7.664   1.00 39.90 ? 125 MET A CG    1 
ATOM   983  S SD    . MET A 1 125 ? -8.845  4.037   6.740   1.00 41.55 ? 125 MET A SD    1 
ATOM   984  C CE    . MET A 1 125 ? -8.211  4.167   5.072   1.00 38.77 ? 125 MET A CE    1 
ATOM   985  N N     . ASN A 1 126 ? -6.978  2.894   11.864  1.00 45.87 ? 126 ASN A N     1 
ATOM   986  C CA    . ASN A 1 126 ? -7.554  2.788   13.221  1.00 48.73 ? 126 ASN A CA    1 
ATOM   987  C C     . ASN A 1 126 ? -6.434  2.315   14.115  1.00 49.12 ? 126 ASN A C     1 
ATOM   988  O O     . ASN A 1 126 ? -6.666  1.620   15.107  1.00 50.91 ? 126 ASN A O     1 
ATOM   989  C CB    . ASN A 1 126 ? -8.649  1.860   12.737  1.00 50.43 ? 126 ASN A CB    1 
ATOM   990  C CG    . ASN A 1 126 ? -9.777  1.216   13.420  1.00 51.57 ? 126 ASN A CG    1 
ATOM   991  O OD1   . ASN A 1 126 ? -10.350 1.789   14.373  1.00 53.13 ? 126 ASN A OD1   1 
ATOM   992  N ND2   . ASN A 1 126 ? -10.094 0.021   12.906  1.00 51.21 ? 126 ASN A ND2   1 
ATOM   993  N N     . HIS A 1 127 ? -5.223  2.656   13.732  1.00 49.24 ? 127 HIS A N     1 
ATOM   994  C CA    . HIS A 1 127 ? -3.979  2.296   14.439  1.00 49.45 ? 127 HIS A CA    1 
ATOM   995  C C     . HIS A 1 127 ? -3.393  3.634   14.896  1.00 49.30 ? 127 HIS A C     1 
ATOM   996  O O     . HIS A 1 127 ? -3.408  4.614   14.148  1.00 49.52 ? 127 HIS A O     1 
ATOM   997  C CB    . HIS A 1 127 ? -2.956  1.485   13.634  1.00 49.34 ? 127 HIS A CB    1 
ATOM   998  C CG    . HIS A 1 127 ? -1.637  1.276   14.314  1.00 49.62 ? 127 HIS A CG    1 
ATOM   999  N ND1   . HIS A 1 127 ? -1.288  0.102   14.955  1.00 49.75 ? 127 HIS A ND1   1 
ATOM   1000 C CD2   . HIS A 1 127 ? -0.588  2.120   14.443  1.00 49.02 ? 127 HIS A CD2   1 
ATOM   1001 C CE1   . HIS A 1 127 ? -0.058  0.240   15.436  1.00 49.86 ? 127 HIS A CE1   1 
ATOM   1002 N NE2   . HIS A 1 127 ? 0.380   1.453   15.156  1.00 49.74 ? 127 HIS A NE2   1 
ATOM   1003 N N     . PRO A 1 128 ? -2.962  3.629   16.147  1.00 49.26 ? 128 PRO A N     1 
ATOM   1004 C CA    . PRO A 1 128 ? -2.429  4.844   16.777  1.00 48.08 ? 128 PRO A CA    1 
ATOM   1005 C C     . PRO A 1 128 ? -1.163  5.339   16.114  1.00 45.91 ? 128 PRO A C     1 
ATOM   1006 O O     . PRO A 1 128 ? -0.332  4.513   15.723  1.00 46.63 ? 128 PRO A O     1 
ATOM   1007 C CB    . PRO A 1 128 ? -2.221  4.401   18.239  1.00 48.88 ? 128 PRO A CB    1 
ATOM   1008 C CG    . PRO A 1 128 ? -1.872  2.927   18.083  1.00 48.56 ? 128 PRO A CG    1 
ATOM   1009 C CD    . PRO A 1 128 ? -2.955  2.493   17.092  1.00 49.00 ? 128 PRO A CD    1 
ATOM   1010 N N     . GLY A 1 129 ? -1.057  6.652   16.030  1.00 43.13 ? 129 GLY A N     1 
ATOM   1011 C CA    . GLY A 1 129 ? 0.145   7.251   15.462  1.00 42.21 ? 129 GLY A CA    1 
ATOM   1012 C C     . GLY A 1 129 ? -0.106  8.016   14.184  1.00 40.61 ? 129 GLY A C     1 
ATOM   1013 O O     . GLY A 1 129 ? -1.222  8.197   13.692  1.00 40.90 ? 129 GLY A O     1 
ATOM   1014 N N     . HIS A 1 130 ? 1.017   8.462   13.698  1.00 40.80 ? 130 HIS A N     1 
ATOM   1015 C CA    . HIS A 1 130 ? 1.116   9.268   12.475  1.00 40.66 ? 130 HIS A CA    1 
ATOM   1016 C C     . HIS A 1 130 ? 1.156   8.379   11.232  1.00 38.49 ? 130 HIS A C     1 
ATOM   1017 O O     . HIS A 1 130 ? 2.210   7.814   10.875  1.00 41.83 ? 130 HIS A O     1 
ATOM   1018 C CB    . HIS A 1 130 ? 2.340   10.222  12.479  1.00 42.91 ? 130 HIS A CB    1 
ATOM   1019 C CG    . HIS A 1 130 ? 2.577   10.955  11.183  1.00 45.34 ? 130 HIS A CG    1 
ATOM   1020 N ND1   . HIS A 1 130 ? 1.870   12.041  10.726  1.00 45.69 ? 130 HIS A ND1   1 
ATOM   1021 C CD2   . HIS A 1 130 ? 3.533   10.719  10.236  1.00 46.34 ? 130 HIS A CD2   1 
ATOM   1022 C CE1   . HIS A 1 130 ? 2.345   12.424  9.557   1.00 46.07 ? 130 HIS A CE1   1 
ATOM   1023 N NE2   . HIS A 1 130 ? 3.346   11.637  9.226   1.00 47.10 ? 130 HIS A NE2   1 
ATOM   1024 N N     . LEU A 1 131 ? 0.064   8.320   10.526  1.00 33.42 ? 131 LEU A N     1 
ATOM   1025 C CA    . LEU A 1 131 ? -0.116  7.588   9.283   1.00 27.72 ? 131 LEU A CA    1 
ATOM   1026 C C     . LEU A 1 131 ? -0.273  8.485   8.056   1.00 25.18 ? 131 LEU A C     1 
ATOM   1027 O O     . LEU A 1 131 ? -1.006  9.488   8.180   1.00 24.37 ? 131 LEU A O     1 
ATOM   1028 C CB    . LEU A 1 131 ? -1.441  6.795   9.519   1.00 28.44 ? 131 LEU A CB    1 
ATOM   1029 C CG    . LEU A 1 131 ? -1.852  5.952   8.308   1.00 29.95 ? 131 LEU A CG    1 
ATOM   1030 C CD1   . LEU A 1 131 ? -0.798  4.876   8.053   1.00 30.27 ? 131 LEU A CD1   1 
ATOM   1031 C CD2   . LEU A 1 131 ? -3.203  5.294   8.544   1.00 29.92 ? 131 LEU A CD2   1 
ATOM   1032 N N     . LYS A 1 132 ? 0.330   8.157   6.937   1.00 21.86 ? 132 LYS A N     1 
ATOM   1033 C CA    . LYS A 1 132 ? 0.109   8.936   5.706   1.00 20.46 ? 132 LYS A CA    1 
ATOM   1034 C C     . LYS A 1 132 ? -0.625  7.998   4.743   1.00 19.38 ? 132 LYS A C     1 
ATOM   1035 O O     . LYS A 1 132 ? -0.362  6.780   4.810   1.00 18.96 ? 132 LYS A O     1 
ATOM   1036 C CB    . LYS A 1 132 ? 1.380   9.393   5.036   1.00 22.64 ? 132 LYS A CB    1 
ATOM   1037 C CG    . LYS A 1 132 ? 1.988   10.606  5.808   1.00 24.89 ? 132 LYS A CG    1 
ATOM   1038 C CD    . LYS A 1 132 ? 3.252   10.935  4.953   1.00 27.16 ? 132 LYS A CD    1 
ATOM   1039 C CE    . LYS A 1 132 ? 4.374   11.310  5.917   1.00 30.82 ? 132 LYS A CE    1 
ATOM   1040 N NZ    . LYS A 1 132 ? 5.196   10.098  6.128   1.00 32.27 ? 132 LYS A NZ    1 
ATOM   1041 N N     . LEU A 1 133 ? -1.505  8.523   3.946   1.00 16.90 ? 133 LEU A N     1 
ATOM   1042 C CA    . LEU A 1 133 ? -2.268  7.743   2.965   1.00 18.15 ? 133 LEU A CA    1 
ATOM   1043 C C     . LEU A 1 133 ? -1.888  8.352   1.589   1.00 15.33 ? 133 LEU A C     1 
ATOM   1044 O O     . LEU A 1 133 ? -2.136  9.565   1.366   1.00 17.67 ? 133 LEU A O     1 
ATOM   1045 C CB    . LEU A 1 133 ? -3.755  7.918   3.262   1.00 21.07 ? 133 LEU A CB    1 
ATOM   1046 C CG    . LEU A 1 133 ? -4.657  6.962   4.000   1.00 25.84 ? 133 LEU A CG    1 
ATOM   1047 C CD1   . LEU A 1 133 ? -4.020  6.298   5.204   1.00 24.55 ? 133 LEU A CD1   1 
ATOM   1048 C CD2   . LEU A 1 133 ? -5.968  7.643   4.338   1.00 23.84 ? 133 LEU A CD2   1 
ATOM   1049 N N     . PHE A 1 134 ? -1.338  7.578   0.745   1.00 13.62 ? 134 PHE A N     1 
ATOM   1050 C CA    . PHE A 1 134 ? -0.954  7.966   -0.615  1.00 12.90 ? 134 PHE A CA    1 
ATOM   1051 C C     . PHE A 1 134 ? -2.093  7.433   -1.468  1.00 12.53 ? 134 PHE A C     1 
ATOM   1052 O O     . PHE A 1 134 ? -2.168  6.212   -1.643  1.00 12.20 ? 134 PHE A O     1 
ATOM   1053 C CB    . PHE A 1 134 ? 0.410   7.402   -1.017  1.00 15.18 ? 134 PHE A CB    1 
ATOM   1054 C CG    . PHE A 1 134 ? 1.518   8.133   -0.296  1.00 16.53 ? 134 PHE A CG    1 
ATOM   1055 C CD1   . PHE A 1 134 ? 1.839   7.806   1.039   1.00 16.05 ? 134 PHE A CD1   1 
ATOM   1056 C CD2   . PHE A 1 134 ? 2.175   9.140   -0.986  1.00 16.10 ? 134 PHE A CD2   1 
ATOM   1057 C CE1   . PHE A 1 134 ? 2.831   8.535   1.690   1.00 17.83 ? 134 PHE A CE1   1 
ATOM   1058 C CE2   . PHE A 1 134 ? 3.207   9.874   -0.317  1.00 17.63 ? 134 PHE A CE2   1 
ATOM   1059 C CZ    . PHE A 1 134 ? 3.539   9.526   0.999   1.00 17.30 ? 134 PHE A CZ    1 
ATOM   1060 N N     . VAL A 1 135 ? -2.938  8.283   -1.985  1.00 12.35 ? 135 VAL A N     1 
ATOM   1061 C CA    . VAL A 1 135 ? -4.116  7.868   -2.723  1.00 13.49 ? 135 VAL A CA    1 
ATOM   1062 C C     . VAL A 1 135 ? -4.153  8.264   -4.196  1.00 13.78 ? 135 VAL A C     1 
ATOM   1063 O O     . VAL A 1 135 ? -4.058  9.449   -4.437  1.00 14.67 ? 135 VAL A O     1 
ATOM   1064 C CB    . VAL A 1 135 ? -5.323  8.459   -1.922  1.00 12.83 ? 135 VAL A CB    1 
ATOM   1065 C CG1   . VAL A 1 135 ? -6.647  7.935   -2.531  1.00 15.32 ? 135 VAL A CG1   1 
ATOM   1066 C CG2   . VAL A 1 135 ? -5.386  8.130   -0.451  1.00 15.49 ? 135 VAL A CG2   1 
ATOM   1067 N N     . THR A 1 136 ? -4.297  7.353   -5.114  1.00 12.37 ? 136 THR A N     1 
ATOM   1068 C CA    . THR A 1 136 ? -4.445  7.555   -6.527  1.00 11.69 ? 136 THR A CA    1 
ATOM   1069 C C     . THR A 1 136 ? -5.969  7.586   -6.800  1.00 12.57 ? 136 THR A C     1 
ATOM   1070 O O     . THR A 1 136 ? -6.602  6.528   -6.759  1.00 13.17 ? 136 THR A O     1 
ATOM   1071 C CB    . THR A 1 136 ? -3.713  6.534   -7.459  1.00 11.27 ? 136 THR A CB    1 
ATOM   1072 O OG1   . THR A 1 136 ? -2.325  6.520   -7.067  1.00 12.33 ? 136 THR A OG1   1 
ATOM   1073 C CG2   . THR A 1 136 ? -3.845  6.943   -8.991  1.00 9.99  ? 136 THR A CG2   1 
ATOM   1074 N N     . ARG A 1 137 ? -6.507  8.741   -7.107  1.00 11.71 ? 137 ARG A N     1 
ATOM   1075 C CA    . ARG A 1 137 ? -7.977  8.832   -7.410  1.00 14.14 ? 137 ARG A CA    1 
ATOM   1076 C C     . ARG A 1 137 ? -8.230  8.583   -8.881  1.00 14.22 ? 137 ARG A C     1 
ATOM   1077 O O     . ARG A 1 137 ? -7.863  9.459   -9.652  1.00 13.62 ? 137 ARG A O     1 
ATOM   1078 C CB    . ARG A 1 137 ? -8.389  10.298  -7.131  1.00 15.43 ? 137 ARG A CB    1 
ATOM   1079 C CG    . ARG A 1 137 ? -8.237  10.642  -5.679  1.00 15.78 ? 137 ARG A CG    1 
ATOM   1080 C CD    . ARG A 1 137 ? -9.338  9.921   -4.954  1.00 18.44 ? 137 ARG A CD    1 
ATOM   1081 N NE    . ARG A 1 137 ? -9.486  10.597  -3.668  1.00 23.77 ? 137 ARG A NE    1 
ATOM   1082 C CZ    . ARG A 1 137 ? -10.266 10.085  -2.736  1.00 24.70 ? 137 ARG A CZ    1 
ATOM   1083 N NH1   . ARG A 1 137 ? -10.240 10.556  -1.487  1.00 27.00 ? 137 ARG A NH1   1 
ATOM   1084 N NH2   . ARG A 1 137 ? -11.025 9.019   -3.036  1.00 27.69 ? 137 ARG A NH2   1 
ATOM   1085 N N     . ILE A 1 138 ? -8.776  7.451   -9.325  1.00 13.59 ? 138 ILE A N     1 
ATOM   1086 C CA    . ILE A 1 138 ? -9.053  7.165   -10.742 1.00 15.04 ? 138 ILE A CA    1 
ATOM   1087 C C     . ILE A 1 138 ? -10.432 7.767   -11.013 1.00 14.20 ? 138 ILE A C     1 
ATOM   1088 O O     . ILE A 1 138 ? -11.328 7.322   -10.293 1.00 14.80 ? 138 ILE A O     1 
ATOM   1089 C CB    . ILE A 1 138 ? -8.966  5.626   -10.920 1.00 17.15 ? 138 ILE A CB    1 
ATOM   1090 C CG1   . ILE A 1 138 ? -7.462  5.312   -10.645 1.00 18.02 ? 138 ILE A CG1   1 
ATOM   1091 C CG2   . ILE A 1 138 ? -9.536  5.203   -12.300 1.00 18.41 ? 138 ILE A CG2   1 
ATOM   1092 C CD1   . ILE A 1 138 ? -7.042  3.855   -10.601 1.00 22.15 ? 138 ILE A CD1   1 
ATOM   1093 N N     . MET A 1 139 ? -10.464 8.798   -11.844 1.00 14.77 ? 139 MET A N     1 
ATOM   1094 C CA    . MET A 1 139 ? -11.775 9.524   -12.037 1.00 16.47 ? 139 MET A CA    1 
ATOM   1095 C C     . MET A 1 139 ? -12.763 8.888   -12.978 1.00 16.61 ? 139 MET A C     1 
ATOM   1096 O O     . MET A 1 139 ? -13.181 9.392   -14.028 1.00 18.37 ? 139 MET A O     1 
ATOM   1097 C CB    . MET A 1 139 ? -11.299 10.946  -12.450 1.00 19.74 ? 139 MET A CB    1 
ATOM   1098 C CG    . MET A 1 139 ? -10.559 11.589  -11.271 1.00 23.12 ? 139 MET A CG    1 
ATOM   1099 S SD    . MET A 1 139 ? -9.745  13.156  -11.873 1.00 30.34 ? 139 MET A SD    1 
ATOM   1100 C CE    . MET A 1 139 ? -11.110 13.905  -12.739 1.00 26.80 ? 139 MET A CE    1 
ATOM   1101 N N     . GLN A 1 140 ? -13.256 7.719   -12.624 1.00 15.86 ? 140 GLN A N     1 
ATOM   1102 C CA    . GLN A 1 140 ? -14.224 6.915   -13.353 1.00 16.75 ? 140 GLN A CA    1 
ATOM   1103 C C     . GLN A 1 140 ? -14.675 5.812   -12.349 1.00 16.42 ? 140 GLN A C     1 
ATOM   1104 O O     . GLN A 1 140 ? -13.946 5.404   -11.465 1.00 12.98 ? 140 GLN A O     1 
ATOM   1105 C CB    . GLN A 1 140 ? -13.698 6.204   -14.572 1.00 18.50 ? 140 GLN A CB    1 
ATOM   1106 C CG    . GLN A 1 140 ? -13.514 6.959   -15.855 1.00 23.29 ? 140 GLN A CG    1 
ATOM   1107 C CD    . GLN A 1 140 ? -13.195 6.058   -17.045 1.00 22.23 ? 140 GLN A CD    1 
ATOM   1108 O OE1   . GLN A 1 140 ? -13.533 4.902   -17.161 1.00 24.87 ? 140 GLN A OE1   1 
ATOM   1109 N NE2   . GLN A 1 140 ? -12.458 6.702   -17.943 1.00 25.30 ? 140 GLN A NE2   1 
ATOM   1110 N N     . ASP A 1 141 ? -15.887 5.386   -12.644 1.00 14.47 ? 141 ASP A N     1 
ATOM   1111 C CA    . ASP A 1 141 ? -16.518 4.327   -11.891 1.00 14.59 ? 141 ASP A CA    1 
ATOM   1112 C C     . ASP A 1 141 ? -16.113 2.991   -12.544 1.00 13.11 ? 141 ASP A C     1 
ATOM   1113 O O     . ASP A 1 141 ? -16.122 2.861   -13.793 1.00 12.49 ? 141 ASP A O     1 
ATOM   1114 C CB    . ASP A 1 141 ? -18.057 4.354   -11.898 1.00 15.58 ? 141 ASP A CB    1 
ATOM   1115 C CG    . ASP A 1 141 ? -18.608 5.454   -11.049 1.00 20.54 ? 141 ASP A CG    1 
ATOM   1116 O OD1   . ASP A 1 141 ? -19.743 5.863   -11.372 1.00 21.48 ? 141 ASP A OD1   1 
ATOM   1117 O OD2   . ASP A 1 141 ? -17.942 5.993   -10.165 1.00 20.71 ? 141 ASP A OD2   1 
ATOM   1118 N N     . PHE A 1 142 ? -15.915 1.988   -11.658 1.00 12.21 ? 142 PHE A N     1 
ATOM   1119 C CA    . PHE A 1 142 ? -15.604 0.668   -12.219 1.00 12.80 ? 142 PHE A CA    1 
ATOM   1120 C C     . PHE A 1 142 ? -16.245 -0.421  -11.325 1.00 11.68 ? 142 PHE A C     1 
ATOM   1121 O O     . PHE A 1 142 ? -16.176 -0.259  -10.097 1.00 13.57 ? 142 PHE A O     1 
ATOM   1122 C CB    . PHE A 1 142 ? -14.109 0.302   -12.437 1.00 14.46 ? 142 PHE A CB    1 
ATOM   1123 C CG    . PHE A 1 142 ? -13.304 1.104   -13.395 1.00 14.78 ? 142 PHE A CG    1 
ATOM   1124 C CD1   . PHE A 1 142 ? -13.177 0.640   -14.722 1.00 15.09 ? 142 PHE A CD1   1 
ATOM   1125 C CD2   . PHE A 1 142 ? -12.721 2.319   -13.018 1.00 15.58 ? 142 PHE A CD2   1 
ATOM   1126 C CE1   . PHE A 1 142 ? -12.512 1.333   -15.708 1.00 14.83 ? 142 PHE A CE1   1 
ATOM   1127 C CE2   . PHE A 1 142 ? -12.006 3.009   -14.021 1.00 12.93 ? 142 PHE A CE2   1 
ATOM   1128 C CZ    . PHE A 1 142 ? -11.890 2.531   -15.320 1.00 14.43 ? 142 PHE A CZ    1 
ATOM   1129 N N     . GLU A 1 143 ? -16.795 -1.413  -11.957 1.00 11.69 ? 143 GLU A N     1 
ATOM   1130 C CA    . GLU A 1 143 ? -17.384 -2.543  -11.173 1.00 13.62 ? 143 GLU A CA    1 
ATOM   1131 C C     . GLU A 1 143 ? -16.285 -3.163  -10.333 1.00 11.62 ? 143 GLU A C     1 
ATOM   1132 O O     . GLU A 1 143 ? -15.219 -3.494  -10.913 1.00 13.79 ? 143 GLU A O     1 
ATOM   1133 C CB    . GLU A 1 143 ? -17.934 -3.584  -12.158 1.00 18.00 ? 143 GLU A CB    1 
ATOM   1134 C CG    . GLU A 1 143 ? -19.286 -4.202  -11.859 1.00 25.14 ? 143 GLU A CG    1 
ATOM   1135 C CD    . GLU A 1 143 ? -19.973 -4.791  -13.073 1.00 26.94 ? 143 GLU A CD    1 
ATOM   1136 O OE1   . GLU A 1 143 ? -20.996 -4.446  -13.606 1.00 30.79 ? 143 GLU A OE1   1 
ATOM   1137 O OE2   . GLU A 1 143 ? -19.283 -5.715  -13.513 1.00 29.29 ? 143 GLU A OE2   1 
ATOM   1138 N N     . SER A 1 144 ? -16.522 -3.282  -9.026  1.00 12.16 ? 144 SER A N     1 
ATOM   1139 C CA    . SER A 1 144 ? -15.493 -3.823  -8.114  1.00 12.12 ? 144 SER A CA    1 
ATOM   1140 C C     . SER A 1 144 ? -16.066 -4.821  -7.103  1.00 13.83 ? 144 SER A C     1 
ATOM   1141 O O     . SER A 1 144 ? -17.295 -4.892  -6.974  1.00 13.21 ? 144 SER A O     1 
ATOM   1142 C CB    . SER A 1 144 ? -14.960 -2.578  -7.309  1.00 11.74 ? 144 SER A CB    1 
ATOM   1143 O OG    . SER A 1 144 ? -14.260 -1.776  -8.233  1.00 11.84 ? 144 SER A OG    1 
ATOM   1144 N N     . ASP A 1 145 ? -15.186 -5.601  -6.474  1.00 11.69 ? 145 ASP A N     1 
ATOM   1145 C CA    . ASP A 1 145 ? -15.722 -6.543  -5.459  1.00 12.28 ? 145 ASP A CA    1 
ATOM   1146 C C     . ASP A 1 145 ? -14.902 -6.368  -4.168  1.00 12.54 ? 145 ASP A C     1 
ATOM   1147 O O     . ASP A 1 145 ? -15.195 -7.055  -3.199  1.00 13.23 ? 145 ASP A O     1 
ATOM   1148 C CB    . ASP A 1 145 ? -15.863 -7.974  -5.930  1.00 12.34 ? 145 ASP A CB    1 
ATOM   1149 C CG    . ASP A 1 145 ? -14.526 -8.520  -6.378  1.00 13.41 ? 145 ASP A CG    1 
ATOM   1150 O OD1   . ASP A 1 145 ? -13.478 -8.133  -5.906  1.00 14.27 ? 145 ASP A OD1   1 
ATOM   1151 O OD2   . ASP A 1 145 ? -14.532 -9.384  -7.223  1.00 15.14 ? 145 ASP A OD2   1 
ATOM   1152 N N     . THR A 1 146 ? -13.985 -5.443  -4.149  1.00 12.26 ? 146 THR A N     1 
ATOM   1153 C CA    . THR A 1 146 ? -13.142 -5.073  -3.052  1.00 15.05 ? 146 THR A CA    1 
ATOM   1154 C C     . THR A 1 146 ? -13.061 -3.534  -2.936  1.00 12.18 ? 146 THR A C     1 
ATOM   1155 O O     . THR A 1 146 ? -12.796 -3.082  -4.036  1.00 13.74 ? 146 THR A O     1 
ATOM   1156 C CB    . THR A 1 146 ? -11.646 -5.585  -3.036  1.00 18.94 ? 146 THR A CB    1 
ATOM   1157 O OG1   . THR A 1 146 ? -11.619 -6.881  -3.611  1.00 26.39 ? 146 THR A OG1   1 
ATOM   1158 C CG2   . THR A 1 146 ? -11.375 -5.574  -1.504  1.00 20.20 ? 146 THR A CG2   1 
ATOM   1159 N N     . PHE A 1 147 ? -13.192 -3.020  -1.717  1.00 11.78 ? 147 PHE A N     1 
ATOM   1160 C CA    . PHE A 1 147 ? -13.214 -1.532  -1.680  1.00 12.81 ? 147 PHE A CA    1 
ATOM   1161 C C     . PHE A 1 147 ? -12.307 -0.956  -0.606  1.00 15.24 ? 147 PHE A C     1 
ATOM   1162 O O     . PHE A 1 147 ? -11.925 -1.646  0.326   1.00 16.31 ? 147 PHE A O     1 
ATOM   1163 C CB    . PHE A 1 147 ? -14.683 -1.129  -1.365  1.00 12.45 ? 147 PHE A CB    1 
ATOM   1164 C CG    . PHE A 1 147 ? -15.623 -1.507  -2.447  1.00 13.17 ? 147 PHE A CG    1 
ATOM   1165 C CD1   . PHE A 1 147 ? -16.148 -2.815  -2.536  1.00 15.27 ? 147 PHE A CD1   1 
ATOM   1166 C CD2   . PHE A 1 147 ? -15.995 -0.577  -3.415  1.00 10.70 ? 147 PHE A CD2   1 
ATOM   1167 C CE1   . PHE A 1 147 ? -16.941 -3.172  -3.619  1.00 13.75 ? 147 PHE A CE1   1 
ATOM   1168 C CE2   . PHE A 1 147 ? -16.852 -0.896  -4.483  1.00 11.98 ? 147 PHE A CE2   1 
ATOM   1169 C CZ    . PHE A 1 147 ? -17.289 -2.246  -4.585  1.00 12.14 ? 147 PHE A CZ    1 
ATOM   1170 N N     . PHE A 1 148 ? -12.000 0.304   -0.737  1.00 14.18 ? 148 PHE A N     1 
ATOM   1171 C CA    . PHE A 1 148 ? -11.239 1.095   0.228   1.00 17.11 ? 148 PHE A CA    1 
ATOM   1172 C C     . PHE A 1 148 ? -12.279 1.787   1.120   1.00 20.03 ? 148 PHE A C     1 
ATOM   1173 O O     . PHE A 1 148 ? -13.251 2.325   0.588   1.00 19.23 ? 148 PHE A O     1 
ATOM   1174 C CB    . PHE A 1 148 ? -10.381 2.135   -0.465  1.00 17.80 ? 148 PHE A CB    1 
ATOM   1175 C CG    . PHE A 1 148 ? -9.394  2.872   0.397   1.00 17.46 ? 148 PHE A CG    1 
ATOM   1176 C CD1   . PHE A 1 148 ? -8.278  2.218   0.913   1.00 16.90 ? 148 PHE A CD1   1 
ATOM   1177 C CD2   . PHE A 1 148 ? -9.632  4.220   0.630   1.00 19.01 ? 148 PHE A CD2   1 
ATOM   1178 C CE1   . PHE A 1 148 ? -7.371  2.921   1.701   1.00 18.75 ? 148 PHE A CE1   1 
ATOM   1179 C CE2   . PHE A 1 148 ? -8.723  4.965   1.400   1.00 19.35 ? 148 PHE A CE2   1 
ATOM   1180 C CZ    . PHE A 1 148 ? -7.610  4.303   1.924   1.00 17.42 ? 148 PHE A CZ    1 
ATOM   1181 N N     . PRO A 1 149 ? -12.021 1.858   2.414   1.00 24.41 ? 149 PRO A N     1 
ATOM   1182 C CA    . PRO A 1 149 ? -12.968 2.555   3.315   1.00 26.71 ? 149 PRO A CA    1 
ATOM   1183 C C     . PRO A 1 149 ? -12.987 4.040   3.053   1.00 30.17 ? 149 PRO A C     1 
ATOM   1184 O O     . PRO A 1 149 ? -12.076 4.696   2.495   1.00 28.17 ? 149 PRO A O     1 
ATOM   1185 C CB    . PRO A 1 149 ? -12.500 2.086   4.688   1.00 28.32 ? 149 PRO A CB    1 
ATOM   1186 C CG    . PRO A 1 149 ? -11.018 1.818   4.535   1.00 28.34 ? 149 PRO A CG    1 
ATOM   1187 C CD    . PRO A 1 149 ? -10.866 1.257   3.107   1.00 26.17 ? 149 PRO A CD    1 
ATOM   1188 N N     . GLU A 1 150 ? -14.082 4.692   3.431   1.00 32.84 ? 150 GLU A N     1 
ATOM   1189 C CA    . GLU A 1 150 ? -14.178 6.162   3.265   1.00 35.95 ? 150 GLU A CA    1 
ATOM   1190 C C     . GLU A 1 150 ? -13.109 6.789   4.175   1.00 34.56 ? 150 GLU A C     1 
ATOM   1191 O O     . GLU A 1 150 ? -12.766 6.164   5.196   1.00 33.40 ? 150 GLU A O     1 
ATOM   1192 C CB    . GLU A 1 150 ? -15.471 6.737   3.813   1.00 40.58 ? 150 GLU A CB    1 
ATOM   1193 C CG    . GLU A 1 150 ? -16.754 6.691   2.996   1.00 46.34 ? 150 GLU A CG    1 
ATOM   1194 C CD    . GLU A 1 150 ? -17.856 7.442   3.743   1.00 49.45 ? 150 GLU A CD    1 
ATOM   1195 O OE1   . GLU A 1 150 ? -17.948 7.337   4.971   1.00 51.25 ? 150 GLU A OE1   1 
ATOM   1196 O OE2   . GLU A 1 150 ? -18.519 8.118   2.917   1.00 50.29 ? 150 GLU A OE2   1 
ATOM   1197 N N     . ILE A 1 151 ? -12.623 7.956   3.781   1.00 34.86 ? 151 ILE A N     1 
ATOM   1198 C CA    . ILE A 1 151 ? -11.598 8.647   4.596   1.00 34.17 ? 151 ILE A CA    1 
ATOM   1199 C C     . ILE A 1 151 ? -12.306 9.761   5.384   1.00 36.60 ? 151 ILE A C     1 
ATOM   1200 O O     . ILE A 1 151 ? -12.821 10.633  4.642   1.00 36.82 ? 151 ILE A O     1 
ATOM   1201 C CB    . ILE A 1 151 ? -10.488 9.325   3.703   1.00 31.38 ? 151 ILE A CB    1 
ATOM   1202 C CG1   . ILE A 1 151 ? -9.619  8.208   3.046   1.00 31.14 ? 151 ILE A CG1   1 
ATOM   1203 C CG2   . ILE A 1 151 ? -9.599  10.355  4.424   1.00 29.80 ? 151 ILE A CG2   1 
ATOM   1204 C CD1   . ILE A 1 151 ? -9.155  8.604   1.639   1.00 29.37 ? 151 ILE A CD1   1 
ATOM   1205 N N     . ASP A 1 152 ? -12.275 9.733   6.683   1.00 40.00 ? 152 ASP A N     1 
ATOM   1206 C CA    . ASP A 1 152 ? -12.904 10.829  7.483   1.00 44.19 ? 152 ASP A CA    1 
ATOM   1207 C C     . ASP A 1 152 ? -12.061 12.061  7.072   1.00 45.81 ? 152 ASP A C     1 
ATOM   1208 O O     . ASP A 1 152 ? -10.884 12.051  7.478   1.00 45.92 ? 152 ASP A O     1 
ATOM   1209 C CB    . ASP A 1 152 ? -12.796 10.564  8.959   1.00 46.91 ? 152 ASP A CB    1 
ATOM   1210 C CG    . ASP A 1 152 ? -13.826 11.285  9.823   1.00 48.60 ? 152 ASP A CG    1 
ATOM   1211 O OD1   . ASP A 1 152 ? -14.815 11.813  9.266   1.00 49.44 ? 152 ASP A OD1   1 
ATOM   1212 O OD2   . ASP A 1 152 ? -13.561 11.234  11.047  1.00 48.69 ? 152 ASP A OD2   1 
ATOM   1213 N N     . LEU A 1 153 ? -12.680 12.929  6.318   1.00 47.46 ? 153 LEU A N     1 
ATOM   1214 C CA    . LEU A 1 153 ? -12.013 14.104  5.768   1.00 50.07 ? 153 LEU A CA    1 
ATOM   1215 C C     . LEU A 1 153 ? -11.815 15.103  6.888   1.00 52.55 ? 153 LEU A C     1 
ATOM   1216 O O     . LEU A 1 153 ? -10.950 16.000  6.861   1.00 54.03 ? 153 LEU A O     1 
ATOM   1217 C CB    . LEU A 1 153 ? -12.827 14.583  4.577   1.00 50.60 ? 153 LEU A CB    1 
ATOM   1218 C CG    . LEU A 1 153 ? -12.233 14.167  3.242   1.00 51.42 ? 153 LEU A CG    1 
ATOM   1219 C CD1   . LEU A 1 153 ? -12.768 15.086  2.148   1.00 51.93 ? 153 LEU A CD1   1 
ATOM   1220 C CD2   . LEU A 1 153 ? -10.707 14.261  3.359   1.00 50.79 ? 153 LEU A CD2   1 
ATOM   1221 N N     . GLU A 1 154 ? -12.677 14.860  7.869   1.00 54.31 ? 154 GLU A N     1 
ATOM   1222 C CA    . GLU A 1 154 ? -12.530 15.769  9.017   1.00 57.01 ? 154 GLU A CA    1 
ATOM   1223 C C     . GLU A 1 154 ? -11.235 15.336  9.708   1.00 55.67 ? 154 GLU A C     1 
ATOM   1224 O O     . GLU A 1 154 ? -10.382 16.189  10.031  1.00 57.06 ? 154 GLU A O     1 
ATOM   1225 C CB    . GLU A 1 154 ? -13.681 15.725  10.011  1.00 59.77 ? 154 GLU A CB    1 
ATOM   1226 C CG    . GLU A 1 154 ? -15.003 16.267  9.433   1.00 62.90 ? 154 GLU A CG    1 
ATOM   1227 C CD    . GLU A 1 154 ? -16.125 16.239  10.440  1.00 64.93 ? 154 GLU A CD    1 
ATOM   1228 O OE1   . GLU A 1 154 ? -16.019 15.691  11.531  1.00 65.52 ? 154 GLU A OE1   1 
ATOM   1229 O OE2   . GLU A 1 154 ? -17.140 16.849  10.017  1.00 66.23 ? 154 GLU A OE2   1 
ATOM   1230 N N     . LYS A 1 155 ? -11.099 14.040  9.932   1.00 52.90 ? 155 LYS A N     1 
ATOM   1231 C CA    . LYS A 1 155 ? -9.909  13.536  10.622  1.00 49.88 ? 155 LYS A CA    1 
ATOM   1232 C C     . LYS A 1 155 ? -8.595  13.639  9.874   1.00 47.49 ? 155 LYS A C     1 
ATOM   1233 O O     . LYS A 1 155 ? -7.658  14.316  10.350  1.00 49.81 ? 155 LYS A O     1 
ATOM   1234 C CB    . LYS A 1 155 ? -10.091 12.103  11.104  1.00 50.50 ? 155 LYS A CB    1 
ATOM   1235 C CG    . LYS A 1 155 ? -8.741  11.646  11.671  1.00 52.29 ? 155 LYS A CG    1 
ATOM   1236 C CD    . LYS A 1 155 ? -8.840  10.281  12.311  1.00 53.81 ? 155 LYS A CD    1 
ATOM   1237 C CE    . LYS A 1 155 ? -9.941  10.080  13.339  1.00 54.35 ? 155 LYS A CE    1 
ATOM   1238 N NZ    . LYS A 1 155 ? -10.221 8.612   13.445  1.00 53.19 ? 155 LYS A NZ    1 
ATOM   1239 N N     . TYR A 1 156 ? -8.420  12.999  8.746   1.00 42.56 ? 156 TYR A N     1 
ATOM   1240 C CA    . TYR A 1 156 ? -7.199  13.089  7.931   1.00 37.99 ? 156 TYR A CA    1 
ATOM   1241 C C     . TYR A 1 156 ? -7.216  14.426  7.195   1.00 35.87 ? 156 TYR A C     1 
ATOM   1242 O O     . TYR A 1 156 ? -8.327  14.865  6.804   1.00 36.84 ? 156 TYR A O     1 
ATOM   1243 C CB    . TYR A 1 156 ? -7.223  12.041  6.780   1.00 36.37 ? 156 TYR A CB    1 
ATOM   1244 C CG    . TYR A 1 156 ? -7.008  10.659  7.336   1.00 35.54 ? 156 TYR A CG    1 
ATOM   1245 C CD1   . TYR A 1 156 ? -8.082  9.965   7.896   1.00 35.92 ? 156 TYR A CD1   1 
ATOM   1246 C CD2   . TYR A 1 156 ? -5.740  10.077  7.319   1.00 35.55 ? 156 TYR A CD2   1 
ATOM   1247 C CE1   . TYR A 1 156 ? -7.889  8.689   8.415   1.00 36.38 ? 156 TYR A CE1   1 
ATOM   1248 C CE2   . TYR A 1 156 ? -5.537  8.801   7.832   1.00 35.12 ? 156 TYR A CE2   1 
ATOM   1249 C CZ    . TYR A 1 156 ? -6.614  8.132   8.390   1.00 36.13 ? 156 TYR A CZ    1 
ATOM   1250 O OH    . TYR A 1 156 ? -6.416  6.867   8.883   1.00 39.66 ? 156 TYR A OH    1 
ATOM   1251 N N     . LYS A 1 157 ? -6.046  14.947  7.007   1.00 33.29 ? 157 LYS A N     1 
ATOM   1252 C CA    . LYS A 1 157 ? -5.888  16.222  6.278   1.00 32.16 ? 157 LYS A CA    1 
ATOM   1253 C C     . LYS A 1 157 ? -5.120  15.974  4.998   1.00 31.02 ? 157 LYS A C     1 
ATOM   1254 O O     . LYS A 1 157 ? -4.160  15.189  4.981   1.00 30.28 ? 157 LYS A O     1 
ATOM   1255 C CB    . LYS A 1 157 ? -5.182  17.259  7.151   1.00 33.61 ? 157 LYS A CB    1 
ATOM   1256 C CG    . LYS A 1 157 ? -4.094  18.026  6.414   1.00 36.36 ? 157 LYS A CG    1 
ATOM   1257 C CD    . LYS A 1 157 ? -3.703  19.340  7.066   1.00 37.72 ? 157 LYS A CD    1 
ATOM   1258 C CE    . LYS A 1 157 ? -2.861  20.178  6.077   1.00 38.73 ? 157 LYS A CE    1 
ATOM   1259 N NZ    . LYS A 1 157 ? -1.415  19.800  6.191   1.00 39.03 ? 157 LYS A NZ    1 
ATOM   1260 N N     . LEU A 1 158 ? -5.545  16.676  3.958   1.00 29.34 ? 158 LEU A N     1 
ATOM   1261 C CA    . LEU A 1 158 ? -4.938  16.628  2.639   1.00 29.02 ? 158 LEU A CA    1 
ATOM   1262 C C     . LEU A 1 158 ? -3.723  17.536  2.527   1.00 30.00 ? 158 LEU A C     1 
ATOM   1263 O O     . LEU A 1 158 ? -3.918  18.763  2.766   1.00 31.70 ? 158 LEU A O     1 
ATOM   1264 C CB    . LEU A 1 158 ? -6.063  16.977  1.672   1.00 28.94 ? 158 LEU A CB    1 
ATOM   1265 C CG    . LEU A 1 158 ? -5.702  16.902  0.195   1.00 29.51 ? 158 LEU A CG    1 
ATOM   1266 C CD1   . LEU A 1 158 ? -5.398  15.481  -0.220  1.00 26.49 ? 158 LEU A CD1   1 
ATOM   1267 C CD2   . LEU A 1 158 ? -6.915  17.471  -0.555  1.00 30.30 ? 158 LEU A CD2   1 
ATOM   1268 N N     . LEU A 1 159 ? -2.586  16.995  2.184   1.00 26.54 ? 159 LEU A N     1 
ATOM   1269 C CA    . LEU A 1 159 ? -1.312  17.709  2.041   1.00 28.63 ? 159 LEU A CA    1 
ATOM   1270 C C     . LEU A 1 159 ? -1.297  18.298  0.634   1.00 28.23 ? 159 LEU A C     1 
ATOM   1271 O O     . LEU A 1 159 ? -1.339  17.602  -0.370  1.00 29.56 ? 159 LEU A O     1 
ATOM   1272 C CB    . LEU A 1 159 ? -0.193  16.763  2.405   1.00 29.75 ? 159 LEU A CB    1 
ATOM   1273 C CG    . LEU A 1 159 ? 0.377   16.557  3.793   1.00 31.62 ? 159 LEU A CG    1 
ATOM   1274 C CD1   . LEU A 1 159 ? -0.668  16.618  4.884   1.00 32.01 ? 159 LEU A CD1   1 
ATOM   1275 C CD2   . LEU A 1 159 ? 1.099   15.210  3.843   1.00 30.03 ? 159 LEU A CD2   1 
ATOM   1276 N N     . PRO A 1 160 ? -1.273  19.623  0.554   1.00 27.70 ? 160 PRO A N     1 
ATOM   1277 C CA    . PRO A 1 160 ? -1.283  20.331  -0.726  1.00 26.48 ? 160 PRO A CA    1 
ATOM   1278 C C     . PRO A 1 160 ? -0.147  19.869  -1.588  1.00 27.08 ? 160 PRO A C     1 
ATOM   1279 O O     . PRO A 1 160 ? -0.334  19.829  -2.796  1.00 29.33 ? 160 PRO A O     1 
ATOM   1280 C CB    . PRO A 1 160 ? -1.220  21.816  -0.351  1.00 25.88 ? 160 PRO A CB    1 
ATOM   1281 C CG    . PRO A 1 160 ? -1.824  21.808  1.016   1.00 27.00 ? 160 PRO A CG    1 
ATOM   1282 C CD    . PRO A 1 160 ? -1.254  20.559  1.701   1.00 26.39 ? 160 PRO A CD    1 
ATOM   1283 N N     . GLU A 1 161 ? 1.000   19.544  -1.008  1.00 28.14 ? 161 GLU A N     1 
ATOM   1284 C CA    . GLU A 1 161 ? 2.130   19.028  -1.822  1.00 26.63 ? 161 GLU A CA    1 
ATOM   1285 C C     . GLU A 1 161 ? 2.973   18.109  -0.932  1.00 24.85 ? 161 GLU A C     1 
ATOM   1286 O O     . GLU A 1 161 ? 2.861   18.154  0.306   1.00 25.84 ? 161 GLU A O     1 
ATOM   1287 C CB    . GLU A 1 161 ? 2.974   20.049  -2.564  1.00 27.74 ? 161 GLU A CB    1 
ATOM   1288 C CG    . GLU A 1 161 ? 3.598   21.235  -1.847  1.00 27.32 ? 161 GLU A CG    1 
ATOM   1289 C CD    . GLU A 1 161 ? 2.566   22.246  -1.381  1.00 29.89 ? 161 GLU A CD    1 
ATOM   1290 O OE1   . GLU A 1 161 ? 2.508   22.607  -0.223  1.00 30.19 ? 161 GLU A OE1   1 
ATOM   1291 O OE2   . GLU A 1 161 ? 1.823   22.593  -2.352  1.00 30.86 ? 161 GLU A OE2   1 
ATOM   1292 N N     . TYR A 1 162 ? 3.716   17.255  -1.574  1.00 21.68 ? 162 TYR A N     1 
ATOM   1293 C CA    . TYR A 1 162 ? 4.569   16.277  -0.856  1.00 19.58 ? 162 TYR A CA    1 
ATOM   1294 C C     . TYR A 1 162 ? 5.651   16.041  -1.871  1.00 17.50 ? 162 TYR A C     1 
ATOM   1295 O O     . TYR A 1 162 ? 5.397   15.920  -3.108  1.00 15.57 ? 162 TYR A O     1 
ATOM   1296 C CB    . TYR A 1 162 ? 3.647   15.067  -0.446  1.00 21.19 ? 162 TYR A CB    1 
ATOM   1297 C CG    . TYR A 1 162 ? 4.501   14.215  0.498   1.00 22.04 ? 162 TYR A CG    1 
ATOM   1298 C CD1   . TYR A 1 162 ? 4.511   14.597  1.844   1.00 23.70 ? 162 TYR A CD1   1 
ATOM   1299 C CD2   . TYR A 1 162 ? 5.336   13.185  0.115   1.00 22.55 ? 162 TYR A CD2   1 
ATOM   1300 C CE1   . TYR A 1 162 ? 5.300   13.966  2.796   1.00 25.09 ? 162 TYR A CE1   1 
ATOM   1301 C CE2   . TYR A 1 162 ? 6.142   12.510  1.051   1.00 24.52 ? 162 TYR A CE2   1 
ATOM   1302 C CZ    . TYR A 1 162 ? 6.080   12.895  2.382   1.00 25.39 ? 162 TYR A CZ    1 
ATOM   1303 O OH    . TYR A 1 162 ? 6.912   12.284  3.298   1.00 29.71 ? 162 TYR A OH    1 
ATOM   1304 N N     . PRO A 1 163 ? 6.913   15.882  -1.439  1.00 17.74 ? 163 PRO A N     1 
ATOM   1305 C CA    . PRO A 1 163 ? 8.041   15.657  -2.331  1.00 17.50 ? 163 PRO A CA    1 
ATOM   1306 C C     . PRO A 1 163 ? 7.845   14.355  -3.097  1.00 19.76 ? 163 PRO A C     1 
ATOM   1307 O O     . PRO A 1 163 ? 7.347   13.409  -2.455  1.00 21.11 ? 163 PRO A O     1 
ATOM   1308 C CB    . PRO A 1 163 ? 9.279   15.592  -1.423  1.00 17.63 ? 163 PRO A CB    1 
ATOM   1309 C CG    . PRO A 1 163 ? 8.724   15.353  -0.068  1.00 15.72 ? 163 PRO A CG    1 
ATOM   1310 C CD    . PRO A 1 163 ? 7.343   15.979  -0.035  1.00 18.34 ? 163 PRO A CD    1 
ATOM   1311 N N     . GLY A 1 164 ? 8.138   14.364  -4.344  1.00 20.73 ? 164 GLY A N     1 
ATOM   1312 C CA    . GLY A 1 164 ? 8.088   13.320  -5.326  1.00 19.96 ? 164 GLY A CA    1 
ATOM   1313 C C     . GLY A 1 164 ? 6.682   12.948  -5.798  1.00 20.58 ? 164 GLY A C     1 
ATOM   1314 O O     . GLY A 1 164 ? 6.520   11.878  -6.429  1.00 24.59 ? 164 GLY A O     1 
ATOM   1315 N N     . VAL A 1 165 ? 5.710   13.762  -5.479  1.00 20.69 ? 165 VAL A N     1 
ATOM   1316 C CA    . VAL A 1 165 ? 4.290   13.538  -5.859  1.00 20.81 ? 165 VAL A CA    1 
ATOM   1317 C C     . VAL A 1 165 ? 3.825   14.655  -6.822  1.00 22.82 ? 165 VAL A C     1 
ATOM   1318 O O     . VAL A 1 165 ? 3.706   15.790  -6.350  1.00 21.13 ? 165 VAL A O     1 
ATOM   1319 C CB    . VAL A 1 165 ? 3.274   13.508  -4.696  1.00 22.20 ? 165 VAL A CB    1 
ATOM   1320 C CG1   . VAL A 1 165 ? 1.843   13.165  -5.164  1.00 20.39 ? 165 VAL A CG1   1 
ATOM   1321 C CG2   . VAL A 1 165 ? 3.568   12.573  -3.535  1.00 21.86 ? 165 VAL A CG2   1 
ATOM   1322 N N     . LEU A 1 166 ? 3.466   14.253  -8.039  1.00 23.85 ? 166 LEU A N     1 
ATOM   1323 C CA    . LEU A 1 166 ? 2.918   15.129  -9.075  1.00 23.69 ? 166 LEU A CA    1 
ATOM   1324 C C     . LEU A 1 166 ? 1.582   15.649  -8.659  1.00 22.41 ? 166 LEU A C     1 
ATOM   1325 O O     . LEU A 1 166 ? 0.697   15.020  -8.093  1.00 22.38 ? 166 LEU A O     1 
ATOM   1326 C CB    . LEU A 1 166 ? 2.739   14.326  -10.383 1.00 26.25 ? 166 LEU A CB    1 
ATOM   1327 C CG    . LEU A 1 166 ? 3.919   13.652  -11.008 1.00 28.35 ? 166 LEU A CG    1 
ATOM   1328 C CD1   . LEU A 1 166 ? 3.465   12.525  -11.946 1.00 30.39 ? 166 LEU A CD1   1 
ATOM   1329 C CD2   . LEU A 1 166 ? 4.719   14.652  -11.831 1.00 30.59 ? 166 LEU A CD2   1 
ATOM   1330 N N     . SER A 1 167 ? 1.392   16.925  -8.898  1.00 23.46 ? 167 SER A N     1 
ATOM   1331 C CA    . SER A 1 167 ? 0.267   17.785  -8.607  1.00 27.38 ? 167 SER A CA    1 
ATOM   1332 C C     . SER A 1 167 ? -0.826  17.783  -9.667  1.00 26.34 ? 167 SER A C     1 
ATOM   1333 O O     . SER A 1 167 ? -1.998  18.095  -9.419  1.00 29.62 ? 167 SER A O     1 
ATOM   1334 C CB    . SER A 1 167 ? 0.871   19.244  -8.680  1.00 29.04 ? 167 SER A CB    1 
ATOM   1335 O OG    . SER A 1 167 ? 1.095   19.716  -7.350  1.00 35.18 ? 167 SER A OG    1 
ATOM   1336 N N     . ASP A 1 168 ? -0.408  17.562  -10.874 1.00 26.22 ? 168 ASP A N     1 
ATOM   1337 C CA    . ASP A 1 168 ? -1.309  17.608  -12.032 1.00 29.32 ? 168 ASP A CA    1 
ATOM   1338 C C     . ASP A 1 168 ? -2.087  16.307  -12.273 1.00 27.55 ? 168 ASP A C     1 
ATOM   1339 O O     . ASP A 1 168 ? -1.702  15.199  -11.894 1.00 26.75 ? 168 ASP A O     1 
ATOM   1340 C CB    . ASP A 1 168 ? -0.520  18.041  -13.255 1.00 32.24 ? 168 ASP A CB    1 
ATOM   1341 C CG    . ASP A 1 168 ? 0.789   17.350  -13.496 1.00 35.65 ? 168 ASP A CG    1 
ATOM   1342 O OD1   . ASP A 1 168 ? 1.025   16.708  -14.533 1.00 39.22 ? 168 ASP A OD1   1 
ATOM   1343 O OD2   . ASP A 1 168 ? 1.700   17.411  -12.632 1.00 38.16 ? 168 ASP A OD2   1 
ATOM   1344 N N     . VAL A 1 169 ? -3.181  16.543  -13.028 1.00 27.32 ? 169 VAL A N     1 
ATOM   1345 C CA    . VAL A 1 169 ? -4.053  15.402  -13.426 1.00 24.03 ? 169 VAL A CA    1 
ATOM   1346 C C     . VAL A 1 169 ? -3.335  14.582  -14.444 1.00 22.41 ? 169 VAL A C     1 
ATOM   1347 O O     . VAL A 1 169 ? -2.788  15.157  -15.427 1.00 24.75 ? 169 VAL A O     1 
ATOM   1348 C CB    . VAL A 1 169 ? -5.461  15.885  -13.882 1.00 23.69 ? 169 VAL A CB    1 
ATOM   1349 C CG1   . VAL A 1 169 ? -6.320  14.702  -14.328 1.00 22.69 ? 169 VAL A CG1   1 
ATOM   1350 C CG2   . VAL A 1 169 ? -6.086  16.673  -12.766 1.00 24.41 ? 169 VAL A CG2   1 
ATOM   1351 N N     . GLN A 1 170 ? -3.247  13.285  -14.360 1.00 20.93 ? 170 GLN A N     1 
ATOM   1352 C CA    . GLN A 1 170 ? -2.599  12.403  -15.311 1.00 21.95 ? 170 GLN A CA    1 
ATOM   1353 C C     . GLN A 1 170 ? -3.694  11.788  -16.183 1.00 22.38 ? 170 GLN A C     1 
ATOM   1354 O O     . GLN A 1 170 ? -4.854  11.763  -15.774 1.00 21.44 ? 170 GLN A O     1 
ATOM   1355 C CB    . GLN A 1 170 ? -1.822  11.298  -14.542 1.00 24.12 ? 170 GLN A CB    1 
ATOM   1356 C CG    . GLN A 1 170 ? -1.032  11.921  -13.386 1.00 27.37 ? 170 GLN A CG    1 
ATOM   1357 C CD    . GLN A 1 170 ? -0.006  12.933  -13.846 1.00 28.19 ? 170 GLN A CD    1 
ATOM   1358 O OE1   . GLN A 1 170 ? 0.759   12.659  -14.743 1.00 29.03 ? 170 GLN A OE1   1 
ATOM   1359 N NE2   . GLN A 1 170 ? -0.003  14.101  -13.203 1.00 30.76 ? 170 GLN A NE2   1 
ATOM   1360 N N     . GLU A 1 171 ? -3.313  11.224  -17.285 1.00 23.29 ? 171 GLU A N     1 
ATOM   1361 C CA    . GLU A 1 171 ? -4.218  10.547  -18.187 1.00 25.18 ? 171 GLU A CA    1 
ATOM   1362 C C     . GLU A 1 171 ? -3.562  9.397   -18.896 1.00 23.63 ? 171 GLU A C     1 
ATOM   1363 O O     . GLU A 1 171 ? -2.464  9.636   -19.462 1.00 26.44 ? 171 GLU A O     1 
ATOM   1364 C CB    . GLU A 1 171 ? -4.661  11.483  -19.301 1.00 28.20 ? 171 GLU A CB    1 
ATOM   1365 C CG    . GLU A 1 171 ? -6.088  11.936  -19.208 1.00 35.15 ? 171 GLU A CG    1 
ATOM   1366 C CD    . GLU A 1 171 ? -6.859  12.079  -20.500 1.00 36.84 ? 171 GLU A CD    1 
ATOM   1367 O OE1   . GLU A 1 171 ? -7.080  11.184  -21.283 1.00 39.60 ? 171 GLU A OE1   1 
ATOM   1368 O OE2   . GLU A 1 171 ? -7.296  13.237  -20.568 1.00 38.59 ? 171 GLU A OE2   1 
ATOM   1369 N N     . GLU A 1 172 ? -4.193  8.246   -18.929 1.00 22.11 ? 172 GLU A N     1 
ATOM   1370 C CA    . GLU A 1 172 ? -3.633  7.106   -19.663 1.00 24.29 ? 172 GLU A CA    1 
ATOM   1371 C C     . GLU A 1 172 ? -4.824  6.276   -20.108 1.00 24.78 ? 172 GLU A C     1 
ATOM   1372 O O     . GLU A 1 172 ? -5.714  5.964   -19.291 1.00 22.67 ? 172 GLU A O     1 
ATOM   1373 C CB    . GLU A 1 172 ? -2.719  6.132   -18.942 1.00 24.36 ? 172 GLU A CB    1 
ATOM   1374 C CG    . GLU A 1 172 ? -1.473  6.615   -18.254 1.00 24.54 ? 172 GLU A CG    1 
ATOM   1375 C CD    . GLU A 1 172 ? -0.759  5.543   -17.444 1.00 23.38 ? 172 GLU A CD    1 
ATOM   1376 O OE1   . GLU A 1 172 ? -0.802  5.552   -16.240 1.00 23.61 ? 172 GLU A OE1   1 
ATOM   1377 O OE2   . GLU A 1 172 ? -0.174  4.766   -18.209 1.00 26.42 ? 172 GLU A OE2   1 
ATOM   1378 N N     . LYS A 1 173 ? -4.782  5.925   -21.388 1.00 26.93 ? 173 LYS A N     1 
ATOM   1379 C CA    . LYS A 1 173 ? -5.860  5.085   -21.968 1.00 27.77 ? 173 LYS A CA    1 
ATOM   1380 C C     . LYS A 1 173 ? -7.222  5.758   -21.832 1.00 26.19 ? 173 LYS A C     1 
ATOM   1381 O O     . LYS A 1 173 ? -8.254  5.073   -21.707 1.00 27.67 ? 173 LYS A O     1 
ATOM   1382 C CB    . LYS A 1 173 ? -5.869  3.724   -21.335 1.00 31.24 ? 173 LYS A CB    1 
ATOM   1383 C CG    . LYS A 1 173 ? -4.670  2.755   -21.410 1.00 33.15 ? 173 LYS A CG    1 
ATOM   1384 C CD    . LYS A 1 173 ? -5.234  1.340   -21.584 1.00 34.53 ? 173 LYS A CD    1 
ATOM   1385 C CE    . LYS A 1 173 ? -4.459  0.240   -20.913 1.00 34.08 ? 173 LYS A CE    1 
ATOM   1386 N NZ    . LYS A 1 173 ? -2.998  0.406   -21.123 1.00 34.96 ? 173 LYS A NZ    1 
ATOM   1387 N N     . GLY A 1 174 ? -7.229  7.081   -21.804 1.00 23.99 ? 174 GLY A N     1 
ATOM   1388 C CA    . GLY A 1 174 ? -8.393  7.910   -21.649 1.00 23.15 ? 174 GLY A CA    1 
ATOM   1389 C C     . GLY A 1 174 ? -9.010  7.968   -20.287 1.00 21.48 ? 174 GLY A C     1 
ATOM   1390 O O     . GLY A 1 174 ? -10.134 8.440   -20.100 1.00 22.80 ? 174 GLY A O     1 
ATOM   1391 N N     . ILE A 1 175 ? -8.240  7.482   -19.314 1.00 17.25 ? 175 ILE A N     1 
ATOM   1392 C CA    . ILE A 1 175 ? -8.689  7.475   -17.897 1.00 15.50 ? 175 ILE A CA    1 
ATOM   1393 C C     . ILE A 1 175 ? -7.881  8.543   -17.224 1.00 13.25 ? 175 ILE A C     1 
ATOM   1394 O O     . ILE A 1 175 ? -6.633  8.495   -17.331 1.00 15.79 ? 175 ILE A O     1 
ATOM   1395 C CB    . ILE A 1 175 ? -8.470  6.029   -17.302 1.00 15.56 ? 175 ILE A CB    1 
ATOM   1396 C CG1   . ILE A 1 175 ? -9.326  4.956   -18.030 1.00 17.65 ? 175 ILE A CG1   1 
ATOM   1397 C CG2   . ILE A 1 175 ? -8.869  6.070   -15.765 1.00 14.52 ? 175 ILE A CG2   1 
ATOM   1398 C CD1   . ILE A 1 175 ? -8.945  3.484   -17.668 1.00 17.38 ? 175 ILE A CD1   1 
ATOM   1399 N N     . LYS A 1 176 ? -8.514  9.494   -16.557 1.00 14.85 ? 176 LYS A N     1 
ATOM   1400 C CA    . LYS A 1 176 ? -7.779  10.535  -15.832 1.00 16.06 ? 176 LYS A CA    1 
ATOM   1401 C C     . LYS A 1 176 ? -7.634  10.119  -14.368 1.00 16.69 ? 176 LYS A C     1 
ATOM   1402 O O     . LYS A 1 176 ? -8.528  9.486   -13.803 1.00 15.92 ? 176 LYS A O     1 
ATOM   1403 C CB    . LYS A 1 176 ? -8.638  11.808  -15.751 1.00 18.12 ? 176 LYS A CB    1 
ATOM   1404 C CG    . LYS A 1 176 ? -8.622  12.506  -17.160 1.00 22.59 ? 176 LYS A CG    1 
ATOM   1405 C CD    . LYS A 1 176 ? -9.508  13.767  -17.015 1.00 24.93 ? 176 LYS A CD    1 
ATOM   1406 C CE    . LYS A 1 176 ? -9.111  14.831  -18.035 1.00 27.67 ? 176 LYS A CE    1 
ATOM   1407 N NZ    . LYS A 1 176 ? -9.341  14.316  -19.435 1.00 28.60 ? 176 LYS A NZ    1 
ATOM   1408 N N     . TYR A 1 177 ? -6.505  10.507  -13.794 1.00 13.42 ? 177 TYR A N     1 
ATOM   1409 C CA    . TYR A 1 177 ? -6.295  10.201  -12.379 1.00 14.76 ? 177 TYR A CA    1 
ATOM   1410 C C     . TYR A 1 177 ? -5.363  11.242  -11.737 1.00 16.73 ? 177 TYR A C     1 
ATOM   1411 O O     . TYR A 1 177 ? -4.637  11.887  -12.496 1.00 18.31 ? 177 TYR A O     1 
ATOM   1412 C CB    . TYR A 1 177 ? -5.733  8.812   -12.284 1.00 13.59 ? 177 TYR A CB    1 
ATOM   1413 C CG    . TYR A 1 177 ? -4.455  8.393   -12.952 1.00 15.68 ? 177 TYR A CG    1 
ATOM   1414 C CD1   . TYR A 1 177 ? -3.242  8.566   -12.261 1.00 18.91 ? 177 TYR A CD1   1 
ATOM   1415 C CD2   . TYR A 1 177 ? -4.462  7.895   -14.251 1.00 17.57 ? 177 TYR A CD2   1 
ATOM   1416 C CE1   . TYR A 1 177 ? -2.047  8.147   -12.870 1.00 18.52 ? 177 TYR A CE1   1 
ATOM   1417 C CE2   . TYR A 1 177 ? -3.266  7.448   -14.853 1.00 20.46 ? 177 TYR A CE2   1 
ATOM   1418 C CZ    . TYR A 1 177 ? -2.063  7.589   -14.125 1.00 20.31 ? 177 TYR A CZ    1 
ATOM   1419 O OH    . TYR A 1 177 ? -0.895  7.156   -14.730 1.00 22.93 ? 177 TYR A OH    1 
ATOM   1420 N N     . LYS A 1 178 ? -5.397  11.338  -10.453 1.00 14.30 ? 178 LYS A N     1 
ATOM   1421 C CA    . LYS A 1 178 ? -4.493  12.257  -9.738  1.00 18.32 ? 178 LYS A CA    1 
ATOM   1422 C C     . LYS A 1 178 ? -4.051  11.596  -8.438  1.00 17.17 ? 178 LYS A C     1 
ATOM   1423 O O     . LYS A 1 178 ? -4.732  10.751  -7.843  1.00 16.79 ? 178 LYS A O     1 
ATOM   1424 C CB    . LYS A 1 178 ? -5.085  13.615  -9.463  1.00 21.29 ? 178 LYS A CB    1 
ATOM   1425 C CG    . LYS A 1 178 ? -6.363  13.684  -8.632  1.00 26.64 ? 178 LYS A CG    1 
ATOM   1426 C CD    . LYS A 1 178 ? -6.415  15.140  -8.085  1.00 29.95 ? 178 LYS A CD    1 
ATOM   1427 C CE    . LYS A 1 178 ? -7.454  15.440  -7.034  1.00 32.45 ? 178 LYS A CE    1 
ATOM   1428 N NZ    . LYS A 1 178 ? -8.663  14.561  -7.270  1.00 36.33 ? 178 LYS A NZ    1 
ATOM   1429 N N     . PHE A 1 179 ? -2.900  12.062  -8.022  1.00 16.93 ? 179 PHE A N     1 
ATOM   1430 C CA    . PHE A 1 179 ? -2.257  11.561  -6.770  1.00 15.34 ? 179 PHE A CA    1 
ATOM   1431 C C     . PHE A 1 179 ? -2.513  12.496  -5.628  1.00 16.19 ? 179 PHE A C     1 
ATOM   1432 O O     . PHE A 1 179 ? -2.376  13.731  -5.784  1.00 18.14 ? 179 PHE A O     1 
ATOM   1433 C CB    . PHE A 1 179 ? -0.769  11.353  -6.971  1.00 15.96 ? 179 PHE A CB    1 
ATOM   1434 C CG    . PHE A 1 179 ? -0.314  10.545  -8.097  1.00 17.16 ? 179 PHE A CG    1 
ATOM   1435 C CD1   . PHE A 1 179 ? 0.408   11.060  -9.174  1.00 16.57 ? 179 PHE A CD1   1 
ATOM   1436 C CD2   . PHE A 1 179 ? -0.654  9.160   -8.064  1.00 15.52 ? 179 PHE A CD2   1 
ATOM   1437 C CE1   . PHE A 1 179 ? 0.767   10.174  -10.216 1.00 17.45 ? 179 PHE A CE1   1 
ATOM   1438 C CE2   . PHE A 1 179 ? -0.250  8.287   -9.083  1.00 15.26 ? 179 PHE A CE2   1 
ATOM   1439 C CZ    . PHE A 1 179 ? 0.451   8.849   -10.165 1.00 17.64 ? 179 PHE A CZ    1 
ATOM   1440 N N     . GLU A 1 180 ? -2.824  11.983  -4.481  1.00 12.90 ? 180 GLU A N     1 
ATOM   1441 C CA    . GLU A 1 180 ? -3.139  12.758  -3.259  1.00 16.18 ? 180 GLU A CA    1 
ATOM   1442 C C     . GLU A 1 180 ? -2.469  12.178  -2.036  1.00 17.79 ? 180 GLU A C     1 
ATOM   1443 O O     . GLU A 1 180 ? -2.278  10.945  -1.996  1.00 18.55 ? 180 GLU A O     1 
ATOM   1444 C CB    . GLU A 1 180 ? -4.636  12.689  -2.963  1.00 15.57 ? 180 GLU A CB    1 
ATOM   1445 C CG    . GLU A 1 180 ? -5.566  13.285  -4.001  1.00 17.49 ? 180 GLU A CG    1 
ATOM   1446 C CD    . GLU A 1 180 ? -6.985  13.261  -3.518  1.00 18.56 ? 180 GLU A CD    1 
ATOM   1447 O OE1   . GLU A 1 180 ? -7.598  12.551  -2.749  1.00 20.03 ? 180 GLU A OE1   1 
ATOM   1448 O OE2   . GLU A 1 180 ? -7.564  14.248  -4.042  1.00 23.80 ? 180 GLU A OE2   1 
ATOM   1449 N N     . VAL A 1 181 ? -2.122  13.023  -1.085  1.00 16.64 ? 181 VAL A N     1 
ATOM   1450 C CA    . VAL A 1 181 ? -1.451  12.576  0.134   1.00 18.26 ? 181 VAL A CA    1 
ATOM   1451 C C     . VAL A 1 181 ? -2.261  13.069  1.341   1.00 18.71 ? 181 VAL A C     1 
ATOM   1452 O O     . VAL A 1 181 ? -2.543  14.294  1.380   1.00 20.49 ? 181 VAL A O     1 
ATOM   1453 C CB    . VAL A 1 181 ? 0.022   13.015  0.176   1.00 15.22 ? 181 VAL A CB    1 
ATOM   1454 C CG1   . VAL A 1 181 ? 0.676   12.328  1.390   1.00 15.91 ? 181 VAL A CG1   1 
ATOM   1455 C CG2   . VAL A 1 181 ? 0.786   12.653  -1.074  1.00 18.65 ? 181 VAL A CG2   1 
ATOM   1456 N N     . TYR A 1 182 ? -2.587  12.174  2.243   1.00 18.13 ? 182 TYR A N     1 
ATOM   1457 C CA    . TYR A 1 182 ? -3.363  12.563  3.414   1.00 20.92 ? 182 TYR A CA    1 
ATOM   1458 C C     . TYR A 1 182 ? -2.487  12.210  4.614   1.00 24.06 ? 182 TYR A C     1 
ATOM   1459 O O     . TYR A 1 182 ? -1.657  11.313  4.470   1.00 22.56 ? 182 TYR A O     1 
ATOM   1460 C CB    . TYR A 1 182 ? -4.743  11.932  3.583   1.00 17.85 ? 182 TYR A CB    1 
ATOM   1461 C CG    . TYR A 1 182 ? -5.743  12.271  2.507   1.00 19.15 ? 182 TYR A CG    1 
ATOM   1462 C CD1   . TYR A 1 182 ? -5.605  11.659  1.263   1.00 20.27 ? 182 TYR A CD1   1 
ATOM   1463 C CD2   . TYR A 1 182 ? -6.801  13.164  2.666   1.00 21.87 ? 182 TYR A CD2   1 
ATOM   1464 C CE1   . TYR A 1 182 ? -6.453  11.850  0.178   1.00 20.97 ? 182 TYR A CE1   1 
ATOM   1465 C CE2   . TYR A 1 182 ? -7.657  13.419  1.597   1.00 24.31 ? 182 TYR A CE2   1 
ATOM   1466 C CZ    . TYR A 1 182 ? -7.513  12.742  0.387   1.00 24.03 ? 182 TYR A CZ    1 
ATOM   1467 O OH    . TYR A 1 182 ? -8.415  13.017  -0.629  1.00 24.61 ? 182 TYR A OH    1 
ATOM   1468 N N     . GLU A 1 183 ? -2.760  12.898  5.720   1.00 28.04 ? 183 GLU A N     1 
ATOM   1469 C CA    . GLU A 1 183 ? -2.004  12.522  6.907   1.00 32.05 ? 183 GLU A CA    1 
ATOM   1470 C C     . GLU A 1 183 ? -2.845  12.635  8.167   1.00 33.77 ? 183 GLU A C     1 
ATOM   1471 O O     . GLU A 1 183 ? -3.835  13.374  8.189   1.00 32.66 ? 183 GLU A O     1 
ATOM   1472 C CB    . GLU A 1 183 ? -0.756  13.348  7.048   1.00 35.21 ? 183 GLU A CB    1 
ATOM   1473 C CG    . GLU A 1 183 ? -0.294  13.550  8.485   1.00 40.04 ? 183 GLU A CG    1 
ATOM   1474 C CD    . GLU A 1 183 ? 0.856   14.525  8.522   1.00 42.98 ? 183 GLU A CD    1 
ATOM   1475 O OE1   . GLU A 1 183 ? 1.756   14.500  7.706   1.00 44.54 ? 183 GLU A OE1   1 
ATOM   1476 O OE2   . GLU A 1 183 ? 0.725   15.326  9.464   1.00 46.14 ? 183 GLU A OE2   1 
ATOM   1477 N N     . LYS A 1 184 ? -2.424  11.871  9.141   1.00 37.39 ? 184 LYS A N     1 
ATOM   1478 C CA    . LYS A 1 184 ? -3.034  11.906  10.497  1.00 41.97 ? 184 LYS A CA    1 
ATOM   1479 C C     . LYS A 1 184 ? -1.904  11.645  11.492  1.00 45.97 ? 184 LYS A C     1 
ATOM   1480 O O     . LYS A 1 184 ? -0.738  11.304  11.194  1.00 45.64 ? 184 LYS A O     1 
ATOM   1481 C CB    . LYS A 1 184 ? -4.211  10.969  10.632  1.00 41.12 ? 184 LYS A CB    1 
ATOM   1482 C CG    . LYS A 1 184 ? -3.828  9.539   10.918  1.00 40.88 ? 184 LYS A CG    1 
ATOM   1483 C CD    . LYS A 1 184 ? -4.734  8.829   11.915  1.00 40.66 ? 184 LYS A CD    1 
ATOM   1484 C CE    . LYS A 1 184 ? -4.079  7.501   12.248  1.00 41.73 ? 184 LYS A CE    1 
ATOM   1485 N NZ    . LYS A 1 184 ? -4.696  6.805   13.400  1.00 43.31 ? 184 LYS A NZ    1 
ATOM   1486 N N     . ASN A 1 185 ? -2.206  11.816  12.763  1.00 51.34 ? 185 ASN A N     1 
ATOM   1487 C CA    . ASN A 1 185 ? -1.261  11.610  13.886  1.00 55.22 ? 185 ASN A CA    1 
ATOM   1488 C C     . ASN A 1 185 ? -2.109  11.772  15.158  1.00 57.44 ? 185 ASN A C     1 
ATOM   1489 O O     . ASN A 1 185 ? -2.507  12.868  15.569  1.00 58.50 ? 185 ASN A O     1 
ATOM   1490 C CB    . ASN A 1 185 ? 0.016   12.439  13.815  1.00 55.59 ? 185 ASN A CB    1 
ATOM   1491 C CG    . ASN A 1 185 ? 1.071   11.995  14.814  1.00 56.31 ? 185 ASN A CG    1 
ATOM   1492 O OD1   . ASN A 1 185 ? 0.770   11.173  15.703  1.00 57.29 ? 185 ASN A OD1   1 
ATOM   1493 N ND2   . ASN A 1 185 ? 2.320   12.456  14.757  1.00 56.35 ? 185 ASN A ND2   1 
ATOM   1494 N N     . ASP A 1 186 ? -2.360  10.603  15.710  1.00 60.30 ? 186 ASP A N     1 
ATOM   1495 C CA    . ASP A 1 186 ? -3.169  10.369  16.918  1.00 62.29 ? 186 ASP A CA    1 
ATOM   1496 C C     . ASP A 1 186 ? -2.439  9.426   17.889  1.00 62.03 ? 186 ASP A C     1 
ATOM   1497 O O     . ASP A 1 186 ? -1.183  9.461   17.737  1.00 61.69 ? 186 ASP A O     1 
ATOM   1498 C CB    . ASP A 1 186 ? -4.519  9.833   16.420  1.00 64.39 ? 186 ASP A CB    1 
ATOM   1499 C CG    . ASP A 1 186 ? -4.410  8.503   15.684  1.00 66.07 ? 186 ASP A CG    1 
ATOM   1500 O OD1   . ASP A 1 186 ? -3.314  7.936   15.514  1.00 66.23 ? 186 ASP A OD1   1 
ATOM   1501 O OD2   . ASP A 1 186 ? -5.499  8.015   15.263  1.00 67.43 ? 186 ASP A OD2   1 
ATOM   1502 O OXT   . ASP A 1 186 ? -3.081  8.729   18.704  1.00 61.52 ? 186 ASP A OXT   1 
HETATM 1503 S S     . SO4 B 2 .   ? -6.529  -8.659  1.714   1.00 21.97 ? 188 SO4 A S     1 
HETATM 1504 O O1    . SO4 B 2 .   ? -7.798  -8.199  1.034   1.00 26.38 ? 188 SO4 A O1    1 
HETATM 1505 O O2    . SO4 B 2 .   ? -6.414  -7.803  2.982   1.00 23.50 ? 188 SO4 A O2    1 
HETATM 1506 O O3    . SO4 B 2 .   ? -6.636  -10.123 2.083   1.00 23.07 ? 188 SO4 A O3    1 
HETATM 1507 O O4    . SO4 B 2 .   ? -5.437  -8.424  0.760   1.00 19.95 ? 188 SO4 A O4    1 
HETATM 1508 S S     . SO4 C 2 .   ? -7.118  -14.034 5.977   1.00 52.99 ? 189 SO4 A S     1 
HETATM 1509 O O1    . SO4 C 2 .   ? -5.957  -14.915 5.651   1.00 53.53 ? 189 SO4 A O1    1 
HETATM 1510 O O2    . SO4 C 2 .   ? -6.969  -13.444 7.349   1.00 54.46 ? 189 SO4 A O2    1 
HETATM 1511 O O3    . SO4 C 2 .   ? -7.222  -12.932 4.965   1.00 55.11 ? 189 SO4 A O3    1 
HETATM 1512 O O4    . SO4 C 2 .   ? -8.395  -14.832 5.905   1.00 55.13 ? 189 SO4 A O4    1 
HETATM 1513 C C2D   . TQD D 3 .   ? -1.359  1.975   -5.880  1.00 8.92  ? 187 TQD A C2D   1 
HETATM 1514 C C4D   . TQD D 3 .   ? -1.425  0.049   -4.571  1.00 10.95 ? 187 TQD A C4D   1 
HETATM 1515 C C4A   . TQD D 3 .   ? -1.323  -0.732  -5.737  1.00 11.72 ? 187 TQD A C4A   1 
HETATM 1516 C C5D   . TQD D 3 .   ? -1.062  -2.263  -5.597  1.00 11.48 ? 187 TQD A C5D   1 
HETATM 1517 C C6D   . TQD D 3 .   ? -1.372  -3.013  -6.918  1.00 15.94 ? 187 TQD A C6D   1 
HETATM 1518 C "C7'" . TQD D 3 .   ? -0.728  -2.275  -8.117  1.00 15.27 ? 187 TQD A "C7'" 1 
HETATM 1519 C C8    . TQD D 3 .   ? -1.086  -0.753  -8.275  1.00 11.97 ? 187 TQD A C8    1 
HETATM 1520 C C8A   . TQD D 3 .   ? -1.247  -0.070  -6.973  1.00 12.44 ? 187 TQD A C8A   1 
HETATM 1521 C "C8'" . TQD D 3 .   ? -0.891  -4.495  -6.737  1.00 17.57 ? 187 TQD A "C8'" 1 
HETATM 1522 C "C1'" . TQD D 3 .   ? -0.463  -5.549  -8.973  1.00 20.11 ? 187 TQD A "C1'" 1 
HETATM 1523 C "C2'" . TQD D 3 .   ? -1.030  -6.007  -10.145 1.00 20.45 ? 187 TQD A "C2'" 1 
HETATM 1524 C "C3'" . TQD D 3 .   ? -0.280  -6.240  -11.297 1.00 21.91 ? 187 TQD A "C3'" 1 
HETATM 1525 C C3B   . TQD D 3 .   ? -2.339  -6.817  -12.545 1.00 23.09 ? 187 TQD A C3B   1 
HETATM 1526 C "C4'" . TQD D 3 .   ? 1.062   -6.027  -11.245 1.00 22.23 ? 187 TQD A "C4'" 1 
HETATM 1527 C C4B   . TQD D 3 .   ? 2.127   -5.107  -13.166 1.00 24.64 ? 187 TQD A C4B   1 
HETATM 1528 C "C5'" . TQD D 3 .   ? 1.682   -5.547  -10.085 1.00 21.78 ? 187 TQD A "C5'" 1 
HETATM 1529 C C5B   . TQD D 3 .   ? 3.674   -4.676  -8.989  1.00 26.22 ? 187 TQD A C5B   1 
HETATM 1530 C "C6'" . TQD D 3 .   ? 0.922   -5.325  -8.943  1.00 18.49 ? 187 TQD A "C6'" 1 
HETATM 1531 N "N1'" . TQD D 3 .   ? -1.210  1.319   -7.036  1.00 8.45  ? 187 TQD A "N1'" 1 
HETATM 1532 N "N2'" . TQD D 3 .   ? -1.249  3.321   -6.020  1.00 9.48  ? 187 TQD A "N2'" 1 
HETATM 1533 N "N3'" . TQD D 3 .   ? -1.427  1.392   -4.633  1.00 10.62 ? 187 TQD A "N3'" 1 
HETATM 1534 N "N4'" . TQD D 3 .   ? -1.552  -0.525  -3.349  1.00 9.97  ? 187 TQD A "N4'" 1 
HETATM 1535 N "N9'" . TQD D 3 .   ? -1.303  -5.355  -7.852  1.00 18.93 ? 187 TQD A "N9'" 1 
HETATM 1536 O "O3'" . TQD D 3 .   ? -0.922  -6.726  -12.443 1.00 24.75 ? 187 TQD A "O3'" 1 
HETATM 1537 O "O4'" . TQD D 3 .   ? 2.011   -6.175  -12.223 1.00 24.08 ? 187 TQD A "O4'" 1 
HETATM 1538 O "O5'" . TQD D 3 .   ? 3.045   -5.344  -10.113 1.00 24.54 ? 187 TQD A "O5'" 1 
HETATM 1539 C "C9'" . TQD D 3 .   ? -2.627  -6.006  -7.801  1.00 21.83 ? 187 TQD A "C9'" 1 
HETATM 1540 O O     . HOH E 4 .   ? -1.299  6.336   -4.512  1.00 13.61 ? 190 HOH A O     1 
HETATM 1541 O O     . HOH E 4 .   ? 3.860   11.546  -8.765  1.00 25.03 ? 191 HOH A O     1 
HETATM 1542 O O     . HOH E 4 .   ? -0.514  9.253   -4.040  1.00 22.33 ? 192 HOH A O     1 
HETATM 1543 O O     . HOH E 4 .   ? -3.361  0.782   -10.741 1.00 20.95 ? 193 HOH A O     1 
HETATM 1544 O O     . HOH E 4 .   ? -4.862  -0.213  -4.909  1.00 16.68 ? 194 HOH A O     1 
HETATM 1545 O O     . HOH E 4 .   ? -4.529  -2.526  -3.203  1.00 24.78 ? 195 HOH A O     1 
HETATM 1546 O O     . HOH E 4 .   ? -5.739  -5.138  -2.792  1.00 41.18 ? 196 HOH A O     1 
HETATM 1547 O O     . HOH E 4 .   ? -8.045  -7.610  -6.535  1.00 34.11 ? 197 HOH A O     1 
HETATM 1548 O O     . HOH E 4 .   ? -12.164 7.725   -5.293  1.00 34.73 ? 198 HOH A O     1 
HETATM 1549 O O     . HOH E 4 .   ? -17.638 7.007   -3.505  1.00 42.83 ? 199 HOH A O     1 
HETATM 1550 O O     . HOH E 4 .   ? -15.142 12.291  -12.572 1.00 40.74 ? 200 HOH A O     1 
HETATM 1551 O O     . HOH E 4 .   ? -19.493 6.974   -7.513  1.00 41.55 ? 201 HOH A O     1 
HETATM 1552 O O     . HOH E 4 .   ? -15.822 1.474   1.077   1.00 27.58 ? 202 HOH A O     1 
HETATM 1553 O O     . HOH E 4 .   ? -11.021 -9.065  -5.917  1.00 23.62 ? 203 HOH A O     1 
HETATM 1554 O O     . HOH E 4 .   ? -4.331  -5.015  -14.518 1.00 32.34 ? 204 HOH A O     1 
HETATM 1555 O O     . HOH E 4 .   ? 10.651  -2.006  -8.239  1.00 50.86 ? 205 HOH A O     1 
HETATM 1556 O O     . HOH E 4 .   ? 13.078  -0.883  -0.452  1.00 17.90 ? 206 HOH A O     1 
HETATM 1557 O O     . HOH E 4 .   ? 9.733   6.215   -0.901  1.00 42.77 ? 207 HOH A O     1 
HETATM 1558 O O     . HOH E 4 .   ? 21.875  2.255   8.342   1.00 55.62 ? 208 HOH A O     1 
HETATM 1559 O O     . HOH E 4 .   ? 14.752  6.878   2.533   1.00 44.60 ? 209 HOH A O     1 
HETATM 1560 O O     . HOH E 4 .   ? -6.623  -12.561 -4.766  1.00 20.31 ? 210 HOH A O     1 
HETATM 1561 O O     . HOH E 4 .   ? -5.019  -12.954 -9.655  1.00 13.73 ? 211 HOH A O     1 
HETATM 1562 O O     . HOH E 4 .   ? 5.992   -16.212 -5.489  1.00 42.04 ? 212 HOH A O     1 
HETATM 1563 O O     . HOH E 4 .   ? 12.361  -9.095  -2.601  1.00 29.34 ? 213 HOH A O     1 
HETATM 1564 O O     . HOH E 4 .   ? 1.113   -20.424 2.604   1.00 29.66 ? 214 HOH A O     1 
HETATM 1565 O O     . HOH E 4 .   ? 2.973   -17.502 -2.903  1.00 22.11 ? 215 HOH A O     1 
HETATM 1566 O O     . HOH E 4 .   ? 7.304   -15.530 9.303   1.00 28.68 ? 216 HOH A O     1 
HETATM 1567 O O     . HOH E 4 .   ? -0.418  -17.264 11.504  1.00 51.71 ? 217 HOH A O     1 
HETATM 1568 O O     . HOH E 4 .   ? 17.943  -4.617  4.796   1.00 50.64 ? 218 HOH A O     1 
HETATM 1569 O O     . HOH E 4 .   ? -8.860  -6.572  -0.491  1.00 30.41 ? 219 HOH A O     1 
HETATM 1570 O O     . HOH E 4 .   ? 3.756   8.522   8.121   1.00 39.39 ? 220 HOH A O     1 
HETATM 1571 O O     . HOH E 4 .   ? -11.569 9.698   -16.553 1.00 21.36 ? 221 HOH A O     1 
HETATM 1572 O O     . HOH E 4 .   ? -11.959 5.788   -20.949 1.00 37.72 ? 222 HOH A O     1 
HETATM 1573 O O     . HOH E 4 .   ? -17.498 6.422   -14.795 1.00 29.72 ? 223 HOH A O     1 
HETATM 1574 O O     . HOH E 4 .   ? -17.126 -1.344  -14.813 1.00 21.96 ? 224 HOH A O     1 
HETATM 1575 O O     . HOH E 4 .   ? -14.361 -3.669  -13.520 1.00 19.82 ? 225 HOH A O     1 
HETATM 1576 O O     . HOH E 4 .   ? -19.194 -2.546  -8.110  1.00 12.55 ? 226 HOH A O     1 
HETATM 1577 O O     . HOH E 4 .   ? -19.055 -6.242  -8.642  1.00 22.72 ? 227 HOH A O     1 
HETATM 1578 O O     . HOH E 4 .   ? -14.138 -4.441  0.480   1.00 21.84 ? 228 HOH A O     1 
HETATM 1579 O O     . HOH E 4 .   ? -15.947 -7.390  -0.805  1.00 37.20 ? 229 HOH A O     1 
HETATM 1580 O O     . HOH E 4 .   ? -15.060 -0.751  2.475   1.00 39.88 ? 230 HOH A O     1 
HETATM 1581 O O     . HOH E 4 .   ? -2.202  15.729  -2.102  1.00 23.30 ? 231 HOH A O     1 
HETATM 1582 O O     . HOH E 4 .   ? 2.507   17.199  -4.495  1.00 29.59 ? 232 HOH A O     1 
HETATM 1583 O O     . HOH E 4 .   ? -5.302  20.660  3.608   1.00 53.93 ? 233 HOH A O     1 
HETATM 1584 O O     . HOH E 4 .   ? -5.288  7.497   -25.343 1.00 65.09 ? 234 HOH A O     1 
HETATM 1585 O O     . HOH E 4 .   ? -4.858  -21.375 10.564  1.00 29.78 ? 235 HOH A O     1 
HETATM 1586 O O     . HOH E 4 .   ? -11.947 -2.210  -16.649 1.00 24.50 ? 236 HOH A O     1 
HETATM 1587 O O     . HOH E 4 .   ? 13.400  8.226   0.793   1.00 61.61 ? 237 HOH A O     1 
HETATM 1588 O O     . HOH E 4 .   ? 16.611  5.125   10.599  1.00 45.06 ? 238 HOH A O     1 
HETATM 1589 O O     . HOH E 4 .   ? 8.011   1.685   12.182  1.00 49.87 ? 239 HOH A O     1 
HETATM 1590 O O     . HOH E 4 .   ? -6.215  -0.797  -6.433  1.00 22.27 ? 240 HOH A O     1 
HETATM 1591 O O     . HOH E 4 .   ? -5.620  -5.438  -5.472  1.00 76.41 ? 241 HOH A O     1 
HETATM 1592 O O     . HOH E 4 .   ? -3.106  -0.130  -13.433 1.00 26.50 ? 242 HOH A O     1 
HETATM 1593 O O     . HOH E 4 .   ? -2.996  -11.155 -13.807 1.00 48.17 ? 243 HOH A O     1 
HETATM 1594 O O     . HOH E 4 .   ? -3.813  -10.582 -11.214 1.00 34.51 ? 244 HOH A O     1 
HETATM 1595 O O     . HOH E 4 .   ? -8.602  -8.176  -15.616 1.00 29.26 ? 245 HOH A O     1 
HETATM 1596 O O     . HOH E 4 .   ? 5.373   -2.759  -12.496 1.00 39.51 ? 246 HOH A O     1 
HETATM 1597 O O     . HOH E 4 .   ? 6.379   3.838   -18.459 1.00 52.41 ? 247 HOH A O     1 
HETATM 1598 O O     . HOH E 4 .   ? 10.293  -10.723 -8.170  1.00 53.31 ? 248 HOH A O     1 
HETATM 1599 O O     . HOH E 4 .   ? 4.314   17.841  2.698   1.00 33.33 ? 249 HOH A O     1 
HETATM 1600 O O     . HOH E 4 .   ? -11.515 -8.850  -13.149 1.00 21.10 ? 250 HOH A O     1 
HETATM 1601 O O     . HOH E 4 .   ? -13.710 -9.875  -13.490 1.00 25.79 ? 251 HOH A O     1 
HETATM 1602 O O     . HOH E 4 .   ? -6.986  -4.939  -15.644 1.00 27.21 ? 252 HOH A O     1 
HETATM 1603 O O     . HOH E 4 .   ? 4.688   7.561   -12.752 1.00 41.94 ? 253 HOH A O     1 
HETATM 1604 O O     . HOH E 4 .   ? 11.998  0.231   11.751  1.00 64.64 ? 254 HOH A O     1 
HETATM 1605 O O     . HOH E 4 .   ? -9.984  -5.330  9.392   1.00 58.06 ? 255 HOH A O     1 
HETATM 1606 O O     . HOH E 4 .   ? -9.075  -1.502  16.574  1.00 73.71 ? 256 HOH A O     1 
HETATM 1607 O O     . HOH E 4 .   ? -1.724  14.463  -9.230  1.00 27.57 ? 257 HOH A O     1 
HETATM 1608 O O     . HOH E 4 .   ? 9.761   -15.870 8.445   1.00 27.27 ? 258 HOH A O     1 
HETATM 1609 O O     . HOH E 4 .   ? -16.365 11.149  7.311   1.00 63.74 ? 259 HOH A O     1 
HETATM 1610 O O     . HOH E 4 .   ? -13.135 8.797   0.780   1.00 54.59 ? 260 HOH A O     1 
HETATM 1611 O O     . HOH E 4 .   ? -3.477  19.195  -3.705  1.00 49.85 ? 261 HOH A O     1 
HETATM 1612 O O     . HOH E 4 .   ? -8.342  18.282  4.324   1.00 41.02 ? 262 HOH A O     1 
HETATM 1613 O O     . HOH E 4 .   ? -11.936 9.889   -22.089 1.00 44.15 ? 263 HOH A O     1 
HETATM 1614 O O     . HOH E 4 .   ? 14.961  4.160   9.132   1.00 32.46 ? 264 HOH A O     1 
HETATM 1615 O O     . HOH E 4 .   ? 15.973  -8.145  -3.920  1.00 35.96 ? 265 HOH A O     1 
HETATM 1616 O O     . HOH E 4 .   ? -11.438 8.617   -7.540  1.00 25.56 ? 266 HOH A O     1 
HETATM 1617 O O     . HOH E 4 .   ? -18.826 1.813   -3.171  1.00 31.59 ? 267 HOH A O     1 
HETATM 1618 O O     . HOH E 4 .   ? -15.624 -4.320  -15.965 1.00 43.84 ? 268 HOH A O     1 
HETATM 1619 O O     . HOH E 4 .   ? -17.296 -13.599 -8.791  1.00 46.23 ? 269 HOH A O     1 
HETATM 1620 O O     . HOH E 4 .   ? -0.803  -14.100 -8.663  1.00 30.56 ? 270 HOH A O     1 
HETATM 1621 O O     . HOH E 4 .   ? 0.878   -6.889  -14.911 1.00 41.76 ? 271 HOH A O     1 
HETATM 1622 O O     . HOH E 4 .   ? -1.574  -12.764 -14.797 1.00 39.58 ? 272 HOH A O     1 
HETATM 1623 O O     . HOH E 4 .   ? 17.876  6.612   -2.761  1.00 43.98 ? 273 HOH A O     1 
HETATM 1624 O O     . HOH E 4 .   ? -5.211  -11.515 4.805   1.00 23.01 ? 274 HOH A O     1 
HETATM 1625 O O     . HOH E 4 .   ? -6.500  -9.160  5.018   1.00 35.76 ? 275 HOH A O     1 
HETATM 1626 O O     . HOH E 4 .   ? -9.525  -7.621  2.787   1.00 37.43 ? 276 HOH A O     1 
HETATM 1627 O O     . HOH E 4 .   ? -10.213 -10.347 6.410   1.00 55.58 ? 277 HOH A O     1 
HETATM 1628 O O     . HOH E 4 .   ? -15.645 3.305   -16.519 1.00 31.27 ? 278 HOH A O     1 
HETATM 1629 O O     . HOH E 4 .   ? -16.308 2.732   4.021   1.00 34.12 ? 279 HOH A O     1 
HETATM 1630 O O     . HOH E 4 .   ? -0.215  16.108  -4.293  1.00 45.39 ? 280 HOH A O     1 
HETATM 1631 O O     . HOH E 4 .   ? 4.435   -0.105  -15.791 1.00 36.97 ? 281 HOH A O     1 
HETATM 1632 O O     . HOH E 4 .   ? -9.859  -9.137  -3.063  1.00 41.88 ? 282 HOH A O     1 
HETATM 1633 O O     . HOH E 4 .   ? -8.491  -11.833 2.689   1.00 45.10 ? 283 HOH A O     1 
HETATM 1634 O O     . HOH E 4 .   ? -5.253  21.148  0.553   1.00 49.01 ? 284 HOH A O     1 
HETATM 1635 O O     . HOH E 4 .   ? 4.139   18.955  -6.223  1.00 51.14 ? 285 HOH A O     1 
HETATM 1636 O O     . HOH E 4 .   ? 6.600   17.562  -4.880  1.00 35.90 ? 286 HOH A O     1 
HETATM 1637 O O     . HOH E 4 .   ? -3.293  16.706  -6.906  1.00 51.85 ? 287 HOH A O     1 
HETATM 1638 O O     . HOH E 4 .   ? -12.074 11.133  -7.568  1.00 38.79 ? 288 HOH A O     1 
HETATM 1639 O O     . HOH E 4 .   ? 14.548  -8.043  -0.114  1.00 41.86 ? 289 HOH A O     1 
HETATM 1640 O O     . HOH E 4 .   ? 8.052   -6.443  -8.689  1.00 53.58 ? 290 HOH A O     1 
HETATM 1641 O O     . HOH E 4 .   ? 12.337  -14.658 5.300   1.00 37.61 ? 291 HOH A O     1 
HETATM 1642 O O     . HOH E 4 .   ? 2.076   -13.074 13.892  1.00 34.55 ? 292 HOH A O     1 
HETATM 1643 O O     . HOH E 4 .   ? 4.517   -11.595 13.519  1.00 35.58 ? 293 HOH A O     1 
HETATM 1644 O O     . HOH E 4 .   ? 6.143   -13.723 11.944  1.00 44.36 ? 294 HOH A O     1 
HETATM 1645 O O     . HOH E 4 .   ? -10.165 -16.007 9.070   1.00 47.51 ? 295 HOH A O     1 
HETATM 1646 O O     . HOH E 4 .   ? -18.438 -10.931 -11.670 1.00 47.34 ? 296 HOH A O     1 
HETATM 1647 O O     . HOH E 4 .   ? -16.773 -10.340 -8.328  1.00 31.86 ? 297 HOH A O     1 
HETATM 1648 O O     . HOH E 4 .   ? -15.325 -11.969 -5.475  1.00 38.68 ? 298 HOH A O     1 
HETATM 1649 O O     . HOH E 4 .   ? -16.528 -10.334 0.048   1.00 54.49 ? 299 HOH A O     1 
HETATM 1650 O O     . HOH E 4 .   ? -15.017 -9.733  -2.793  1.00 37.46 ? 300 HOH A O     1 
HETATM 1651 O O     . HOH E 4 .   ? 2.958   -13.959 -13.999 1.00 41.86 ? 301 HOH A O     1 
# 
